data_5PBF
# 
_entry.id   5PBF 
# 
_audit_conform.dict_name       mmcif_pdbx.dic 
_audit_conform.dict_version    5.387 
_audit_conform.dict_location   http://mmcif.pdb.org/dictionaries/ascii/mmcif_pdbx.dic 
# 
loop_
_database_2.database_id 
_database_2.database_code 
_database_2.pdbx_database_accession 
_database_2.pdbx_DOI 
PDB   5PBF         pdb_00005pbf 10.2210/pdb5pbf/pdb 
WWPDB D_1001400451 ?            ?                   
# 
loop_
_pdbx_audit_revision_history.ordinal 
_pdbx_audit_revision_history.data_content_type 
_pdbx_audit_revision_history.major_revision 
_pdbx_audit_revision_history.minor_revision 
_pdbx_audit_revision_history.revision_date 
1 'Structure model' 1 0 2017-03-15 
2 'Structure model' 1 1 2017-09-27 
3 'Structure model' 1 2 2017-10-04 
4 'Structure model' 1 3 2024-03-06 
# 
_pdbx_audit_revision_details.ordinal             1 
_pdbx_audit_revision_details.revision_ordinal    1 
_pdbx_audit_revision_details.data_content_type   'Structure model' 
_pdbx_audit_revision_details.provider            repository 
_pdbx_audit_revision_details.type                'Initial release' 
_pdbx_audit_revision_details.description         ? 
_pdbx_audit_revision_details.details             ? 
# 
loop_
_pdbx_audit_revision_group.ordinal 
_pdbx_audit_revision_group.revision_ordinal 
_pdbx_audit_revision_group.data_content_type 
_pdbx_audit_revision_group.group 
1 2 'Structure model' 'Data collection'     
2 2 'Structure model' 'Database references' 
3 2 'Structure model' 'Structure summary'   
4 3 'Structure model' 'Structure summary'   
5 4 'Structure model' 'Data collection'     
6 4 'Structure model' 'Database references' 
# 
loop_
_pdbx_audit_revision_category.ordinal 
_pdbx_audit_revision_category.revision_ordinal 
_pdbx_audit_revision_category.data_content_type 
_pdbx_audit_revision_category.category 
1 2 'Structure model' citation           
2 2 'Structure model' citation_author    
3 2 'Structure model' diffrn_source      
4 2 'Structure model' pdbx_deposit_group 
5 3 'Structure model' pdbx_deposit_group 
6 4 'Structure model' chem_comp_atom     
7 4 'Structure model' chem_comp_bond     
8 4 'Structure model' database_2         
# 
loop_
_pdbx_audit_revision_item.ordinal 
_pdbx_audit_revision_item.revision_ordinal 
_pdbx_audit_revision_item.data_content_type 
_pdbx_audit_revision_item.item 
1  2 'Structure model' '_citation.journal_volume'             
2  2 'Structure model' '_citation.page_first'                 
3  2 'Structure model' '_citation.page_last'                  
4  2 'Structure model' '_citation.pdbx_database_id_DOI'       
5  2 'Structure model' '_citation.pdbx_database_id_PubMed'    
6  2 'Structure model' '_citation.title'                      
7  2 'Structure model' '_citation_author.name'                
8  2 'Structure model' '_diffrn_source.pdbx_synchrotron_site' 
9  2 'Structure model' '_pdbx_deposit_group.group_id'         
10 2 'Structure model' '_pdbx_deposit_group.group_title'      
11 2 'Structure model' '_pdbx_deposit_group.group_type'       
12 3 'Structure model' '_pdbx_deposit_group.group_title'      
13 4 'Structure model' '_database_2.pdbx_DOI'                 
14 4 'Structure model' '_database_2.pdbx_database_accession'  
# 
_pdbx_database_status.entry_id                        5PBF 
_pdbx_database_status.status_code                     REL 
_pdbx_database_status.recvd_initial_deposition_date   2017-02-03 
_pdbx_database_status.deposit_site                    RCSB 
_pdbx_database_status.process_site                    RCSB 
_pdbx_database_status.SG_entry                        ? 
_pdbx_database_status.pdb_format_compatible           Y 
_pdbx_database_status.status_code_sf                  REL 
_pdbx_database_status.status_code_mr                  ? 
_pdbx_database_status.status_code_cs                  ? 
_pdbx_database_status.methods_development_category    ? 
_pdbx_database_status.status_code_nmr_data            ? 
# 
loop_
_audit_author.name 
_audit_author.pdbx_ordinal 
'Pearce, N.M.'     1  
'Krojer, T.'       2  
'Talon, R.'        3  
'Bradley, A.R.'    4  
'Fairhead, M.'     5  
'Sethi, R.'        6  
'Wright, N.'       7  
'MacLean, E.'      8  
'Collins, P.'      9  
'Brandao-Neto, J.' 10 
'Douangamath, A.'  11 
'Renjie, Z.'       12 
'Dias, A.'         13 
'Vollmar, M.'      14 
'Ng, J.'           15 
'Brennan, P.E.'    16 
'Cox, O.'          17 
'Bountra, C.'      18 
'Arrowsmith, C.H.' 19 
'Edwards, A.'      20 
'von Delft, F.'    21 
# 
_citation.id                        primary 
_citation.title                     
'A multi-crystal method for extracting obscured crystallographic states from conventionally uninterpretable electron density.' 
_citation.journal_abbrev            'Nat Commun' 
_citation.journal_volume            8 
_citation.page_first                15123 
_citation.page_last                 15123 
_citation.year                      2017 
_citation.journal_id_ASTM           ? 
_citation.country                   UK 
_citation.journal_id_ISSN           2041-1723 
_citation.journal_id_CSD            ? 
_citation.book_publisher            ? 
_citation.pdbx_database_id_PubMed   28436492 
_citation.pdbx_database_id_DOI      10.1038/ncomms15123 
# 
loop_
_citation_author.citation_id 
_citation_author.name 
_citation_author.ordinal 
_citation_author.identifier_ORCID 
primary 'Pearce, N.M.'  1  ? 
primary 'Krojer, T.'    2  ? 
primary 'Bradley, A.R.' 3  ? 
primary 'Collins, P.'   4  ? 
primary 'Nowak, R.P.'   5  ? 
primary 'Talon, R.'     6  ? 
primary 'Marsden, B.D.' 7  ? 
primary 'Kelm, S.'      8  ? 
primary 'Shi, J.'       9  ? 
primary 'Deane, C.M.'   10 ? 
primary 'von Delft, F.' 11 ? 
# 
loop_
_entity.id 
_entity.type 
_entity.src_method 
_entity.pdbx_description 
_entity.formula_weight 
_entity.pdbx_number_of_molecules 
_entity.pdbx_ec 
_entity.pdbx_mutation 
_entity.pdbx_fragment 
_entity.details 
1 polymer     man 'Bromodomain adjacent to zinc finger domain protein 2B' 16090.326 1   ? ? ? ? 
2 non-polymer syn 1,2-ETHANEDIOL                                          62.068    2   ? ? ? ? 
3 non-polymer syn '7-oxidanyl-3,4-dihydro-1~{H}-quinolin-2-one'           163.173   1   ? ? ? ? 
4 water       nat water                                                   18.015    203 ? ? ? ? 
# 
_entity_name_com.entity_id   1 
_entity_name_com.name        hWALp4 
# 
_entity_poly.entity_id                      1 
_entity_poly.type                           'polypeptide(L)' 
_entity_poly.nstd_linkage                   no 
_entity_poly.nstd_monomer                   no 
_entity_poly.pdbx_seq_one_letter_code       
;MHHHHHHSSGVDLGTENLYFQSMSVKKPKRDDSKDLALCSMILTEMETHEDAWPFLLPVNLKLVPGYKKVIKKPMDFSTI
REKLSSGQYPNLETFALDVRLVFDNCETFNEDDSDIGRAGHNMRKYFEKKWTDTFKVS
;
_entity_poly.pdbx_seq_one_letter_code_can   
;MHHHHHHSSGVDLGTENLYFQSMSVKKPKRDDSKDLALCSMILTEMETHEDAWPFLLPVNLKLVPGYKKVIKKPMDFSTI
REKLSSGQYPNLETFALDVRLVFDNCETFNEDDSDIGRAGHNMRKYFEKKWTDTFKVS
;
_entity_poly.pdbx_strand_id                 A 
_entity_poly.pdbx_target_identifier         ? 
# 
loop_
_pdbx_entity_nonpoly.entity_id 
_pdbx_entity_nonpoly.name 
_pdbx_entity_nonpoly.comp_id 
2 1,2-ETHANEDIOL                                EDO 
3 '7-oxidanyl-3,4-dihydro-1~{H}-quinolin-2-one' 8HJ 
4 water                                         HOH 
# 
loop_
_entity_poly_seq.entity_id 
_entity_poly_seq.num 
_entity_poly_seq.mon_id 
_entity_poly_seq.hetero 
1 1   MET n 
1 2   HIS n 
1 3   HIS n 
1 4   HIS n 
1 5   HIS n 
1 6   HIS n 
1 7   HIS n 
1 8   SER n 
1 9   SER n 
1 10  GLY n 
1 11  VAL n 
1 12  ASP n 
1 13  LEU n 
1 14  GLY n 
1 15  THR n 
1 16  GLU n 
1 17  ASN n 
1 18  LEU n 
1 19  TYR n 
1 20  PHE n 
1 21  GLN n 
1 22  SER n 
1 23  MET n 
1 24  SER n 
1 25  VAL n 
1 26  LYS n 
1 27  LYS n 
1 28  PRO n 
1 29  LYS n 
1 30  ARG n 
1 31  ASP n 
1 32  ASP n 
1 33  SER n 
1 34  LYS n 
1 35  ASP n 
1 36  LEU n 
1 37  ALA n 
1 38  LEU n 
1 39  CYS n 
1 40  SER n 
1 41  MET n 
1 42  ILE n 
1 43  LEU n 
1 44  THR n 
1 45  GLU n 
1 46  MET n 
1 47  GLU n 
1 48  THR n 
1 49  HIS n 
1 50  GLU n 
1 51  ASP n 
1 52  ALA n 
1 53  TRP n 
1 54  PRO n 
1 55  PHE n 
1 56  LEU n 
1 57  LEU n 
1 58  PRO n 
1 59  VAL n 
1 60  ASN n 
1 61  LEU n 
1 62  LYS n 
1 63  LEU n 
1 64  VAL n 
1 65  PRO n 
1 66  GLY n 
1 67  TYR n 
1 68  LYS n 
1 69  LYS n 
1 70  VAL n 
1 71  ILE n 
1 72  LYS n 
1 73  LYS n 
1 74  PRO n 
1 75  MET n 
1 76  ASP n 
1 77  PHE n 
1 78  SER n 
1 79  THR n 
1 80  ILE n 
1 81  ARG n 
1 82  GLU n 
1 83  LYS n 
1 84  LEU n 
1 85  SER n 
1 86  SER n 
1 87  GLY n 
1 88  GLN n 
1 89  TYR n 
1 90  PRO n 
1 91  ASN n 
1 92  LEU n 
1 93  GLU n 
1 94  THR n 
1 95  PHE n 
1 96  ALA n 
1 97  LEU n 
1 98  ASP n 
1 99  VAL n 
1 100 ARG n 
1 101 LEU n 
1 102 VAL n 
1 103 PHE n 
1 104 ASP n 
1 105 ASN n 
1 106 CYS n 
1 107 GLU n 
1 108 THR n 
1 109 PHE n 
1 110 ASN n 
1 111 GLU n 
1 112 ASP n 
1 113 ASP n 
1 114 SER n 
1 115 ASP n 
1 116 ILE n 
1 117 GLY n 
1 118 ARG n 
1 119 ALA n 
1 120 GLY n 
1 121 HIS n 
1 122 ASN n 
1 123 MET n 
1 124 ARG n 
1 125 LYS n 
1 126 TYR n 
1 127 PHE n 
1 128 GLU n 
1 129 LYS n 
1 130 LYS n 
1 131 TRP n 
1 132 THR n 
1 133 ASP n 
1 134 THR n 
1 135 PHE n 
1 136 LYS n 
1 137 VAL n 
1 138 SER n 
# 
_entity_src_gen.entity_id                          1 
_entity_src_gen.pdbx_src_id                        1 
_entity_src_gen.pdbx_alt_source_flag               sample 
_entity_src_gen.pdbx_seq_type                      'Biological sequence' 
_entity_src_gen.pdbx_beg_seq_num                   1 
_entity_src_gen.pdbx_end_seq_num                   138 
_entity_src_gen.gene_src_common_name               Human 
_entity_src_gen.gene_src_genus                     ? 
_entity_src_gen.pdbx_gene_src_gene                 'BAZ2B, KIAA1476' 
_entity_src_gen.gene_src_species                   ? 
_entity_src_gen.gene_src_strain                    ? 
_entity_src_gen.gene_src_tissue                    ? 
_entity_src_gen.gene_src_tissue_fraction           ? 
_entity_src_gen.gene_src_details                   ? 
_entity_src_gen.pdbx_gene_src_fragment             ? 
_entity_src_gen.pdbx_gene_src_scientific_name      'Homo sapiens' 
_entity_src_gen.pdbx_gene_src_ncbi_taxonomy_id     9606 
_entity_src_gen.pdbx_gene_src_variant              ? 
_entity_src_gen.pdbx_gene_src_cell_line            ? 
_entity_src_gen.pdbx_gene_src_atcc                 ? 
_entity_src_gen.pdbx_gene_src_organ                ? 
_entity_src_gen.pdbx_gene_src_organelle            ? 
_entity_src_gen.pdbx_gene_src_cell                 ? 
_entity_src_gen.pdbx_gene_src_cellular_location    ? 
_entity_src_gen.host_org_common_name               ? 
_entity_src_gen.pdbx_host_org_scientific_name      'escherichia coli' 
_entity_src_gen.pdbx_host_org_ncbi_taxonomy_id     562 
_entity_src_gen.host_org_genus                     ? 
_entity_src_gen.pdbx_host_org_gene                 ? 
_entity_src_gen.pdbx_host_org_organ                ? 
_entity_src_gen.host_org_species                   ? 
_entity_src_gen.pdbx_host_org_tissue               ? 
_entity_src_gen.pdbx_host_org_tissue_fraction      ? 
_entity_src_gen.pdbx_host_org_strain               ? 
_entity_src_gen.pdbx_host_org_variant              ? 
_entity_src_gen.pdbx_host_org_cell_line            ? 
_entity_src_gen.pdbx_host_org_atcc                 ? 
_entity_src_gen.pdbx_host_org_culture_collection   ? 
_entity_src_gen.pdbx_host_org_cell                 ? 
_entity_src_gen.pdbx_host_org_organelle            ? 
_entity_src_gen.pdbx_host_org_cellular_location    ? 
_entity_src_gen.pdbx_host_org_vector_type          ? 
_entity_src_gen.pdbx_host_org_vector               ? 
_entity_src_gen.host_org_details                   ? 
_entity_src_gen.expression_system_id               ? 
_entity_src_gen.plasmid_name                       ? 
_entity_src_gen.plasmid_details                    ? 
_entity_src_gen.pdbx_description                   ? 
# 
loop_
_chem_comp.id 
_chem_comp.type 
_chem_comp.mon_nstd_flag 
_chem_comp.name 
_chem_comp.pdbx_synonyms 
_chem_comp.formula 
_chem_comp.formula_weight 
8HJ non-polymer         . '7-oxidanyl-3,4-dihydro-1~{H}-quinolin-2-one' ?                 'C9 H9 N O2'     163.173 
ALA 'L-peptide linking' y ALANINE                                       ?                 'C3 H7 N O2'     89.093  
ARG 'L-peptide linking' y ARGININE                                      ?                 'C6 H15 N4 O2 1' 175.209 
ASN 'L-peptide linking' y ASPARAGINE                                    ?                 'C4 H8 N2 O3'    132.118 
ASP 'L-peptide linking' y 'ASPARTIC ACID'                               ?                 'C4 H7 N O4'     133.103 
CYS 'L-peptide linking' y CYSTEINE                                      ?                 'C3 H7 N O2 S'   121.158 
EDO non-polymer         . 1,2-ETHANEDIOL                                'ETHYLENE GLYCOL' 'C2 H6 O2'       62.068  
GLN 'L-peptide linking' y GLUTAMINE                                     ?                 'C5 H10 N2 O3'   146.144 
GLU 'L-peptide linking' y 'GLUTAMIC ACID'                               ?                 'C5 H9 N O4'     147.129 
GLY 'peptide linking'   y GLYCINE                                       ?                 'C2 H5 N O2'     75.067  
HIS 'L-peptide linking' y HISTIDINE                                     ?                 'C6 H10 N3 O2 1' 156.162 
HOH non-polymer         . WATER                                         ?                 'H2 O'           18.015  
ILE 'L-peptide linking' y ISOLEUCINE                                    ?                 'C6 H13 N O2'    131.173 
LEU 'L-peptide linking' y LEUCINE                                       ?                 'C6 H13 N O2'    131.173 
LYS 'L-peptide linking' y LYSINE                                        ?                 'C6 H15 N2 O2 1' 147.195 
MET 'L-peptide linking' y METHIONINE                                    ?                 'C5 H11 N O2 S'  149.211 
PHE 'L-peptide linking' y PHENYLALANINE                                 ?                 'C9 H11 N O2'    165.189 
PRO 'L-peptide linking' y PROLINE                                       ?                 'C5 H9 N O2'     115.130 
SER 'L-peptide linking' y SERINE                                        ?                 'C3 H7 N O3'     105.093 
THR 'L-peptide linking' y THREONINE                                     ?                 'C4 H9 N O3'     119.119 
TRP 'L-peptide linking' y TRYPTOPHAN                                    ?                 'C11 H12 N2 O2'  204.225 
TYR 'L-peptide linking' y TYROSINE                                      ?                 'C9 H11 N O3'    181.189 
VAL 'L-peptide linking' y VALINE                                        ?                 'C5 H11 N O2'    117.146 
# 
loop_
_pdbx_poly_seq_scheme.asym_id 
_pdbx_poly_seq_scheme.entity_id 
_pdbx_poly_seq_scheme.seq_id 
_pdbx_poly_seq_scheme.mon_id 
_pdbx_poly_seq_scheme.ndb_seq_num 
_pdbx_poly_seq_scheme.pdb_seq_num 
_pdbx_poly_seq_scheme.auth_seq_num 
_pdbx_poly_seq_scheme.pdb_mon_id 
_pdbx_poly_seq_scheme.auth_mon_id 
_pdbx_poly_seq_scheme.pdb_strand_id 
_pdbx_poly_seq_scheme.pdb_ins_code 
_pdbx_poly_seq_scheme.hetero 
A 1 1   MET 1   1835 ?    ?   ?   A . n 
A 1 2   HIS 2   1836 ?    ?   ?   A . n 
A 1 3   HIS 3   1837 ?    ?   ?   A . n 
A 1 4   HIS 4   1838 ?    ?   ?   A . n 
A 1 5   HIS 5   1839 ?    ?   ?   A . n 
A 1 6   HIS 6   1840 ?    ?   ?   A . n 
A 1 7   HIS 7   1841 ?    ?   ?   A . n 
A 1 8   SER 8   1842 ?    ?   ?   A . n 
A 1 9   SER 9   1843 ?    ?   ?   A . n 
A 1 10  GLY 10  1844 ?    ?   ?   A . n 
A 1 11  VAL 11  1845 ?    ?   ?   A . n 
A 1 12  ASP 12  1846 ?    ?   ?   A . n 
A 1 13  LEU 13  1847 ?    ?   ?   A . n 
A 1 14  GLY 14  1848 ?    ?   ?   A . n 
A 1 15  THR 15  1849 ?    ?   ?   A . n 
A 1 16  GLU 16  1850 ?    ?   ?   A . n 
A 1 17  ASN 17  1851 ?    ?   ?   A . n 
A 1 18  LEU 18  1852 ?    ?   ?   A . n 
A 1 19  TYR 19  1853 ?    ?   ?   A . n 
A 1 20  PHE 20  1854 ?    ?   ?   A . n 
A 1 21  GLN 21  1855 ?    ?   ?   A . n 
A 1 22  SER 22  1856 1856 SER SER A . n 
A 1 23  MET 23  1857 1857 MET MET A . n 
A 1 24  SER 24  1858 1858 SER SER A . n 
A 1 25  VAL 25  1859 1859 VAL VAL A . n 
A 1 26  LYS 26  1860 1860 LYS LYS A . n 
A 1 27  LYS 27  1861 1861 LYS LYS A . n 
A 1 28  PRO 28  1862 1862 PRO PRO A . n 
A 1 29  LYS 29  1863 1863 LYS LYS A . n 
A 1 30  ARG 30  1864 1864 ARG ARG A . n 
A 1 31  ASP 31  1865 1865 ASP ASP A . n 
A 1 32  ASP 32  1866 1866 ASP ASP A . n 
A 1 33  SER 33  1867 1867 SER SER A . n 
A 1 34  LYS 34  1868 1868 LYS LYS A . n 
A 1 35  ASP 35  1869 1869 ASP ASP A . n 
A 1 36  LEU 36  1870 1870 LEU LEU A . n 
A 1 37  ALA 37  1871 1871 ALA ALA A . n 
A 1 38  LEU 38  1872 1872 LEU LEU A . n 
A 1 39  CYS 39  1873 1873 CYS CYS A . n 
A 1 40  SER 40  1874 1874 SER SER A . n 
A 1 41  MET 41  1875 1875 MET MET A . n 
A 1 42  ILE 42  1876 1876 ILE ILE A . n 
A 1 43  LEU 43  1877 1877 LEU LEU A . n 
A 1 44  THR 44  1878 1878 THR THR A . n 
A 1 45  GLU 45  1879 1879 GLU GLU A . n 
A 1 46  MET 46  1880 1880 MET MET A . n 
A 1 47  GLU 47  1881 1881 GLU GLU A . n 
A 1 48  THR 48  1882 1882 THR THR A . n 
A 1 49  HIS 49  1883 1883 HIS HIS A . n 
A 1 50  GLU 50  1884 1884 GLU GLU A . n 
A 1 51  ASP 51  1885 1885 ASP ASP A . n 
A 1 52  ALA 52  1886 1886 ALA ALA A . n 
A 1 53  TRP 53  1887 1887 TRP TRP A . n 
A 1 54  PRO 54  1888 1888 PRO PRO A . n 
A 1 55  PHE 55  1889 1889 PHE PHE A . n 
A 1 56  LEU 56  1890 1890 LEU LEU A . n 
A 1 57  LEU 57  1891 1891 LEU LEU A . n 
A 1 58  PRO 58  1892 1892 PRO PRO A . n 
A 1 59  VAL 59  1893 1893 VAL VAL A . n 
A 1 60  ASN 60  1894 1894 ASN ASN A . n 
A 1 61  LEU 61  1895 1895 LEU LEU A . n 
A 1 62  LYS 62  1896 1896 LYS LYS A . n 
A 1 63  LEU 63  1897 1897 LEU LEU A . n 
A 1 64  VAL 64  1898 1898 VAL VAL A . n 
A 1 65  PRO 65  1899 1899 PRO PRO A . n 
A 1 66  GLY 66  1900 1900 GLY GLY A . n 
A 1 67  TYR 67  1901 1901 TYR TYR A . n 
A 1 68  LYS 68  1902 1902 LYS LYS A . n 
A 1 69  LYS 69  1903 1903 LYS LYS A . n 
A 1 70  VAL 70  1904 1904 VAL VAL A . n 
A 1 71  ILE 71  1905 1905 ILE ILE A . n 
A 1 72  LYS 72  1906 1906 LYS LYS A . n 
A 1 73  LYS 73  1907 1907 LYS LYS A . n 
A 1 74  PRO 74  1908 1908 PRO PRO A . n 
A 1 75  MET 75  1909 1909 MET MET A . n 
A 1 76  ASP 76  1910 1910 ASP ASP A . n 
A 1 77  PHE 77  1911 1911 PHE PHE A . n 
A 1 78  SER 78  1912 1912 SER SER A . n 
A 1 79  THR 79  1913 1913 THR THR A . n 
A 1 80  ILE 80  1914 1914 ILE ILE A . n 
A 1 81  ARG 81  1915 1915 ARG ARG A . n 
A 1 82  GLU 82  1916 1916 GLU GLU A . n 
A 1 83  LYS 83  1917 1917 LYS LYS A . n 
A 1 84  LEU 84  1918 1918 LEU LEU A . n 
A 1 85  SER 85  1919 1919 SER SER A . n 
A 1 86  SER 86  1920 1920 SER SER A . n 
A 1 87  GLY 87  1921 1921 GLY GLY A . n 
A 1 88  GLN 88  1922 1922 GLN GLN A . n 
A 1 89  TYR 89  1923 1923 TYR TYR A . n 
A 1 90  PRO 90  1924 1924 PRO PRO A . n 
A 1 91  ASN 91  1925 1925 ASN ASN A . n 
A 1 92  LEU 92  1926 1926 LEU LEU A . n 
A 1 93  GLU 93  1927 1927 GLU GLU A . n 
A 1 94  THR 94  1928 1928 THR THR A . n 
A 1 95  PHE 95  1929 1929 PHE PHE A . n 
A 1 96  ALA 96  1930 1930 ALA ALA A . n 
A 1 97  LEU 97  1931 1931 LEU LEU A . n 
A 1 98  ASP 98  1932 1932 ASP ASP A . n 
A 1 99  VAL 99  1933 1933 VAL VAL A . n 
A 1 100 ARG 100 1934 1934 ARG ARG A . n 
A 1 101 LEU 101 1935 1935 LEU LEU A . n 
A 1 102 VAL 102 1936 1936 VAL VAL A . n 
A 1 103 PHE 103 1937 1937 PHE PHE A . n 
A 1 104 ASP 104 1938 1938 ASP ASP A . n 
A 1 105 ASN 105 1939 1939 ASN ASN A . n 
A 1 106 CYS 106 1940 1940 CYS CYS A . n 
A 1 107 GLU 107 1941 1941 GLU GLU A . n 
A 1 108 THR 108 1942 1942 THR THR A . n 
A 1 109 PHE 109 1943 1943 PHE PHE A . n 
A 1 110 ASN 110 1944 1944 ASN ASN A . n 
A 1 111 GLU 111 1945 1945 GLU GLU A . n 
A 1 112 ASP 112 1946 1946 ASP ASP A . n 
A 1 113 ASP 113 1947 1947 ASP ASP A . n 
A 1 114 SER 114 1948 1948 SER SER A . n 
A 1 115 ASP 115 1949 1949 ASP ASP A . n 
A 1 116 ILE 116 1950 1950 ILE ILE A . n 
A 1 117 GLY 117 1951 1951 GLY GLY A . n 
A 1 118 ARG 118 1952 1952 ARG ARG A . n 
A 1 119 ALA 119 1953 1953 ALA ALA A . n 
A 1 120 GLY 120 1954 1954 GLY GLY A . n 
A 1 121 HIS 121 1955 1955 HIS HIS A . n 
A 1 122 ASN 122 1956 1956 ASN ASN A . n 
A 1 123 MET 123 1957 1957 MET MET A . n 
A 1 124 ARG 124 1958 1958 ARG ARG A . n 
A 1 125 LYS 125 1959 1959 LYS LYS A . n 
A 1 126 TYR 126 1960 1960 TYR TYR A . n 
A 1 127 PHE 127 1961 1961 PHE PHE A . n 
A 1 128 GLU 128 1962 1962 GLU GLU A . n 
A 1 129 LYS 129 1963 1963 LYS LYS A . n 
A 1 130 LYS 130 1964 1964 LYS LYS A . n 
A 1 131 TRP 131 1965 1965 TRP TRP A . n 
A 1 132 THR 132 1966 1966 THR THR A . n 
A 1 133 ASP 133 1967 1967 ASP ASP A . n 
A 1 134 THR 134 1968 1968 THR THR A . n 
A 1 135 PHE 135 1969 1969 PHE PHE A . n 
A 1 136 LYS 136 1970 1970 LYS LYS A . n 
A 1 137 VAL 137 1971 ?    ?   ?   A . n 
A 1 138 SER 138 1972 ?    ?   ?   A . n 
# 
loop_
_pdbx_nonpoly_scheme.asym_id 
_pdbx_nonpoly_scheme.entity_id 
_pdbx_nonpoly_scheme.mon_id 
_pdbx_nonpoly_scheme.ndb_seq_num 
_pdbx_nonpoly_scheme.pdb_seq_num 
_pdbx_nonpoly_scheme.auth_seq_num 
_pdbx_nonpoly_scheme.pdb_mon_id 
_pdbx_nonpoly_scheme.auth_mon_id 
_pdbx_nonpoly_scheme.pdb_strand_id 
_pdbx_nonpoly_scheme.pdb_ins_code 
B 2 EDO 1   2001 2   EDO EDO A . 
C 2 EDO 1   2002 3   EDO EDO A . 
D 3 8HJ 1   2003 1   8HJ LIG A . 
E 4 HOH 1   2101 92  HOH HOH A . 
E 4 HOH 2   2102 84  HOH HOH A . 
E 4 HOH 3   2103 36  HOH HOH A . 
E 4 HOH 4   2104 61  HOH HOH A . 
E 4 HOH 5   2105 116 HOH HOH A . 
E 4 HOH 6   2106 37  HOH HOH A . 
E 4 HOH 7   2107 40  HOH HOH A . 
E 4 HOH 8   2108 85  HOH HOH A . 
E 4 HOH 9   2109 44  HOH HOH A . 
E 4 HOH 10  2110 23  HOH HOH A . 
E 4 HOH 11  2111 146 HOH HOH A . 
E 4 HOH 12  2112 113 HOH HOH A . 
E 4 HOH 13  2113 48  HOH HOH A . 
E 4 HOH 14  2114 14  HOH HOH A . 
E 4 HOH 15  2115 38  HOH HOH A . 
E 4 HOH 16  2116 20  HOH HOH A . 
E 4 HOH 17  2117 47  HOH HOH A . 
E 4 HOH 18  2118 154 HOH HOH A . 
E 4 HOH 19  2119 21  HOH HOH A . 
E 4 HOH 20  2120 39  HOH HOH A . 
E 4 HOH 21  2121 163 HOH HOH A . 
E 4 HOH 22  2122 114 HOH HOH A . 
E 4 HOH 23  2123 70  HOH HOH A . 
E 4 HOH 24  2124 76  HOH HOH A . 
E 4 HOH 25  2125 7   HOH HOH A . 
E 4 HOH 26  2126 34  HOH HOH A . 
E 4 HOH 27  2127 2   HOH HOH A . 
E 4 HOH 28  2128 30  HOH HOH A . 
E 4 HOH 29  2129 46  HOH HOH A . 
E 4 HOH 30  2130 16  HOH HOH A . 
E 4 HOH 31  2131 196 HOH HOH A . 
E 4 HOH 32  2132 91  HOH HOH A . 
E 4 HOH 33  2133 26  HOH HOH A . 
E 4 HOH 34  2134 158 HOH HOH A . 
E 4 HOH 35  2135 126 HOH HOH A . 
E 4 HOH 36  2136 25  HOH HOH A . 
E 4 HOH 37  2137 166 HOH HOH A . 
E 4 HOH 38  2138 62  HOH HOH A . 
E 4 HOH 39  2139 100 HOH HOH A . 
E 4 HOH 40  2140 5   HOH HOH A . 
E 4 HOH 41  2141 72  HOH HOH A . 
E 4 HOH 42  2142 74  HOH HOH A . 
E 4 HOH 43  2143 68  HOH HOH A . 
E 4 HOH 44  2144 149 HOH HOH A . 
E 4 HOH 45  2145 6   HOH HOH A . 
E 4 HOH 46  2146 169 HOH HOH A . 
E 4 HOH 47  2147 156 HOH HOH A . 
E 4 HOH 48  2148 4   HOH HOH A . 
E 4 HOH 49  2149 75  HOH HOH A . 
E 4 HOH 50  2150 35  HOH HOH A . 
E 4 HOH 51  2151 28  HOH HOH A . 
E 4 HOH 52  2152 19  HOH HOH A . 
E 4 HOH 53  2153 27  HOH HOH A . 
E 4 HOH 54  2154 45  HOH HOH A . 
E 4 HOH 55  2155 206 HOH HOH A . 
E 4 HOH 56  2156 73  HOH HOH A . 
E 4 HOH 57  2157 57  HOH HOH A . 
E 4 HOH 58  2158 90  HOH HOH A . 
E 4 HOH 59  2159 52  HOH HOH A . 
E 4 HOH 60  2160 190 HOH HOH A . 
E 4 HOH 61  2161 81  HOH HOH A . 
E 4 HOH 62  2162 10  HOH HOH A . 
E 4 HOH 63  2163 205 HOH HOH A . 
E 4 HOH 64  2164 9   HOH HOH A . 
E 4 HOH 65  2165 32  HOH HOH A . 
E 4 HOH 66  2166 1   HOH HOH A . 
E 4 HOH 67  2167 17  HOH HOH A . 
E 4 HOH 68  2168 174 HOH HOH A . 
E 4 HOH 69  2169 148 HOH HOH A . 
E 4 HOH 70  2170 182 HOH HOH A . 
E 4 HOH 71  2171 64  HOH HOH A . 
E 4 HOH 72  2172 63  HOH HOH A . 
E 4 HOH 73  2173 145 HOH HOH A . 
E 4 HOH 74  2174 24  HOH HOH A . 
E 4 HOH 75  2175 53  HOH HOH A . 
E 4 HOH 76  2176 105 HOH HOH A . 
E 4 HOH 77  2177 168 HOH HOH A . 
E 4 HOH 78  2178 139 HOH HOH A . 
E 4 HOH 79  2179 12  HOH HOH A . 
E 4 HOH 80  2180 120 HOH HOH A . 
E 4 HOH 81  2181 137 HOH HOH A . 
E 4 HOH 82  2182 93  HOH HOH A . 
E 4 HOH 83  2183 80  HOH HOH A . 
E 4 HOH 84  2184 15  HOH HOH A . 
E 4 HOH 85  2185 107 HOH HOH A . 
E 4 HOH 86  2186 51  HOH HOH A . 
E 4 HOH 87  2187 189 HOH HOH A . 
E 4 HOH 88  2188 172 HOH HOH A . 
E 4 HOH 89  2189 50  HOH HOH A . 
E 4 HOH 90  2190 170 HOH HOH A . 
E 4 HOH 91  2191 54  HOH HOH A . 
E 4 HOH 92  2192 173 HOH HOH A . 
E 4 HOH 93  2193 193 HOH HOH A . 
E 4 HOH 94  2194 106 HOH HOH A . 
E 4 HOH 95  2195 88  HOH HOH A . 
E 4 HOH 96  2196 59  HOH HOH A . 
E 4 HOH 97  2197 77  HOH HOH A . 
E 4 HOH 98  2198 29  HOH HOH A . 
E 4 HOH 99  2199 164 HOH HOH A . 
E 4 HOH 100 2200 65  HOH HOH A . 
E 4 HOH 101 2201 8   HOH HOH A . 
E 4 HOH 102 2202 144 HOH HOH A . 
E 4 HOH 103 2203 33  HOH HOH A . 
E 4 HOH 104 2204 41  HOH HOH A . 
E 4 HOH 105 2205 18  HOH HOH A . 
E 4 HOH 106 2206 66  HOH HOH A . 
E 4 HOH 107 2207 181 HOH HOH A . 
E 4 HOH 108 2208 101 HOH HOH A . 
E 4 HOH 109 2209 22  HOH HOH A . 
E 4 HOH 110 2210 56  HOH HOH A . 
E 4 HOH 111 2211 3   HOH HOH A . 
E 4 HOH 112 2212 82  HOH HOH A . 
E 4 HOH 113 2213 13  HOH HOH A . 
E 4 HOH 114 2214 152 HOH HOH A . 
E 4 HOH 115 2215 191 HOH HOH A . 
E 4 HOH 116 2216 138 HOH HOH A . 
E 4 HOH 117 2217 208 HOH HOH A . 
E 4 HOH 118 2218 171 HOH HOH A . 
E 4 HOH 119 2219 98  HOH HOH A . 
E 4 HOH 120 2220 117 HOH HOH A . 
E 4 HOH 121 2221 83  HOH HOH A . 
E 4 HOH 122 2222 147 HOH HOH A . 
E 4 HOH 123 2223 103 HOH HOH A . 
E 4 HOH 124 2224 188 HOH HOH A . 
E 4 HOH 125 2225 69  HOH HOH A . 
E 4 HOH 126 2226 209 HOH HOH A . 
E 4 HOH 127 2227 95  HOH HOH A . 
E 4 HOH 128 2228 99  HOH HOH A . 
E 4 HOH 129 2229 124 HOH HOH A . 
E 4 HOH 130 2230 153 HOH HOH A . 
E 4 HOH 131 2231 201 HOH HOH A . 
E 4 HOH 132 2232 157 HOH HOH A . 
E 4 HOH 133 2233 178 HOH HOH A . 
E 4 HOH 134 2234 143 HOH HOH A . 
E 4 HOH 135 2235 132 HOH HOH A . 
E 4 HOH 136 2236 185 HOH HOH A . 
E 4 HOH 137 2237 141 HOH HOH A . 
E 4 HOH 138 2238 130 HOH HOH A . 
E 4 HOH 139 2239 49  HOH HOH A . 
E 4 HOH 140 2240 108 HOH HOH A . 
E 4 HOH 141 2241 207 HOH HOH A . 
E 4 HOH 142 2242 162 HOH HOH A . 
E 4 HOH 143 2243 122 HOH HOH A . 
E 4 HOH 144 2244 176 HOH HOH A . 
E 4 HOH 145 2245 192 HOH HOH A . 
E 4 HOH 146 2246 184 HOH HOH A . 
E 4 HOH 147 2247 97  HOH HOH A . 
E 4 HOH 148 2248 119 HOH HOH A . 
E 4 HOH 149 2249 161 HOH HOH A . 
E 4 HOH 150 2250 31  HOH HOH A . 
E 4 HOH 151 2251 96  HOH HOH A . 
E 4 HOH 152 2252 135 HOH HOH A . 
E 4 HOH 153 2253 112 HOH HOH A . 
E 4 HOH 154 2254 183 HOH HOH A . 
E 4 HOH 155 2255 102 HOH HOH A . 
E 4 HOH 156 2256 198 HOH HOH A . 
E 4 HOH 157 2257 60  HOH HOH A . 
E 4 HOH 158 2258 202 HOH HOH A . 
E 4 HOH 159 2259 199 HOH HOH A . 
E 4 HOH 160 2260 71  HOH HOH A . 
E 4 HOH 161 2261 58  HOH HOH A . 
E 4 HOH 162 2262 94  HOH HOH A . 
E 4 HOH 163 2263 195 HOH HOH A . 
E 4 HOH 164 2264 151 HOH HOH A . 
E 4 HOH 165 2265 110 HOH HOH A . 
E 4 HOH 166 2266 194 HOH HOH A . 
E 4 HOH 167 2267 86  HOH HOH A . 
E 4 HOH 168 2268 160 HOH HOH A . 
E 4 HOH 169 2269 128 HOH HOH A . 
E 4 HOH 170 2270 89  HOH HOH A . 
E 4 HOH 171 2271 123 HOH HOH A . 
E 4 HOH 172 2272 136 HOH HOH A . 
E 4 HOH 173 2273 210 HOH HOH A . 
E 4 HOH 174 2274 79  HOH HOH A . 
E 4 HOH 175 2275 78  HOH HOH A . 
E 4 HOH 176 2276 177 HOH HOH A . 
E 4 HOH 177 2277 155 HOH HOH A . 
E 4 HOH 178 2278 42  HOH HOH A . 
E 4 HOH 179 2279 187 HOH HOH A . 
E 4 HOH 180 2280 111 HOH HOH A . 
E 4 HOH 181 2281 134 HOH HOH A . 
E 4 HOH 182 2282 104 HOH HOH A . 
E 4 HOH 183 2283 150 HOH HOH A . 
E 4 HOH 184 2284 55  HOH HOH A . 
E 4 HOH 185 2285 179 HOH HOH A . 
E 4 HOH 186 2286 118 HOH HOH A . 
E 4 HOH 187 2287 87  HOH HOH A . 
E 4 HOH 188 2288 159 HOH HOH A . 
E 4 HOH 189 2289 115 HOH HOH A . 
E 4 HOH 190 2290 109 HOH HOH A . 
E 4 HOH 191 2291 186 HOH HOH A . 
E 4 HOH 192 2292 142 HOH HOH A . 
E 4 HOH 193 2293 165 HOH HOH A . 
E 4 HOH 194 2294 180 HOH HOH A . 
E 4 HOH 195 2295 67  HOH HOH A . 
E 4 HOH 196 2296 204 HOH HOH A . 
E 4 HOH 197 2297 140 HOH HOH A . 
E 4 HOH 198 2298 197 HOH HOH A . 
E 4 HOH 199 2299 131 HOH HOH A . 
E 4 HOH 200 2300 175 HOH HOH A . 
E 4 HOH 201 2301 203 HOH HOH A . 
E 4 HOH 202 2302 133 HOH HOH A . 
E 4 HOH 203 2303 125 HOH HOH A . 
# 
loop_
_pdbx_unobs_or_zero_occ_atoms.id 
_pdbx_unobs_or_zero_occ_atoms.PDB_model_num 
_pdbx_unobs_or_zero_occ_atoms.polymer_flag 
_pdbx_unobs_or_zero_occ_atoms.occupancy_flag 
_pdbx_unobs_or_zero_occ_atoms.auth_asym_id 
_pdbx_unobs_or_zero_occ_atoms.auth_comp_id 
_pdbx_unobs_or_zero_occ_atoms.auth_seq_id 
_pdbx_unobs_or_zero_occ_atoms.PDB_ins_code 
_pdbx_unobs_or_zero_occ_atoms.auth_atom_id 
_pdbx_unobs_or_zero_occ_atoms.label_alt_id 
_pdbx_unobs_or_zero_occ_atoms.label_asym_id 
_pdbx_unobs_or_zero_occ_atoms.label_comp_id 
_pdbx_unobs_or_zero_occ_atoms.label_seq_id 
_pdbx_unobs_or_zero_occ_atoms.label_atom_id 
1  1 Y 1 A LYS 1863 ? CG ? A LYS 29  CG 
2  1 Y 1 A LYS 1863 ? CD ? A LYS 29  CD 
3  1 Y 1 A LYS 1863 ? CE ? A LYS 29  CE 
4  1 Y 1 A LYS 1863 ? NZ ? A LYS 29  NZ 
5  1 Y 1 A LYS 1868 ? CE ? A LYS 34  CE 
6  1 Y 1 A LYS 1868 ? NZ ? A LYS 34  NZ 
7  1 Y 1 A LYS 1970 ? CG ? A LYS 136 CG 
8  1 Y 1 A LYS 1970 ? CD ? A LYS 136 CD 
9  1 Y 1 A LYS 1970 ? CE ? A LYS 136 CE 
10 1 Y 1 A LYS 1970 ? NZ ? A LYS 136 NZ 
# 
loop_
_software.pdbx_ordinal 
_software.name 
_software.version 
_software.date 
_software.type 
_software.contact_author 
_software.contact_author_email 
_software.classification 
_software.location 
_software.language 
_software.citation_id 
1 PHENIX      1.9_1682 ?               package 'Paul D. Adams' PDAdams@lbl.gov          refinement        
http://www.phenix-online.org/                       C++ ? 
2 Aimless     0.1.29   21/08/12        program 'Phil Evans'    ?                        'data scaling'    
http://www.mrc-lmb.cam.ac.uk/harry/pre/aimless.html ?   ? 
3 PDB_EXTRACT 3.23     'SEP. 23, 2016' package PDB             deposit@deposit.rcsb.org 'data extraction' 
http://sw-tools.pdb.org/apps/PDB_EXTRACT/           C++ ? 
4 XDS         .        ?               program ?               ?                        'data reduction'  ? ?   ? 
5 REFMAC      .        ?               program ?               ?                        phasing           ? ?   ? 
# 
_cell.entry_id           5PBF 
_cell.length_a           81.451 
_cell.length_b           96.521 
_cell.length_c           57.968 
_cell.angle_alpha        90.000 
_cell.angle_beta         90.000 
_cell.angle_gamma        90.000 
_cell.Z_PDB              8 
_cell.pdbx_unique_axis   ? 
# 
_symmetry.entry_id                         5PBF 
_symmetry.space_group_name_H-M             'C 2 2 21' 
_symmetry.pdbx_full_space_group_name_H-M   ? 
_symmetry.cell_setting                     ? 
_symmetry.Int_Tables_number                20 
# 
_exptl.crystals_number   1 
_exptl.entry_id          5PBF 
_exptl.method            'X-RAY DIFFRACTION' 
# 
_exptl_crystal.id                    1 
_exptl_crystal.pdbx_mosaicity        0.140 
_exptl_crystal.pdbx_mosaicity_esd    ? 
_exptl_crystal.density_Matthews      3.54 
_exptl_crystal.density_diffrn        ? 
_exptl_crystal.density_meas          ? 
_exptl_crystal.density_meas_temp     ? 
_exptl_crystal.density_percent_sol   65.26 
_exptl_crystal.size_max              ? 
_exptl_crystal.size_mid              ? 
_exptl_crystal.size_min              ? 
_exptl_crystal.size_rad              ? 
_exptl_crystal.description           ? 
# 
_exptl_crystal_grow.crystal_id      1 
_exptl_crystal_grow.method          'VAPOR DIFFUSION, SITTING DROP' 
_exptl_crystal_grow.pH              7 
_exptl_crystal_grow.temp            277 
_exptl_crystal_grow.pdbx_details    '30% PEG600 -- 0.1M MES pH 6.0' 
_exptl_crystal_grow.temp_details    ? 
_exptl_crystal_grow.pdbx_pH_range   ? 
# 
_diffrn.id                     1 
_diffrn.ambient_temp           100 
_diffrn.crystal_id             1 
_diffrn.ambient_temp_details   ? 
# 
_diffrn_detector.detector               PIXEL 
_diffrn_detector.type                   'DECTRIS PILATUS 2M' 
_diffrn_detector.pdbx_collection_date   2013-03-10 
_diffrn_detector.diffrn_id              1 
_diffrn_detector.details                ? 
# 
_diffrn_radiation.diffrn_id                        1 
_diffrn_radiation.wavelength_id                    1 
_diffrn_radiation.pdbx_diffrn_protocol             'SINGLE WAVELENGTH' 
_diffrn_radiation.pdbx_monochromatic_or_laue_m_l   ? 
_diffrn_radiation.monochromator                    ? 
_diffrn_radiation.pdbx_scattering_type             x-ray 
# 
_diffrn_radiation_wavelength.id           1 
_diffrn_radiation_wavelength.wavelength   0.9200 
_diffrn_radiation_wavelength.wt           1.0 
# 
_diffrn_source.diffrn_id                   1 
_diffrn_source.source                      SYNCHROTRON 
_diffrn_source.type                        'DIAMOND BEAMLINE I04-1' 
_diffrn_source.pdbx_wavelength_list        0.9200 
_diffrn_source.pdbx_synchrotron_site       Diamond 
_diffrn_source.pdbx_synchrotron_beamline   I04-1 
_diffrn_source.pdbx_wavelength             ? 
# 
_reflns.entry_id                     5PBF 
_reflns.pdbx_diffrn_id               1 
_reflns.pdbx_ordinal                 1 
_reflns.observed_criterion_sigma_I   ? 
_reflns.observed_criterion_sigma_F   ? 
_reflns.d_resolution_low             28.980 
_reflns.d_resolution_high            1.800 
_reflns.number_obs                   21028 
_reflns.number_all                   ? 
_reflns.percent_possible_obs         97.700 
_reflns.pdbx_Rmerge_I_obs            0.077 
_reflns.pdbx_Rsym_value              ? 
_reflns.pdbx_netI_over_sigmaI        14.700 
_reflns.B_iso_Wilson_estimate        27.410 
_reflns.pdbx_redundancy              6.500 
_reflns.pdbx_Rrim_I_all              0.084 
_reflns.pdbx_Rpim_I_all              0.033 
_reflns.pdbx_CC_half                 0.998 
_reflns.pdbx_netI_over_av_sigmaI     ? 
_reflns.pdbx_number_measured_all     136847 
_reflns.pdbx_scaling_rejects         7 
_reflns.pdbx_chi_squared             ? 
_reflns.Rmerge_F_all                 ? 
_reflns.Rmerge_F_obs                 ? 
_reflns.observed_criterion_F_max     ? 
_reflns.observed_criterion_F_min     ? 
_reflns.observed_criterion_I_max     ? 
_reflns.observed_criterion_I_min     ? 
_reflns.pdbx_d_res_high_opt          ? 
_reflns.pdbx_d_res_low_opt           ? 
_reflns.details                      ? 
# 
loop_
_reflns_shell.pdbx_diffrn_id 
_reflns_shell.pdbx_ordinal 
_reflns_shell.d_res_high 
_reflns_shell.d_res_low 
_reflns_shell.number_measured_obs 
_reflns_shell.number_measured_all 
_reflns_shell.number_unique_obs 
_reflns_shell.pdbx_rejects 
_reflns_shell.Rmerge_I_obs 
_reflns_shell.meanI_over_sigI_obs 
_reflns_shell.pdbx_Rsym_value 
_reflns_shell.pdbx_chi_squared 
_reflns_shell.pdbx_redundancy 
_reflns_shell.percent_possible_obs 
_reflns_shell.pdbx_netI_over_sigmaI_obs 
_reflns_shell.number_possible 
_reflns_shell.number_unique_all 
_reflns_shell.Rmerge_F_all 
_reflns_shell.Rmerge_F_obs 
_reflns_shell.Rmerge_I_all 
_reflns_shell.meanI_over_sigI_all 
_reflns_shell.percent_possible_all 
_reflns_shell.pdbx_Rrim_I_all 
_reflns_shell.pdbx_Rpim_I_all 
_reflns_shell.pdbx_CC_half 
1 1 1.800 1.840  ? 6439 ? ? 0.685 ? ? ? 5.700 ? 2.100  ? 1126 ? ? ? ? 82.900 0.750 0.300 0.830 
1 2 8.630 28.980 ? 1368 ? ? 0.036 ? ? ? 6.100 ? 41.900 ? 225  ? ? ? ? 97.500 0.039 0.015 0.998 
# 
_refine.entry_id                                 5PBF 
_refine.pdbx_refine_id                           'X-RAY DIFFRACTION' 
_refine.ls_d_res_high                            1.8010 
_refine.ls_d_res_low                             28.980 
_refine.pdbx_ls_sigma_F                          1.350 
_refine.pdbx_data_cutoff_high_absF               ? 
_refine.pdbx_data_cutoff_low_absF                ? 
_refine.ls_percent_reflns_obs                    97.5200 
_refine.ls_number_reflns_obs                     21011 
_refine.ls_number_reflns_all                     ? 
_refine.pdbx_ls_cross_valid_method               THROUGHOUT 
_refine.ls_matrix_type                           ? 
_refine.pdbx_R_Free_selection_details            ? 
_refine.details                                  ? 
_refine.ls_R_factor_all                          ? 
_refine.ls_R_factor_obs                          0.1841 
_refine.ls_R_factor_R_work                       0.1825 
_refine.ls_wR_factor_R_work                      ? 
_refine.ls_R_factor_R_free                       0.2133 
_refine.ls_wR_factor_R_free                      ? 
_refine.ls_percent_reflns_R_free                 5.0100 
_refine.ls_number_reflns_R_free                  1052 
_refine.ls_number_reflns_R_work                  19959 
_refine.ls_R_factor_R_free_error                 ? 
_refine.B_iso_mean                               31.8667 
_refine.solvent_model_param_bsol                 ? 
_refine.solvent_model_param_ksol                 ? 
_refine.pdbx_isotropic_thermal_model             ? 
_refine.aniso_B[1][1]                            ? 
_refine.aniso_B[2][2]                            ? 
_refine.aniso_B[3][3]                            ? 
_refine.aniso_B[1][2]                            ? 
_refine.aniso_B[1][3]                            ? 
_refine.aniso_B[2][3]                            ? 
_refine.correlation_coeff_Fo_to_Fc               ? 
_refine.correlation_coeff_Fo_to_Fc_free          ? 
_refine.overall_SU_R_Cruickshank_DPI             ? 
_refine.pdbx_overall_SU_R_free_Cruickshank_DPI   ? 
_refine.pdbx_overall_SU_R_Blow_DPI               ? 
_refine.pdbx_overall_SU_R_free_Blow_DPI          ? 
_refine.overall_SU_R_free                        ? 
_refine.pdbx_overall_ESU_R                       ? 
_refine.pdbx_overall_ESU_R_Free                  ? 
_refine.overall_SU_ML                            0.2000 
_refine.overall_SU_B                             ? 
_refine.solvent_model_details                    'FLAT BULK SOLVENT MODEL' 
_refine.pdbx_solvent_vdw_probe_radii             1.1100 
_refine.pdbx_solvent_ion_probe_radii             ? 
_refine.pdbx_solvent_shrinkage_radii             0.9000 
_refine.ls_number_parameters                     ? 
_refine.ls_number_restraints                     ? 
_refine.pdbx_starting_model                      3G0L 
_refine.pdbx_method_to_determine_struct          'FOURIER SYNTHESIS' 
_refine.pdbx_stereochemistry_target_values       ML 
_refine.pdbx_stereochem_target_val_spec_case     ? 
_refine.overall_FOM_work_R_set                   ? 
_refine.B_iso_max                                87.310 
_refine.B_iso_min                                15.860 
_refine.pdbx_overall_phase_error                 22.2800 
_refine.occupancy_max                            ? 
_refine.occupancy_min                            ? 
_refine.pdbx_diffrn_id                           1 
_refine.pdbx_TLS_residual_ADP_flag               ? 
_refine.pdbx_ls_sigma_I                          ? 
_refine.pdbx_data_cutoff_high_rms_absF           ? 
_refine.ls_R_factor_R_free_error_details         ? 
# 
_refine_hist.cycle_id                         final 
_refine_hist.pdbx_refine_id                   'X-RAY DIFFRACTION' 
_refine_hist.d_res_high                       1.8010 
_refine_hist.d_res_low                        28.980 
_refine_hist.pdbx_number_atoms_ligand         41 
_refine_hist.number_atoms_solvent             203 
_refine_hist.number_atoms_total               1174 
_refine_hist.pdbx_number_residues_total       115 
_refine_hist.pdbx_B_iso_mean_ligand           38.95 
_refine_hist.pdbx_B_iso_mean_solvent          42.53 
_refine_hist.pdbx_number_atoms_protein        930 
_refine_hist.pdbx_number_atoms_nucleic_acid   0 
# 
loop_
_refine_ls_restr.pdbx_refine_id 
_refine_ls_restr.type 
_refine_ls_restr.number 
_refine_ls_restr.dev_ideal 
_refine_ls_restr.dev_ideal_target 
_refine_ls_restr.weight 
_refine_ls_restr.pdbx_restraint_function 
'X-RAY DIFFRACTION' f_bond_d           1021 0.007  ? ? ? 
'X-RAY DIFFRACTION' f_angle_d          1380 1.043  ? ? ? 
'X-RAY DIFFRACTION' f_chiral_restr     147  0.039  ? ? ? 
'X-RAY DIFFRACTION' f_plane_restr      178  0.004  ? ? ? 
'X-RAY DIFFRACTION' f_dihedral_angle_d 413  12.960 ? ? ? 
# 
loop_
_refine_ls_shell.d_res_high 
_refine_ls_shell.d_res_low 
_refine_ls_shell.pdbx_total_number_of_bins_used 
_refine_ls_shell.percent_reflns_obs 
_refine_ls_shell.number_reflns_R_work 
_refine_ls_shell.R_factor_all 
_refine_ls_shell.R_factor_R_work 
_refine_ls_shell.R_factor_R_free 
_refine_ls_shell.percent_reflns_R_free 
_refine_ls_shell.number_reflns_R_free 
_refine_ls_shell.R_factor_R_free_error 
_refine_ls_shell.number_reflns_all 
_refine_ls_shell.number_reflns_obs 
_refine_ls_shell.pdbx_refine_id 
1.8007 1.8826  8 91.0000  2296 . 0.2837 0.2817 . 127 . 2423 . 'X-RAY DIFFRACTION' 
1.8826 1.9818  8 98.0000  2472 . 0.2514 0.2876 . 130 . 2602 . 'X-RAY DIFFRACTION' 
1.9818 2.1060  8 99.0000  2504 . 0.2210 0.2509 . 129 . 2633 . 'X-RAY DIFFRACTION' 
2.1060 2.2685  8 99.0000  2506 . 0.2029 0.2674 . 127 . 2633 . 'X-RAY DIFFRACTION' 
2.2685 2.4967  8 96.0000  2453 . 0.2015 0.2289 . 120 . 2573 . 'X-RAY DIFFRACTION' 
2.4967 2.8577  8 100.0000 2560 . 0.1879 0.2223 . 127 . 2687 . 'X-RAY DIFFRACTION' 
2.8577 3.5993  8 100.0000 2545 . 0.1793 0.2348 . 155 . 2700 . 'X-RAY DIFFRACTION' 
3.5993 28.9877 8 98.0000  2623 . 0.1452 0.1532 . 137 . 2760 . 'X-RAY DIFFRACTION' 
# 
_struct.entry_id                  5PBF 
_struct.title                     'PanDDA analysis group deposition -- Crystal Structure of BAZ2B in complex with N09645a' 
_struct.pdbx_model_details        ? 
_struct.pdbx_CASP_flag            ? 
_struct.pdbx_model_type_details   ? 
# 
_struct_keywords.entry_id        5PBF 
_struct_keywords.text            'PanDDA, SGC - Diamond I04-1 fragment screening, bromodomain, epigenetics, DNA BINDING PROTEIN' 
_struct_keywords.pdbx_keywords   'DNA BINDING PROTEIN' 
# 
loop_
_struct_asym.id 
_struct_asym.pdbx_blank_PDB_chainid_flag 
_struct_asym.pdbx_modified 
_struct_asym.entity_id 
_struct_asym.details 
A N N 1 ? 
B N N 2 ? 
C N N 2 ? 
D N N 3 ? 
E N N 4 ? 
# 
_struct_ref.id                         1 
_struct_ref.db_name                    UNP 
_struct_ref.db_code                    BAZ2B_HUMAN 
_struct_ref.pdbx_db_accession          Q9UIF8 
_struct_ref.pdbx_db_isoform            Q9UIF8-2 
_struct_ref.entity_id                  1 
_struct_ref.pdbx_seq_one_letter_code   
;SVKKPKRDDSKDLALCSMILTEMETHEDAWPFLLPVNLKLVPGYKKVIKKPMDFSTIREKLSSGQYPNLETFALDVRLVF
DNCETFNEDDSDIGRAGHNMRKYFEKKWTDTFKVS
;
_struct_ref.pdbx_align_begin           1954 
# 
_struct_ref_seq.align_id                      1 
_struct_ref_seq.ref_id                        1 
_struct_ref_seq.pdbx_PDB_id_code              5PBF 
_struct_ref_seq.pdbx_strand_id                A 
_struct_ref_seq.seq_align_beg                 24 
_struct_ref_seq.pdbx_seq_align_beg_ins_code   ? 
_struct_ref_seq.seq_align_end                 138 
_struct_ref_seq.pdbx_seq_align_end_ins_code   ? 
_struct_ref_seq.pdbx_db_accession             Q9UIF8 
_struct_ref_seq.db_align_beg                  1954 
_struct_ref_seq.pdbx_db_align_beg_ins_code    ? 
_struct_ref_seq.db_align_end                  2068 
_struct_ref_seq.pdbx_db_align_end_ins_code    ? 
_struct_ref_seq.pdbx_auth_seq_align_beg       1858 
_struct_ref_seq.pdbx_auth_seq_align_end       1972 
# 
loop_
_struct_ref_seq_dif.align_id 
_struct_ref_seq_dif.pdbx_pdb_id_code 
_struct_ref_seq_dif.mon_id 
_struct_ref_seq_dif.pdbx_pdb_strand_id 
_struct_ref_seq_dif.seq_num 
_struct_ref_seq_dif.pdbx_pdb_ins_code 
_struct_ref_seq_dif.pdbx_seq_db_name 
_struct_ref_seq_dif.pdbx_seq_db_accession_code 
_struct_ref_seq_dif.db_mon_id 
_struct_ref_seq_dif.pdbx_seq_db_seq_num 
_struct_ref_seq_dif.details 
_struct_ref_seq_dif.pdbx_auth_seq_num 
_struct_ref_seq_dif.pdbx_ordinal 
1 5PBF MET A 1  ? UNP Q9UIF8 ? ? 'expression tag' 1835 1  
1 5PBF HIS A 2  ? UNP Q9UIF8 ? ? 'expression tag' 1836 2  
1 5PBF HIS A 3  ? UNP Q9UIF8 ? ? 'expression tag' 1837 3  
1 5PBF HIS A 4  ? UNP Q9UIF8 ? ? 'expression tag' 1838 4  
1 5PBF HIS A 5  ? UNP Q9UIF8 ? ? 'expression tag' 1839 5  
1 5PBF HIS A 6  ? UNP Q9UIF8 ? ? 'expression tag' 1840 6  
1 5PBF HIS A 7  ? UNP Q9UIF8 ? ? 'expression tag' 1841 7  
1 5PBF SER A 8  ? UNP Q9UIF8 ? ? 'expression tag' 1842 8  
1 5PBF SER A 9  ? UNP Q9UIF8 ? ? 'expression tag' 1843 9  
1 5PBF GLY A 10 ? UNP Q9UIF8 ? ? 'expression tag' 1844 10 
1 5PBF VAL A 11 ? UNP Q9UIF8 ? ? 'expression tag' 1845 11 
1 5PBF ASP A 12 ? UNP Q9UIF8 ? ? 'expression tag' 1846 12 
1 5PBF LEU A 13 ? UNP Q9UIF8 ? ? 'expression tag' 1847 13 
1 5PBF GLY A 14 ? UNP Q9UIF8 ? ? 'expression tag' 1848 14 
1 5PBF THR A 15 ? UNP Q9UIF8 ? ? 'expression tag' 1849 15 
1 5PBF GLU A 16 ? UNP Q9UIF8 ? ? 'expression tag' 1850 16 
1 5PBF ASN A 17 ? UNP Q9UIF8 ? ? 'expression tag' 1851 17 
1 5PBF LEU A 18 ? UNP Q9UIF8 ? ? 'expression tag' 1852 18 
1 5PBF TYR A 19 ? UNP Q9UIF8 ? ? 'expression tag' 1853 19 
1 5PBF PHE A 20 ? UNP Q9UIF8 ? ? 'expression tag' 1854 20 
1 5PBF GLN A 21 ? UNP Q9UIF8 ? ? 'expression tag' 1855 21 
1 5PBF SER A 22 ? UNP Q9UIF8 ? ? 'expression tag' 1856 22 
1 5PBF MET A 23 ? UNP Q9UIF8 ? ? 'expression tag' 1857 23 
# 
_pdbx_struct_assembly.id                   1 
_pdbx_struct_assembly.details              author_defined_assembly 
_pdbx_struct_assembly.method_details       ? 
_pdbx_struct_assembly.oligomeric_details   monomeric 
_pdbx_struct_assembly.oligomeric_count     1 
# 
_pdbx_struct_assembly_gen.assembly_id       1 
_pdbx_struct_assembly_gen.oper_expression   1 
_pdbx_struct_assembly_gen.asym_id_list      A,B,C,D,E 
# 
_pdbx_struct_oper_list.id                   1 
_pdbx_struct_oper_list.type                 'identity operation' 
_pdbx_struct_oper_list.name                 1_555 
_pdbx_struct_oper_list.symmetry_operation   x,y,z 
_pdbx_struct_oper_list.matrix[1][1]         1.0000000000 
_pdbx_struct_oper_list.matrix[1][2]         0.0000000000 
_pdbx_struct_oper_list.matrix[1][3]         0.0000000000 
_pdbx_struct_oper_list.vector[1]            0.0000000000 
_pdbx_struct_oper_list.matrix[2][1]         0.0000000000 
_pdbx_struct_oper_list.matrix[2][2]         1.0000000000 
_pdbx_struct_oper_list.matrix[2][3]         0.0000000000 
_pdbx_struct_oper_list.vector[2]            0.0000000000 
_pdbx_struct_oper_list.matrix[3][1]         0.0000000000 
_pdbx_struct_oper_list.matrix[3][2]         0.0000000000 
_pdbx_struct_oper_list.matrix[3][3]         1.0000000000 
_pdbx_struct_oper_list.vector[3]            0.0000000000 
# 
loop_
_struct_conf.conf_type_id 
_struct_conf.id 
_struct_conf.pdbx_PDB_helix_id 
_struct_conf.beg_label_comp_id 
_struct_conf.beg_label_asym_id 
_struct_conf.beg_label_seq_id 
_struct_conf.pdbx_beg_PDB_ins_code 
_struct_conf.end_label_comp_id 
_struct_conf.end_label_asym_id 
_struct_conf.end_label_seq_id 
_struct_conf.pdbx_end_PDB_ins_code 
_struct_conf.beg_auth_comp_id 
_struct_conf.beg_auth_asym_id 
_struct_conf.beg_auth_seq_id 
_struct_conf.end_auth_comp_id 
_struct_conf.end_auth_asym_id 
_struct_conf.end_auth_seq_id 
_struct_conf.pdbx_PDB_helix_class 
_struct_conf.details 
_struct_conf.pdbx_PDB_helix_length 
HELX_P HELX_P1 AA1 LYS A 34  ? HIS A 49  ? LYS A 1868 HIS A 1883 1 ? 16 
HELX_P HELX_P2 AA2 GLU A 50  ? LEU A 56  ? GLU A 1884 LEU A 1890 5 ? 7  
HELX_P HELX_P3 AA3 GLY A 66  ? ILE A 71  ? GLY A 1900 ILE A 1905 1 ? 6  
HELX_P HELX_P4 AA4 ASP A 76  ? SER A 86  ? ASP A 1910 SER A 1920 1 ? 11 
HELX_P HELX_P5 AA5 ASN A 91  ? ASN A 110 ? ASN A 1925 ASN A 1944 1 ? 20 
HELX_P HELX_P6 AA6 SER A 114 ? LYS A 136 ? SER A 1948 LYS A 1970 1 ? 23 
# 
_struct_conf_type.id          HELX_P 
_struct_conf_type.criteria    ? 
_struct_conf_type.reference   ? 
# 
loop_
_struct_site.id 
_struct_site.pdbx_evidence_code 
_struct_site.pdbx_auth_asym_id 
_struct_site.pdbx_auth_comp_id 
_struct_site.pdbx_auth_seq_id 
_struct_site.pdbx_auth_ins_code 
_struct_site.pdbx_num_residues 
_struct_site.details 
AC1 Software A EDO 2001 ? 3 'binding site for residue EDO A 2001' 
AC2 Software A EDO 2002 ? 2 'binding site for residue EDO A 2002' 
AC3 Software A 8HJ 2003 ? 4 'binding site for residue 8HJ A 2003' 
# 
loop_
_struct_site_gen.id 
_struct_site_gen.site_id 
_struct_site_gen.pdbx_num_res 
_struct_site_gen.label_comp_id 
_struct_site_gen.label_asym_id 
_struct_site_gen.label_seq_id 
_struct_site_gen.pdbx_auth_ins_code 
_struct_site_gen.auth_comp_id 
_struct_site_gen.auth_asym_id 
_struct_site_gen.auth_seq_id 
_struct_site_gen.label_atom_id 
_struct_site_gen.label_alt_id 
_struct_site_gen.symmetry 
_struct_site_gen.details 
1 AC1 3 MET A 41  ? MET A 1875 . ? 1_555 ? 
2 AC1 3 GLU A 45  ? GLU A 1879 . ? 1_555 ? 
3 AC1 3 THR A 134 ? THR A 1968 . ? 1_555 ? 
4 AC2 2 HIS A 49  ? HIS A 1883 . ? 1_555 ? 
5 AC2 2 GLU A 50  ? GLU A 1884 . ? 1_555 ? 
6 AC3 4 PRO A 65  ? PRO A 1899 . ? 4_566 ? 
7 AC3 4 ASN A 110 ? ASN A 1944 . ? 1_555 ? 
8 AC3 4 ILE A 116 ? ILE A 1950 . ? 1_555 ? 
9 AC3 4 HOH E .   ? HOH A 2115 . ? 1_555 ? 
# 
loop_
_pdbx_validate_close_contact.id 
_pdbx_validate_close_contact.PDB_model_num 
_pdbx_validate_close_contact.auth_atom_id_1 
_pdbx_validate_close_contact.auth_asym_id_1 
_pdbx_validate_close_contact.auth_comp_id_1 
_pdbx_validate_close_contact.auth_seq_id_1 
_pdbx_validate_close_contact.PDB_ins_code_1 
_pdbx_validate_close_contact.label_alt_id_1 
_pdbx_validate_close_contact.auth_atom_id_2 
_pdbx_validate_close_contact.auth_asym_id_2 
_pdbx_validate_close_contact.auth_comp_id_2 
_pdbx_validate_close_contact.auth_seq_id_2 
_pdbx_validate_close_contact.PDB_ins_code_2 
_pdbx_validate_close_contact.label_alt_id_2 
_pdbx_validate_close_contact.dist 
1 1 O A HOH 2293 ? ? O A HOH 2297 ? ? 2.13 
2 1 O A HOH 2139 ? ? O A HOH 2222 ? ? 2.19 
# 
_pdbx_validate_symm_contact.id                1 
_pdbx_validate_symm_contact.PDB_model_num     1 
_pdbx_validate_symm_contact.auth_atom_id_1    O 
_pdbx_validate_symm_contact.auth_asym_id_1    A 
_pdbx_validate_symm_contact.auth_comp_id_1    HOH 
_pdbx_validate_symm_contact.auth_seq_id_1     2224 
_pdbx_validate_symm_contact.PDB_ins_code_1    ? 
_pdbx_validate_symm_contact.label_alt_id_1    ? 
_pdbx_validate_symm_contact.site_symmetry_1   1_555 
_pdbx_validate_symm_contact.auth_atom_id_2    O 
_pdbx_validate_symm_contact.auth_asym_id_2    A 
_pdbx_validate_symm_contact.auth_comp_id_2    HOH 
_pdbx_validate_symm_contact.auth_seq_id_2     2249 
_pdbx_validate_symm_contact.PDB_ins_code_2    ? 
_pdbx_validate_symm_contact.label_alt_id_2    ? 
_pdbx_validate_symm_contact.site_symmetry_2   4_566 
_pdbx_validate_symm_contact.dist              2.12 
# 
_pdbx_validate_torsion.id              1 
_pdbx_validate_torsion.PDB_model_num   1 
_pdbx_validate_torsion.auth_comp_id    ASP 
_pdbx_validate_torsion.auth_asym_id    A 
_pdbx_validate_torsion.auth_seq_id     1947 
_pdbx_validate_torsion.PDB_ins_code    ? 
_pdbx_validate_torsion.label_alt_id    ? 
_pdbx_validate_torsion.phi             -94.29 
_pdbx_validate_torsion.psi             53.74 
# 
_phasing.method   MR 
# 
_pdbx_entry_details.nonpolymer_details       
;<BAZ2BA-x583>
<used_for_statistical_map>yes</used_for_statistical_map>
<smiles_of_compound_added>C1Cc2ccc(cc2NC1=O)O</smiles_of_compound_added>
<site1>
<label>None</label>
<coordinate>15.85 40.89 40.89</coordinate>
<smiles>C1Cc2ccc(cc2NC1=O)O</smiles>
<confidence>4 - High Confidence</confidence>
<comment>None</comment>
<occupancy>0.94</occupancy>
<B_average>31.247500000000006</B_average>
<B_ratio>1.214178044564737</B_ratio>
<RSCC>0.97899999999999998</RSCC>
<RSR>0.085000000000000006</RSR>
<RSZD>1.1000000000000001</RSZD>
<RMSD>0.33076552621658284</RMSD>
</site1>
</BAZ2BA-x583>
;
_pdbx_entry_details.entry_id                 5PBF 
_pdbx_entry_details.compound_details         ? 
_pdbx_entry_details.source_details           ? 
_pdbx_entry_details.sequence_details         ? 
_pdbx_entry_details.has_ligand_of_interest   ? 
# 
loop_
_pdbx_distant_solvent_atoms.id 
_pdbx_distant_solvent_atoms.PDB_model_num 
_pdbx_distant_solvent_atoms.auth_atom_id 
_pdbx_distant_solvent_atoms.label_alt_id 
_pdbx_distant_solvent_atoms.auth_asym_id 
_pdbx_distant_solvent_atoms.auth_comp_id 
_pdbx_distant_solvent_atoms.auth_seq_id 
_pdbx_distant_solvent_atoms.PDB_ins_code 
_pdbx_distant_solvent_atoms.neighbor_macromolecule_distance 
_pdbx_distant_solvent_atoms.neighbor_ligand_distance 
1 1 O ? A HOH 2300 ? 5.98 . 
2 1 O ? A HOH 2301 ? 6.92 . 
3 1 O ? A HOH 2302 ? 7.46 . 
4 1 O ? A HOH 2303 ? 7.49 . 
# 
loop_
_pdbx_unobs_or_zero_occ_residues.id 
_pdbx_unobs_or_zero_occ_residues.PDB_model_num 
_pdbx_unobs_or_zero_occ_residues.polymer_flag 
_pdbx_unobs_or_zero_occ_residues.occupancy_flag 
_pdbx_unobs_or_zero_occ_residues.auth_asym_id 
_pdbx_unobs_or_zero_occ_residues.auth_comp_id 
_pdbx_unobs_or_zero_occ_residues.auth_seq_id 
_pdbx_unobs_or_zero_occ_residues.PDB_ins_code 
_pdbx_unobs_or_zero_occ_residues.label_asym_id 
_pdbx_unobs_or_zero_occ_residues.label_comp_id 
_pdbx_unobs_or_zero_occ_residues.label_seq_id 
1  1 Y 1 A MET 1835 ? A MET 1   
2  1 Y 1 A HIS 1836 ? A HIS 2   
3  1 Y 1 A HIS 1837 ? A HIS 3   
4  1 Y 1 A HIS 1838 ? A HIS 4   
5  1 Y 1 A HIS 1839 ? A HIS 5   
6  1 Y 1 A HIS 1840 ? A HIS 6   
7  1 Y 1 A HIS 1841 ? A HIS 7   
8  1 Y 1 A SER 1842 ? A SER 8   
9  1 Y 1 A SER 1843 ? A SER 9   
10 1 Y 1 A GLY 1844 ? A GLY 10  
11 1 Y 1 A VAL 1845 ? A VAL 11  
12 1 Y 1 A ASP 1846 ? A ASP 12  
13 1 Y 1 A LEU 1847 ? A LEU 13  
14 1 Y 1 A GLY 1848 ? A GLY 14  
15 1 Y 1 A THR 1849 ? A THR 15  
16 1 Y 1 A GLU 1850 ? A GLU 16  
17 1 Y 1 A ASN 1851 ? A ASN 17  
18 1 Y 1 A LEU 1852 ? A LEU 18  
19 1 Y 1 A TYR 1853 ? A TYR 19  
20 1 Y 1 A PHE 1854 ? A PHE 20  
21 1 Y 1 A GLN 1855 ? A GLN 21  
22 1 Y 1 A VAL 1971 ? A VAL 137 
23 1 Y 1 A SER 1972 ? A SER 138 
# 
loop_
_chem_comp_atom.comp_id 
_chem_comp_atom.atom_id 
_chem_comp_atom.type_symbol 
_chem_comp_atom.pdbx_aromatic_flag 
_chem_comp_atom.pdbx_stereo_config 
_chem_comp_atom.pdbx_ordinal 
8HJ N1   N N N 1   
8HJ C4   C Y N 2   
8HJ C5   C Y N 3   
8HJ C6   C Y N 4   
8HJ C7   C Y N 5   
8HJ C8   C Y N 6   
8HJ C1   C N N 7   
8HJ C2   C N N 8   
8HJ C3   C Y N 9   
8HJ C9   C N N 10  
8HJ O1   O N N 11  
8HJ O2   O N N 12  
8HJ H8   H N N 13  
8HJ H5   H N N 14  
8HJ H6   H N N 15  
8HJ H7   H N N 16  
8HJ H2   H N N 17  
8HJ H1   H N N 18  
8HJ H4   H N N 19  
8HJ H3   H N N 20  
8HJ H9   H N N 21  
ALA N    N N N 22  
ALA CA   C N S 23  
ALA C    C N N 24  
ALA O    O N N 25  
ALA CB   C N N 26  
ALA OXT  O N N 27  
ALA H    H N N 28  
ALA H2   H N N 29  
ALA HA   H N N 30  
ALA HB1  H N N 31  
ALA HB2  H N N 32  
ALA HB3  H N N 33  
ALA HXT  H N N 34  
ARG N    N N N 35  
ARG CA   C N S 36  
ARG C    C N N 37  
ARG O    O N N 38  
ARG CB   C N N 39  
ARG CG   C N N 40  
ARG CD   C N N 41  
ARG NE   N N N 42  
ARG CZ   C N N 43  
ARG NH1  N N N 44  
ARG NH2  N N N 45  
ARG OXT  O N N 46  
ARG H    H N N 47  
ARG H2   H N N 48  
ARG HA   H N N 49  
ARG HB2  H N N 50  
ARG HB3  H N N 51  
ARG HG2  H N N 52  
ARG HG3  H N N 53  
ARG HD2  H N N 54  
ARG HD3  H N N 55  
ARG HE   H N N 56  
ARG HH11 H N N 57  
ARG HH12 H N N 58  
ARG HH21 H N N 59  
ARG HH22 H N N 60  
ARG HXT  H N N 61  
ASN N    N N N 62  
ASN CA   C N S 63  
ASN C    C N N 64  
ASN O    O N N 65  
ASN CB   C N N 66  
ASN CG   C N N 67  
ASN OD1  O N N 68  
ASN ND2  N N N 69  
ASN OXT  O N N 70  
ASN H    H N N 71  
ASN H2   H N N 72  
ASN HA   H N N 73  
ASN HB2  H N N 74  
ASN HB3  H N N 75  
ASN HD21 H N N 76  
ASN HD22 H N N 77  
ASN HXT  H N N 78  
ASP N    N N N 79  
ASP CA   C N S 80  
ASP C    C N N 81  
ASP O    O N N 82  
ASP CB   C N N 83  
ASP CG   C N N 84  
ASP OD1  O N N 85  
ASP OD2  O N N 86  
ASP OXT  O N N 87  
ASP H    H N N 88  
ASP H2   H N N 89  
ASP HA   H N N 90  
ASP HB2  H N N 91  
ASP HB3  H N N 92  
ASP HD2  H N N 93  
ASP HXT  H N N 94  
CYS N    N N N 95  
CYS CA   C N R 96  
CYS C    C N N 97  
CYS O    O N N 98  
CYS CB   C N N 99  
CYS SG   S N N 100 
CYS OXT  O N N 101 
CYS H    H N N 102 
CYS H2   H N N 103 
CYS HA   H N N 104 
CYS HB2  H N N 105 
CYS HB3  H N N 106 
CYS HG   H N N 107 
CYS HXT  H N N 108 
EDO C1   C N N 109 
EDO O1   O N N 110 
EDO C2   C N N 111 
EDO O2   O N N 112 
EDO H11  H N N 113 
EDO H12  H N N 114 
EDO HO1  H N N 115 
EDO H21  H N N 116 
EDO H22  H N N 117 
EDO HO2  H N N 118 
GLN N    N N N 119 
GLN CA   C N S 120 
GLN C    C N N 121 
GLN O    O N N 122 
GLN CB   C N N 123 
GLN CG   C N N 124 
GLN CD   C N N 125 
GLN OE1  O N N 126 
GLN NE2  N N N 127 
GLN OXT  O N N 128 
GLN H    H N N 129 
GLN H2   H N N 130 
GLN HA   H N N 131 
GLN HB2  H N N 132 
GLN HB3  H N N 133 
GLN HG2  H N N 134 
GLN HG3  H N N 135 
GLN HE21 H N N 136 
GLN HE22 H N N 137 
GLN HXT  H N N 138 
GLU N    N N N 139 
GLU CA   C N S 140 
GLU C    C N N 141 
GLU O    O N N 142 
GLU CB   C N N 143 
GLU CG   C N N 144 
GLU CD   C N N 145 
GLU OE1  O N N 146 
GLU OE2  O N N 147 
GLU OXT  O N N 148 
GLU H    H N N 149 
GLU H2   H N N 150 
GLU HA   H N N 151 
GLU HB2  H N N 152 
GLU HB3  H N N 153 
GLU HG2  H N N 154 
GLU HG3  H N N 155 
GLU HE2  H N N 156 
GLU HXT  H N N 157 
GLY N    N N N 158 
GLY CA   C N N 159 
GLY C    C N N 160 
GLY O    O N N 161 
GLY OXT  O N N 162 
GLY H    H N N 163 
GLY H2   H N N 164 
GLY HA2  H N N 165 
GLY HA3  H N N 166 
GLY HXT  H N N 167 
HIS N    N N N 168 
HIS CA   C N S 169 
HIS C    C N N 170 
HIS O    O N N 171 
HIS CB   C N N 172 
HIS CG   C Y N 173 
HIS ND1  N Y N 174 
HIS CD2  C Y N 175 
HIS CE1  C Y N 176 
HIS NE2  N Y N 177 
HIS OXT  O N N 178 
HIS H    H N N 179 
HIS H2   H N N 180 
HIS HA   H N N 181 
HIS HB2  H N N 182 
HIS HB3  H N N 183 
HIS HD1  H N N 184 
HIS HD2  H N N 185 
HIS HE1  H N N 186 
HIS HE2  H N N 187 
HIS HXT  H N N 188 
HOH O    O N N 189 
HOH H1   H N N 190 
HOH H2   H N N 191 
ILE N    N N N 192 
ILE CA   C N S 193 
ILE C    C N N 194 
ILE O    O N N 195 
ILE CB   C N S 196 
ILE CG1  C N N 197 
ILE CG2  C N N 198 
ILE CD1  C N N 199 
ILE OXT  O N N 200 
ILE H    H N N 201 
ILE H2   H N N 202 
ILE HA   H N N 203 
ILE HB   H N N 204 
ILE HG12 H N N 205 
ILE HG13 H N N 206 
ILE HG21 H N N 207 
ILE HG22 H N N 208 
ILE HG23 H N N 209 
ILE HD11 H N N 210 
ILE HD12 H N N 211 
ILE HD13 H N N 212 
ILE HXT  H N N 213 
LEU N    N N N 214 
LEU CA   C N S 215 
LEU C    C N N 216 
LEU O    O N N 217 
LEU CB   C N N 218 
LEU CG   C N N 219 
LEU CD1  C N N 220 
LEU CD2  C N N 221 
LEU OXT  O N N 222 
LEU H    H N N 223 
LEU H2   H N N 224 
LEU HA   H N N 225 
LEU HB2  H N N 226 
LEU HB3  H N N 227 
LEU HG   H N N 228 
LEU HD11 H N N 229 
LEU HD12 H N N 230 
LEU HD13 H N N 231 
LEU HD21 H N N 232 
LEU HD22 H N N 233 
LEU HD23 H N N 234 
LEU HXT  H N N 235 
LYS N    N N N 236 
LYS CA   C N S 237 
LYS C    C N N 238 
LYS O    O N N 239 
LYS CB   C N N 240 
LYS CG   C N N 241 
LYS CD   C N N 242 
LYS CE   C N N 243 
LYS NZ   N N N 244 
LYS OXT  O N N 245 
LYS H    H N N 246 
LYS H2   H N N 247 
LYS HA   H N N 248 
LYS HB2  H N N 249 
LYS HB3  H N N 250 
LYS HG2  H N N 251 
LYS HG3  H N N 252 
LYS HD2  H N N 253 
LYS HD3  H N N 254 
LYS HE2  H N N 255 
LYS HE3  H N N 256 
LYS HZ1  H N N 257 
LYS HZ2  H N N 258 
LYS HZ3  H N N 259 
LYS HXT  H N N 260 
MET N    N N N 261 
MET CA   C N S 262 
MET C    C N N 263 
MET O    O N N 264 
MET CB   C N N 265 
MET CG   C N N 266 
MET SD   S N N 267 
MET CE   C N N 268 
MET OXT  O N N 269 
MET H    H N N 270 
MET H2   H N N 271 
MET HA   H N N 272 
MET HB2  H N N 273 
MET HB3  H N N 274 
MET HG2  H N N 275 
MET HG3  H N N 276 
MET HE1  H N N 277 
MET HE2  H N N 278 
MET HE3  H N N 279 
MET HXT  H N N 280 
PHE N    N N N 281 
PHE CA   C N S 282 
PHE C    C N N 283 
PHE O    O N N 284 
PHE CB   C N N 285 
PHE CG   C Y N 286 
PHE CD1  C Y N 287 
PHE CD2  C Y N 288 
PHE CE1  C Y N 289 
PHE CE2  C Y N 290 
PHE CZ   C Y N 291 
PHE OXT  O N N 292 
PHE H    H N N 293 
PHE H2   H N N 294 
PHE HA   H N N 295 
PHE HB2  H N N 296 
PHE HB3  H N N 297 
PHE HD1  H N N 298 
PHE HD2  H N N 299 
PHE HE1  H N N 300 
PHE HE2  H N N 301 
PHE HZ   H N N 302 
PHE HXT  H N N 303 
PRO N    N N N 304 
PRO CA   C N S 305 
PRO C    C N N 306 
PRO O    O N N 307 
PRO CB   C N N 308 
PRO CG   C N N 309 
PRO CD   C N N 310 
PRO OXT  O N N 311 
PRO H    H N N 312 
PRO HA   H N N 313 
PRO HB2  H N N 314 
PRO HB3  H N N 315 
PRO HG2  H N N 316 
PRO HG3  H N N 317 
PRO HD2  H N N 318 
PRO HD3  H N N 319 
PRO HXT  H N N 320 
SER N    N N N 321 
SER CA   C N S 322 
SER C    C N N 323 
SER O    O N N 324 
SER CB   C N N 325 
SER OG   O N N 326 
SER OXT  O N N 327 
SER H    H N N 328 
SER H2   H N N 329 
SER HA   H N N 330 
SER HB2  H N N 331 
SER HB3  H N N 332 
SER HG   H N N 333 
SER HXT  H N N 334 
THR N    N N N 335 
THR CA   C N S 336 
THR C    C N N 337 
THR O    O N N 338 
THR CB   C N R 339 
THR OG1  O N N 340 
THR CG2  C N N 341 
THR OXT  O N N 342 
THR H    H N N 343 
THR H2   H N N 344 
THR HA   H N N 345 
THR HB   H N N 346 
THR HG1  H N N 347 
THR HG21 H N N 348 
THR HG22 H N N 349 
THR HG23 H N N 350 
THR HXT  H N N 351 
TRP N    N N N 352 
TRP CA   C N S 353 
TRP C    C N N 354 
TRP O    O N N 355 
TRP CB   C N N 356 
TRP CG   C Y N 357 
TRP CD1  C Y N 358 
TRP CD2  C Y N 359 
TRP NE1  N Y N 360 
TRP CE2  C Y N 361 
TRP CE3  C Y N 362 
TRP CZ2  C Y N 363 
TRP CZ3  C Y N 364 
TRP CH2  C Y N 365 
TRP OXT  O N N 366 
TRP H    H N N 367 
TRP H2   H N N 368 
TRP HA   H N N 369 
TRP HB2  H N N 370 
TRP HB3  H N N 371 
TRP HD1  H N N 372 
TRP HE1  H N N 373 
TRP HE3  H N N 374 
TRP HZ2  H N N 375 
TRP HZ3  H N N 376 
TRP HH2  H N N 377 
TRP HXT  H N N 378 
TYR N    N N N 379 
TYR CA   C N S 380 
TYR C    C N N 381 
TYR O    O N N 382 
TYR CB   C N N 383 
TYR CG   C Y N 384 
TYR CD1  C Y N 385 
TYR CD2  C Y N 386 
TYR CE1  C Y N 387 
TYR CE2  C Y N 388 
TYR CZ   C Y N 389 
TYR OH   O N N 390 
TYR OXT  O N N 391 
TYR H    H N N 392 
TYR H2   H N N 393 
TYR HA   H N N 394 
TYR HB2  H N N 395 
TYR HB3  H N N 396 
TYR HD1  H N N 397 
TYR HD2  H N N 398 
TYR HE1  H N N 399 
TYR HE2  H N N 400 
TYR HH   H N N 401 
TYR HXT  H N N 402 
VAL N    N N N 403 
VAL CA   C N S 404 
VAL C    C N N 405 
VAL O    O N N 406 
VAL CB   C N N 407 
VAL CG1  C N N 408 
VAL CG2  C N N 409 
VAL OXT  O N N 410 
VAL H    H N N 411 
VAL H2   H N N 412 
VAL HA   H N N 413 
VAL HB   H N N 414 
VAL HG11 H N N 415 
VAL HG12 H N N 416 
VAL HG13 H N N 417 
VAL HG21 H N N 418 
VAL HG22 H N N 419 
VAL HG23 H N N 420 
VAL HXT  H N N 421 
# 
loop_
_chem_comp_bond.comp_id 
_chem_comp_bond.atom_id_1 
_chem_comp_bond.atom_id_2 
_chem_comp_bond.value_order 
_chem_comp_bond.pdbx_aromatic_flag 
_chem_comp_bond.pdbx_stereo_config 
_chem_comp_bond.pdbx_ordinal 
8HJ C2  C1   sing N N 1   
8HJ C2  C3   sing N N 2   
8HJ C1  C9   sing N N 3   
8HJ C4  C3   doub Y N 4   
8HJ C4  C5   sing Y N 5   
8HJ C3  C8   sing Y N 6   
8HJ C9  O1   doub N N 7   
8HJ C9  N1   sing N N 8   
8HJ C5  C6   doub Y N 9   
8HJ C8  N1   sing N N 10  
8HJ C8  C7   doub Y N 11  
8HJ C6  C7   sing Y N 12  
8HJ C6  O2   sing N N 13  
8HJ N1  H8   sing N N 14  
8HJ C4  H5   sing N N 15  
8HJ C5  H6   sing N N 16  
8HJ C7  H7   sing N N 17  
8HJ C1  H2   sing N N 18  
8HJ C1  H1   sing N N 19  
8HJ C2  H4   sing N N 20  
8HJ C2  H3   sing N N 21  
8HJ O2  H9   sing N N 22  
ALA N   CA   sing N N 23  
ALA N   H    sing N N 24  
ALA N   H2   sing N N 25  
ALA CA  C    sing N N 26  
ALA CA  CB   sing N N 27  
ALA CA  HA   sing N N 28  
ALA C   O    doub N N 29  
ALA C   OXT  sing N N 30  
ALA CB  HB1  sing N N 31  
ALA CB  HB2  sing N N 32  
ALA CB  HB3  sing N N 33  
ALA OXT HXT  sing N N 34  
ARG N   CA   sing N N 35  
ARG N   H    sing N N 36  
ARG N   H2   sing N N 37  
ARG CA  C    sing N N 38  
ARG CA  CB   sing N N 39  
ARG CA  HA   sing N N 40  
ARG C   O    doub N N 41  
ARG C   OXT  sing N N 42  
ARG CB  CG   sing N N 43  
ARG CB  HB2  sing N N 44  
ARG CB  HB3  sing N N 45  
ARG CG  CD   sing N N 46  
ARG CG  HG2  sing N N 47  
ARG CG  HG3  sing N N 48  
ARG CD  NE   sing N N 49  
ARG CD  HD2  sing N N 50  
ARG CD  HD3  sing N N 51  
ARG NE  CZ   sing N N 52  
ARG NE  HE   sing N N 53  
ARG CZ  NH1  sing N N 54  
ARG CZ  NH2  doub N N 55  
ARG NH1 HH11 sing N N 56  
ARG NH1 HH12 sing N N 57  
ARG NH2 HH21 sing N N 58  
ARG NH2 HH22 sing N N 59  
ARG OXT HXT  sing N N 60  
ASN N   CA   sing N N 61  
ASN N   H    sing N N 62  
ASN N   H2   sing N N 63  
ASN CA  C    sing N N 64  
ASN CA  CB   sing N N 65  
ASN CA  HA   sing N N 66  
ASN C   O    doub N N 67  
ASN C   OXT  sing N N 68  
ASN CB  CG   sing N N 69  
ASN CB  HB2  sing N N 70  
ASN CB  HB3  sing N N 71  
ASN CG  OD1  doub N N 72  
ASN CG  ND2  sing N N 73  
ASN ND2 HD21 sing N N 74  
ASN ND2 HD22 sing N N 75  
ASN OXT HXT  sing N N 76  
ASP N   CA   sing N N 77  
ASP N   H    sing N N 78  
ASP N   H2   sing N N 79  
ASP CA  C    sing N N 80  
ASP CA  CB   sing N N 81  
ASP CA  HA   sing N N 82  
ASP C   O    doub N N 83  
ASP C   OXT  sing N N 84  
ASP CB  CG   sing N N 85  
ASP CB  HB2  sing N N 86  
ASP CB  HB3  sing N N 87  
ASP CG  OD1  doub N N 88  
ASP CG  OD2  sing N N 89  
ASP OD2 HD2  sing N N 90  
ASP OXT HXT  sing N N 91  
CYS N   CA   sing N N 92  
CYS N   H    sing N N 93  
CYS N   H2   sing N N 94  
CYS CA  C    sing N N 95  
CYS CA  CB   sing N N 96  
CYS CA  HA   sing N N 97  
CYS C   O    doub N N 98  
CYS C   OXT  sing N N 99  
CYS CB  SG   sing N N 100 
CYS CB  HB2  sing N N 101 
CYS CB  HB3  sing N N 102 
CYS SG  HG   sing N N 103 
CYS OXT HXT  sing N N 104 
EDO C1  O1   sing N N 105 
EDO C1  C2   sing N N 106 
EDO C1  H11  sing N N 107 
EDO C1  H12  sing N N 108 
EDO O1  HO1  sing N N 109 
EDO C2  O2   sing N N 110 
EDO C2  H21  sing N N 111 
EDO C2  H22  sing N N 112 
EDO O2  HO2  sing N N 113 
GLN N   CA   sing N N 114 
GLN N   H    sing N N 115 
GLN N   H2   sing N N 116 
GLN CA  C    sing N N 117 
GLN CA  CB   sing N N 118 
GLN CA  HA   sing N N 119 
GLN C   O    doub N N 120 
GLN C   OXT  sing N N 121 
GLN CB  CG   sing N N 122 
GLN CB  HB2  sing N N 123 
GLN CB  HB3  sing N N 124 
GLN CG  CD   sing N N 125 
GLN CG  HG2  sing N N 126 
GLN CG  HG3  sing N N 127 
GLN CD  OE1  doub N N 128 
GLN CD  NE2  sing N N 129 
GLN NE2 HE21 sing N N 130 
GLN NE2 HE22 sing N N 131 
GLN OXT HXT  sing N N 132 
GLU N   CA   sing N N 133 
GLU N   H    sing N N 134 
GLU N   H2   sing N N 135 
GLU CA  C    sing N N 136 
GLU CA  CB   sing N N 137 
GLU CA  HA   sing N N 138 
GLU C   O    doub N N 139 
GLU C   OXT  sing N N 140 
GLU CB  CG   sing N N 141 
GLU CB  HB2  sing N N 142 
GLU CB  HB3  sing N N 143 
GLU CG  CD   sing N N 144 
GLU CG  HG2  sing N N 145 
GLU CG  HG3  sing N N 146 
GLU CD  OE1  doub N N 147 
GLU CD  OE2  sing N N 148 
GLU OE2 HE2  sing N N 149 
GLU OXT HXT  sing N N 150 
GLY N   CA   sing N N 151 
GLY N   H    sing N N 152 
GLY N   H2   sing N N 153 
GLY CA  C    sing N N 154 
GLY CA  HA2  sing N N 155 
GLY CA  HA3  sing N N 156 
GLY C   O    doub N N 157 
GLY C   OXT  sing N N 158 
GLY OXT HXT  sing N N 159 
HIS N   CA   sing N N 160 
HIS N   H    sing N N 161 
HIS N   H2   sing N N 162 
HIS CA  C    sing N N 163 
HIS CA  CB   sing N N 164 
HIS CA  HA   sing N N 165 
HIS C   O    doub N N 166 
HIS C   OXT  sing N N 167 
HIS CB  CG   sing N N 168 
HIS CB  HB2  sing N N 169 
HIS CB  HB3  sing N N 170 
HIS CG  ND1  sing Y N 171 
HIS CG  CD2  doub Y N 172 
HIS ND1 CE1  doub Y N 173 
HIS ND1 HD1  sing N N 174 
HIS CD2 NE2  sing Y N 175 
HIS CD2 HD2  sing N N 176 
HIS CE1 NE2  sing Y N 177 
HIS CE1 HE1  sing N N 178 
HIS NE2 HE2  sing N N 179 
HIS OXT HXT  sing N N 180 
HOH O   H1   sing N N 181 
HOH O   H2   sing N N 182 
ILE N   CA   sing N N 183 
ILE N   H    sing N N 184 
ILE N   H2   sing N N 185 
ILE CA  C    sing N N 186 
ILE CA  CB   sing N N 187 
ILE CA  HA   sing N N 188 
ILE C   O    doub N N 189 
ILE C   OXT  sing N N 190 
ILE CB  CG1  sing N N 191 
ILE CB  CG2  sing N N 192 
ILE CB  HB   sing N N 193 
ILE CG1 CD1  sing N N 194 
ILE CG1 HG12 sing N N 195 
ILE CG1 HG13 sing N N 196 
ILE CG2 HG21 sing N N 197 
ILE CG2 HG22 sing N N 198 
ILE CG2 HG23 sing N N 199 
ILE CD1 HD11 sing N N 200 
ILE CD1 HD12 sing N N 201 
ILE CD1 HD13 sing N N 202 
ILE OXT HXT  sing N N 203 
LEU N   CA   sing N N 204 
LEU N   H    sing N N 205 
LEU N   H2   sing N N 206 
LEU CA  C    sing N N 207 
LEU CA  CB   sing N N 208 
LEU CA  HA   sing N N 209 
LEU C   O    doub N N 210 
LEU C   OXT  sing N N 211 
LEU CB  CG   sing N N 212 
LEU CB  HB2  sing N N 213 
LEU CB  HB3  sing N N 214 
LEU CG  CD1  sing N N 215 
LEU CG  CD2  sing N N 216 
LEU CG  HG   sing N N 217 
LEU CD1 HD11 sing N N 218 
LEU CD1 HD12 sing N N 219 
LEU CD1 HD13 sing N N 220 
LEU CD2 HD21 sing N N 221 
LEU CD2 HD22 sing N N 222 
LEU CD2 HD23 sing N N 223 
LEU OXT HXT  sing N N 224 
LYS N   CA   sing N N 225 
LYS N   H    sing N N 226 
LYS N   H2   sing N N 227 
LYS CA  C    sing N N 228 
LYS CA  CB   sing N N 229 
LYS CA  HA   sing N N 230 
LYS C   O    doub N N 231 
LYS C   OXT  sing N N 232 
LYS CB  CG   sing N N 233 
LYS CB  HB2  sing N N 234 
LYS CB  HB3  sing N N 235 
LYS CG  CD   sing N N 236 
LYS CG  HG2  sing N N 237 
LYS CG  HG3  sing N N 238 
LYS CD  CE   sing N N 239 
LYS CD  HD2  sing N N 240 
LYS CD  HD3  sing N N 241 
LYS CE  NZ   sing N N 242 
LYS CE  HE2  sing N N 243 
LYS CE  HE3  sing N N 244 
LYS NZ  HZ1  sing N N 245 
LYS NZ  HZ2  sing N N 246 
LYS NZ  HZ3  sing N N 247 
LYS OXT HXT  sing N N 248 
MET N   CA   sing N N 249 
MET N   H    sing N N 250 
MET N   H2   sing N N 251 
MET CA  C    sing N N 252 
MET CA  CB   sing N N 253 
MET CA  HA   sing N N 254 
MET C   O    doub N N 255 
MET C   OXT  sing N N 256 
MET CB  CG   sing N N 257 
MET CB  HB2  sing N N 258 
MET CB  HB3  sing N N 259 
MET CG  SD   sing N N 260 
MET CG  HG2  sing N N 261 
MET CG  HG3  sing N N 262 
MET SD  CE   sing N N 263 
MET CE  HE1  sing N N 264 
MET CE  HE2  sing N N 265 
MET CE  HE3  sing N N 266 
MET OXT HXT  sing N N 267 
PHE N   CA   sing N N 268 
PHE N   H    sing N N 269 
PHE N   H2   sing N N 270 
PHE CA  C    sing N N 271 
PHE CA  CB   sing N N 272 
PHE CA  HA   sing N N 273 
PHE C   O    doub N N 274 
PHE C   OXT  sing N N 275 
PHE CB  CG   sing N N 276 
PHE CB  HB2  sing N N 277 
PHE CB  HB3  sing N N 278 
PHE CG  CD1  doub Y N 279 
PHE CG  CD2  sing Y N 280 
PHE CD1 CE1  sing Y N 281 
PHE CD1 HD1  sing N N 282 
PHE CD2 CE2  doub Y N 283 
PHE CD2 HD2  sing N N 284 
PHE CE1 CZ   doub Y N 285 
PHE CE1 HE1  sing N N 286 
PHE CE2 CZ   sing Y N 287 
PHE CE2 HE2  sing N N 288 
PHE CZ  HZ   sing N N 289 
PHE OXT HXT  sing N N 290 
PRO N   CA   sing N N 291 
PRO N   CD   sing N N 292 
PRO N   H    sing N N 293 
PRO CA  C    sing N N 294 
PRO CA  CB   sing N N 295 
PRO CA  HA   sing N N 296 
PRO C   O    doub N N 297 
PRO C   OXT  sing N N 298 
PRO CB  CG   sing N N 299 
PRO CB  HB2  sing N N 300 
PRO CB  HB3  sing N N 301 
PRO CG  CD   sing N N 302 
PRO CG  HG2  sing N N 303 
PRO CG  HG3  sing N N 304 
PRO CD  HD2  sing N N 305 
PRO CD  HD3  sing N N 306 
PRO OXT HXT  sing N N 307 
SER N   CA   sing N N 308 
SER N   H    sing N N 309 
SER N   H2   sing N N 310 
SER CA  C    sing N N 311 
SER CA  CB   sing N N 312 
SER CA  HA   sing N N 313 
SER C   O    doub N N 314 
SER C   OXT  sing N N 315 
SER CB  OG   sing N N 316 
SER CB  HB2  sing N N 317 
SER CB  HB3  sing N N 318 
SER OG  HG   sing N N 319 
SER OXT HXT  sing N N 320 
THR N   CA   sing N N 321 
THR N   H    sing N N 322 
THR N   H2   sing N N 323 
THR CA  C    sing N N 324 
THR CA  CB   sing N N 325 
THR CA  HA   sing N N 326 
THR C   O    doub N N 327 
THR C   OXT  sing N N 328 
THR CB  OG1  sing N N 329 
THR CB  CG2  sing N N 330 
THR CB  HB   sing N N 331 
THR OG1 HG1  sing N N 332 
THR CG2 HG21 sing N N 333 
THR CG2 HG22 sing N N 334 
THR CG2 HG23 sing N N 335 
THR OXT HXT  sing N N 336 
TRP N   CA   sing N N 337 
TRP N   H    sing N N 338 
TRP N   H2   sing N N 339 
TRP CA  C    sing N N 340 
TRP CA  CB   sing N N 341 
TRP CA  HA   sing N N 342 
TRP C   O    doub N N 343 
TRP C   OXT  sing N N 344 
TRP CB  CG   sing N N 345 
TRP CB  HB2  sing N N 346 
TRP CB  HB3  sing N N 347 
TRP CG  CD1  doub Y N 348 
TRP CG  CD2  sing Y N 349 
TRP CD1 NE1  sing Y N 350 
TRP CD1 HD1  sing N N 351 
TRP CD2 CE2  doub Y N 352 
TRP CD2 CE3  sing Y N 353 
TRP NE1 CE2  sing Y N 354 
TRP NE1 HE1  sing N N 355 
TRP CE2 CZ2  sing Y N 356 
TRP CE3 CZ3  doub Y N 357 
TRP CE3 HE3  sing N N 358 
TRP CZ2 CH2  doub Y N 359 
TRP CZ2 HZ2  sing N N 360 
TRP CZ3 CH2  sing Y N 361 
TRP CZ3 HZ3  sing N N 362 
TRP CH2 HH2  sing N N 363 
TRP OXT HXT  sing N N 364 
TYR N   CA   sing N N 365 
TYR N   H    sing N N 366 
TYR N   H2   sing N N 367 
TYR CA  C    sing N N 368 
TYR CA  CB   sing N N 369 
TYR CA  HA   sing N N 370 
TYR C   O    doub N N 371 
TYR C   OXT  sing N N 372 
TYR CB  CG   sing N N 373 
TYR CB  HB2  sing N N 374 
TYR CB  HB3  sing N N 375 
TYR CG  CD1  doub Y N 376 
TYR CG  CD2  sing Y N 377 
TYR CD1 CE1  sing Y N 378 
TYR CD1 HD1  sing N N 379 
TYR CD2 CE2  doub Y N 380 
TYR CD2 HD2  sing N N 381 
TYR CE1 CZ   doub Y N 382 
TYR CE1 HE1  sing N N 383 
TYR CE2 CZ   sing Y N 384 
TYR CE2 HE2  sing N N 385 
TYR CZ  OH   sing N N 386 
TYR OH  HH   sing N N 387 
TYR OXT HXT  sing N N 388 
VAL N   CA   sing N N 389 
VAL N   H    sing N N 390 
VAL N   H2   sing N N 391 
VAL CA  C    sing N N 392 
VAL CA  CB   sing N N 393 
VAL CA  HA   sing N N 394 
VAL C   O    doub N N 395 
VAL C   OXT  sing N N 396 
VAL CB  CG1  sing N N 397 
VAL CB  CG2  sing N N 398 
VAL CB  HB   sing N N 399 
VAL CG1 HG11 sing N N 400 
VAL CG1 HG12 sing N N 401 
VAL CG1 HG13 sing N N 402 
VAL CG2 HG21 sing N N 403 
VAL CG2 HG22 sing N N 404 
VAL CG2 HG23 sing N N 405 
VAL OXT HXT  sing N N 406 
# 
_pdbx_deposit_group.group_id            G_1002018 
_pdbx_deposit_group.group_description   
;bromodomain of human BAZ2B screened against the ZENOBIA Fragment Library by X-ray Crystallography at the XChem
facility of Diamond Light Source beamline I04-1. Check out the PanDDA event maps at
https://zenodo.org/record/290199/files/0_index.html
;
_pdbx_deposit_group.group_title         'PanDDA analysis group deposition of models with modelled events (e.g. bound ligands)' 
_pdbx_deposit_group.group_type          'changed state' 
# 
_atom_sites.entry_id                    5PBF 
_atom_sites.fract_transf_matrix[1][1]   0.01200682 
_atom_sites.fract_transf_matrix[1][2]   -0.00210587 
_atom_sites.fract_transf_matrix[1][3]   0.00145819 
_atom_sites.fract_transf_matrix[2][1]   0.00129845 
_atom_sites.fract_transf_matrix[2][2]   0.00028895 
_atom_sites.fract_transf_matrix[2][3]   -0.01027425 
_atom_sites.fract_transf_matrix[3][1]   0.00287741 
_atom_sites.fract_transf_matrix[3][2]   0.01698851 
_atom_sites.fract_transf_matrix[3][3]   0.00084143 
_atom_sites.fract_transf_vector[1]      0.289748 
_atom_sites.fract_transf_vector[2]      0.289325 
_atom_sites.fract_transf_vector[3]      0.462325 
# 
loop_
_atom_type.symbol 
C 
H 
N 
O 
S 
# 
loop_
_atom_site.group_PDB 
_atom_site.id 
_atom_site.type_symbol 
_atom_site.label_atom_id 
_atom_site.label_alt_id 
_atom_site.label_comp_id 
_atom_site.label_asym_id 
_atom_site.label_entity_id 
_atom_site.label_seq_id 
_atom_site.pdbx_PDB_ins_code 
_atom_site.Cartn_x 
_atom_site.Cartn_y 
_atom_site.Cartn_z 
_atom_site.occupancy 
_atom_site.B_iso_or_equiv 
_atom_site.pdbx_formal_charge 
_atom_site.auth_seq_id 
_atom_site.auth_comp_id 
_atom_site.auth_asym_id 
_atom_site.auth_atom_id 
_atom_site.pdbx_PDB_model_num 
ATOM   1    N N   . SER A 1 22  ? 24.432  -14.765 11.534  1.00 33.64 ? 1856 SER A N   1 
ATOM   2    C CA  . SER A 1 22  ? 24.811  -16.031 10.917  1.00 35.57 ? 1856 SER A CA  1 
ATOM   3    C C   . SER A 1 22  ? 24.458  -17.175 11.861  1.00 39.04 ? 1856 SER A C   1 
ATOM   4    O O   . SER A 1 22  ? 23.802  -16.960 12.880  1.00 33.43 ? 1856 SER A O   1 
ATOM   5    C CB  . SER A 1 22  ? 26.301  -16.040 10.577  1.00 24.28 ? 1856 SER A CB  1 
ATOM   6    O OG  . SER A 1 22  ? 27.079  -16.173 11.754  1.00 27.09 ? 1856 SER A OG  1 
ATOM   7    N N   . MET A 1 23  ? 24.895  -18.388 11.531  1.00 36.09 ? 1857 MET A N   1 
ATOM   8    C CA  . MET A 1 23  ? 24.461  -19.570 12.271  1.00 34.95 ? 1857 MET A CA  1 
ATOM   9    C C   . MET A 1 23  ? 24.708  -19.448 13.777  1.00 33.93 ? 1857 MET A C   1 
ATOM   10   O O   . MET A 1 23  ? 25.848  -19.308 14.233  1.00 33.37 ? 1857 MET A O   1 
ATOM   11   C CB  . MET A 1 23  ? 25.155  -20.823 11.730  1.00 35.45 ? 1857 MET A CB  1 
ATOM   12   C CG  . MET A 1 23  ? 24.383  -22.086 12.000  1.00 28.88 ? 1857 MET A CG  1 
ATOM   13   S SD  . MET A 1 23  ? 25.255  -23.603 11.545  1.00 26.86 ? 1857 MET A SD  1 
ATOM   14   C CE  . MET A 1 23  ? 25.820  -23.232 9.885   1.00 26.78 ? 1857 MET A CE  1 
ATOM   15   N N   . SER A 1 24  ? 23.621  -19.473 14.547  1.00 35.29 ? 1858 SER A N   1 
ATOM   16   C CA  . SER A 1 24  ? 23.710  -19.377 16.003  1.00 34.53 ? 1858 SER A CA  1 
ATOM   17   C C   . SER A 1 24  ? 24.230  -18.006 16.455  1.00 37.68 ? 1858 SER A C   1 
ATOM   18   O O   . SER A 1 24  ? 24.765  -17.859 17.558  1.00 41.60 ? 1858 SER A O   1 
ATOM   19   C CB  . SER A 1 24  ? 24.605  -20.488 16.558  1.00 38.61 ? 1858 SER A CB  1 
ATOM   20   O OG  . SER A 1 24  ? 24.148  -21.763 16.131  1.00 33.03 ? 1858 SER A OG  1 
ATOM   21   N N   . VAL A 1 25  ? 24.086  -17.012 15.589  1.00 31.38 ? 1859 VAL A N   1 
ATOM   22   C CA  . VAL A 1 25  ? 24.438  -15.637 15.937  1.00 37.84 ? 1859 VAL A CA  1 
ATOM   23   C C   . VAL A 1 25  ? 23.266  -14.746 15.575  1.00 37.49 ? 1859 VAL A C   1 
ATOM   24   O O   . VAL A 1 25  ? 23.133  -14.303 14.430  1.00 37.66 ? 1859 VAL A O   1 
ATOM   25   C CB  . VAL A 1 25  ? 25.709  -15.141 15.212  1.00 35.16 ? 1859 VAL A CB  1 
ATOM   26   C CG1 . VAL A 1 25  ? 25.956  -13.661 15.525  1.00 35.82 ? 1859 VAL A CG1 1 
ATOM   27   C CG2 . VAL A 1 25  ? 26.902  -15.978 15.613  1.00 31.59 ? 1859 VAL A CG2 1 
ATOM   28   N N   . LYS A 1 26  ? 22.402  -14.497 16.553  1.00 45.20 ? 1860 LYS A N   1 
ATOM   29   C CA  . LYS A 1 26  ? 21.165  -13.777 16.283  1.00 45.29 ? 1860 LYS A CA  1 
ATOM   30   C C   . LYS A 1 26  ? 21.180  -12.323 16.733  1.00 37.17 ? 1860 LYS A C   1 
ATOM   31   O O   . LYS A 1 26  ? 21.583  -12.010 17.851  1.00 32.03 ? 1860 LYS A O   1 
ATOM   32   C CB  . LYS A 1 26  ? 19.986  -14.505 16.934  1.00 49.53 ? 1860 LYS A CB  1 
ATOM   33   C CG  . LYS A 1 26  ? 19.527  -15.701 16.110  1.00 58.47 ? 1860 LYS A CG  1 
ATOM   34   C CD  . LYS A 1 26  ? 19.304  -15.278 14.655  1.00 62.37 ? 1860 LYS A CD  1 
ATOM   35   C CE  . LYS A 1 26  ? 19.406  -16.455 13.694  1.00 57.91 ? 1860 LYS A CE  1 
ATOM   36   N NZ  . LYS A 1 26  ? 20.748  -17.097 13.760  1.00 49.83 ? 1860 LYS A NZ  1 
ATOM   37   N N   . LYS A 1 27  ? 20.761  -11.453 15.818  1.00 39.19 ? 1861 LYS A N   1 
ATOM   38   C CA  . LYS A 1 27  ? 20.434  -10.070 16.109  1.00 41.77 ? 1861 LYS A CA  1 
ATOM   39   C C   . LYS A 1 27  ? 19.259  -10.002 17.068  1.00 39.22 ? 1861 LYS A C   1 
ATOM   40   O O   . LYS A 1 27  ? 18.366  -10.844 17.005  1.00 42.66 ? 1861 LYS A O   1 
ATOM   41   C CB  . LYS A 1 27  ? 20.056  -9.331  14.821  1.00 48.85 ? 1861 LYS A CB  1 
ATOM   42   C CG  . LYS A 1 27  ? 21.051  -8.327  14.287  1.00 48.46 ? 1861 LYS A CG  1 
ATOM   43   C CD  . LYS A 1 27  ? 20.314  -7.169  13.599  1.00 51.57 ? 1861 LYS A CD  1 
ATOM   44   C CE  . LYS A 1 27  ? 20.996  -6.713  12.308  1.00 43.62 ? 1861 LYS A CE  1 
ATOM   45   N NZ  . LYS A 1 27  ? 20.722  -7.639  11.169  1.00 47.82 ? 1861 LYS A NZ  1 
ATOM   46   N N   A PRO A 1 28  ? 19.239  -9.002  17.965  0.42 43.10 ? 1862 PRO A N   1 
ATOM   47   N N   B PRO A 1 28  ? 19.269  -9.005  17.959  0.58 43.12 ? 1862 PRO A N   1 
ATOM   48   C CA  A PRO A 1 28  ? 18.152  -8.850  18.951  0.42 45.30 ? 1862 PRO A CA  1 
ATOM   49   C CA  B PRO A 1 28  ? 17.988  -8.612  18.540  0.58 46.68 ? 1862 PRO A CA  1 
ATOM   50   C C   A PRO A 1 28  ? 16.755  -8.807  18.314  0.42 44.48 ? 1862 PRO A C   1 
ATOM   51   C C   B PRO A 1 28  ? 17.107  -8.121  17.395  0.58 43.10 ? 1862 PRO A C   1 
ATOM   52   O O   A PRO A 1 28  ? 16.586  -8.198  17.257  0.42 42.50 ? 1862 PRO A O   1 
ATOM   53   O O   B PRO A 1 28  ? 17.636  -7.564  16.427  0.58 37.60 ? 1862 PRO A O   1 
ATOM   54   C CB  A PRO A 1 28  ? 18.480  -7.515  19.626  0.42 45.19 ? 1862 PRO A CB  1 
ATOM   55   C CB  B PRO A 1 28  ? 18.361  -7.485  19.509  0.58 45.12 ? 1862 PRO A CB  1 
ATOM   56   C CG  A PRO A 1 28  ? 19.962  -7.375  19.470  0.42 44.70 ? 1862 PRO A CG  1 
ATOM   57   C CG  B PRO A 1 28  ? 19.827  -7.706  19.799  0.58 44.77 ? 1862 PRO A CG  1 
ATOM   58   C CD  A PRO A 1 28  ? 20.285  -7.977  18.130  0.42 42.76 ? 1862 PRO A CD  1 
ATOM   59   C CD  B PRO A 1 28  ? 20.399  -8.249  18.524  0.58 42.96 ? 1862 PRO A CD  1 
ATOM   60   N N   A LYS A 1 29  ? 15.772  -9.435  18.956  0.42 38.97 ? 1863 LYS A N   1 
ATOM   61   N N   B LYS A 1 29  ? 15.802  -8.352  17.479  0.58 41.95 ? 1863 LYS A N   1 
ATOM   62   C CA  A LYS A 1 29  ? 14.444  -9.589  18.359  0.42 46.85 ? 1863 LYS A CA  1 
ATOM   63   C CA  B LYS A 1 29  ? 14.891  -7.959  16.408  0.58 42.30 ? 1863 LYS A CA  1 
ATOM   64   C C   A LYS A 1 29  ? 13.543  -8.355  18.499  0.42 41.10 ? 1863 LYS A C   1 
ATOM   65   C C   B LYS A 1 29  ? 13.677  -7.234  16.966  0.58 40.10 ? 1863 LYS A C   1 
ATOM   66   O O   A LYS A 1 29  ? 13.050  -8.064  19.589  0.42 43.14 ? 1863 LYS A O   1 
ATOM   67   O O   B LYS A 1 29  ? 13.388  -7.319  18.161  0.58 38.55 ? 1863 LYS A O   1 
ATOM   68   C CB  A LYS A 1 29  ? 13.739  -10.803 18.973  0.42 44.36 ? 1863 LYS A CB  1 
ATOM   69   C CB  B LYS A 1 29  ? 14.443  -9.181  15.600  0.58 38.97 ? 1863 LYS A CB  1 
ATOM   70   N N   A ARG A 1 30  ? 13.329  -7.642  17.392  0.42 40.96 ? 1864 ARG A N   1 
ATOM   71   N N   B ARG A 1 30  ? 12.975  -6.520  16.091  0.58 41.65 ? 1864 ARG A N   1 
ATOM   72   C CA  A ARG A 1 30  ? 12.354  -6.547  17.350  0.42 43.52 ? 1864 ARG A CA  1 
ATOM   73   C CA  B ARG A 1 30  ? 11.715  -5.869  16.442  0.58 40.81 ? 1864 ARG A CA  1 
ATOM   74   C C   A ARG A 1 30  ? 10.947  -7.112  17.498  0.42 42.26 ? 1864 ARG A C   1 
ATOM   75   C C   B ARG A 1 30  ? 10.728  -6.824  17.091  0.58 40.10 ? 1864 ARG A C   1 
ATOM   76   O O   A ARG A 1 30  ? 10.663  -8.215  17.028  0.42 43.23 ? 1864 ARG A O   1 
ATOM   77   O O   B ARG A 1 30  ? 10.576  -7.959  16.647  0.58 42.61 ? 1864 ARG A O   1 
ATOM   78   C CB  A ARG A 1 30  ? 12.462  -5.748  16.047  0.42 42.64 ? 1864 ARG A CB  1 
ATOM   79   C CB  B ARG A 1 30  ? 11.038  -5.279  15.201  0.58 41.42 ? 1864 ARG A CB  1 
ATOM   80   C CG  A ARG A 1 30  ? 11.368  -4.695  15.882  0.42 38.90 ? 1864 ARG A CG  1 
ATOM   81   C CG  B ARG A 1 30  ? 11.785  -4.190  14.471  0.58 40.57 ? 1864 ARG A CG  1 
ATOM   82   C CD  A ARG A 1 30  ? 10.980  -4.495  14.416  0.42 39.50 ? 1864 ARG A CD  1 
ATOM   83   C CD  B ARG A 1 30  ? 10.911  -3.645  13.341  0.58 38.76 ? 1864 ARG A CD  1 
ATOM   84   N NE  A ARG A 1 30  ? 9.758   -3.702  14.275  0.42 39.22 ? 1864 ARG A NE  1 
ATOM   85   N NE  B ARG A 1 30  ? 9.616   -3.173  13.837  0.58 36.65 ? 1864 ARG A NE  1 
ATOM   86   C CZ  A ARG A 1 30  ? 8.571   -4.201  13.932  0.42 37.74 ? 1864 ARG A CZ  1 
ATOM   87   C CZ  B ARG A 1 30  ? 8.461   -3.825  13.691  0.58 37.30 ? 1864 ARG A CZ  1 
ATOM   88   N NH1 A ARG A 1 30  ? 8.436   -5.498  13.679  0.42 33.71 ? 1864 ARG A NH1 1 
ATOM   89   N NH1 B ARG A 1 30  ? 7.343   -3.309  14.190  0.58 32.87 ? 1864 ARG A NH1 1 
ATOM   90   N NH2 A ARG A 1 30  ? 7.518   -3.400  13.833  0.42 33.94 ? 1864 ARG A NH2 1 
ATOM   91   N NH2 B ARG A 1 30  ? 8.415   -4.989  13.047  0.58 30.43 ? 1864 ARG A NH2 1 
ATOM   92   N N   . ASP A 1 31  ? 10.059  -6.361  18.144  1.00 40.04 ? 1865 ASP A N   1 
ATOM   93   C CA  . ASP A 1 31  ? 8.767   -6.921  18.507  1.00 42.53 ? 1865 ASP A CA  1 
ATOM   94   C C   . ASP A 1 31  ? 7.806   -6.690  17.327  1.00 35.88 ? 1865 ASP A C   1 
ATOM   95   O O   . ASP A 1 31  ? 7.451   -5.548  17.031  1.00 35.69 ? 1865 ASP A O   1 
ATOM   96   C CB  . ASP A 1 31  ? 8.231   -6.282  19.792  1.00 43.73 ? 1865 ASP A CB  1 
ATOM   97   C CG  . ASP A 1 31  ? 6.915   -6.893  20.250  1.00 44.48 ? 1865 ASP A CG  1 
ATOM   98   O OD1 . ASP A 1 31  ? 6.431   -7.855  19.610  1.00 40.16 ? 1865 ASP A OD1 1 
ATOM   99   O OD2 . ASP A 1 31  ? 6.369   -6.414  21.267  1.00 50.83 ? 1865 ASP A OD2 1 
ATOM   100  N N   . ASP A 1 32  ? 7.410   -7.768  16.655  1.00 38.40 ? 1866 ASP A N   1 
ATOM   101  C CA  . ASP A 1 32  ? 6.542   -7.666  15.474  1.00 37.25 ? 1866 ASP A CA  1 
ATOM   102  C C   . ASP A 1 32  ? 5.117   -8.147  15.750  1.00 36.18 ? 1866 ASP A C   1 
ATOM   103  O O   . ASP A 1 32  ? 4.325   -8.354  14.823  1.00 33.65 ? 1866 ASP A O   1 
ATOM   104  C CB  . ASP A 1 32  ? 7.143   -8.465  14.311  1.00 34.83 ? 1866 ASP A CB  1 
ATOM   105  C CG  . ASP A 1 32  ? 7.157   -9.967  14.575  1.00 36.66 ? 1866 ASP A CG  1 
ATOM   106  O OD1 . ASP A 1 32  ? 6.876   -10.384 15.716  1.00 40.73 ? 1866 ASP A OD1 1 
ATOM   107  O OD2 . ASP A 1 32  ? 7.466   -10.735 13.643  1.00 43.88 ? 1866 ASP A OD2 1 
ATOM   108  N N   . SER A 1 33  ? 4.792   -8.334  17.021  1.00 32.81 ? 1867 SER A N   1 
ATOM   109  C CA  . SER A 1 33  ? 3.554   -9.016  17.384  1.00 39.02 ? 1867 SER A CA  1 
ATOM   110  C C   . SER A 1 33  ? 2.316   -8.163  17.101  1.00 37.41 ? 1867 SER A C   1 
ATOM   111  O O   . SER A 1 33  ? 1.221   -8.698  16.927  1.00 39.28 ? 1867 SER A O   1 
ATOM   112  C CB  . SER A 1 33  ? 3.580   -9.418  18.860  1.00 39.96 ? 1867 SER A CB  1 
ATOM   113  O OG  . SER A 1 33  ? 3.666   -8.274  19.689  1.00 43.97 ? 1867 SER A OG  1 
ATOM   114  N N   . LYS A 1 34  ? 2.494   -6.847  17.052  1.00 34.66 ? 1868 LYS A N   1 
ATOM   115  C CA  . LYS A 1 34  ? 1.373   -5.946  16.809  1.00 33.98 ? 1868 LYS A CA  1 
ATOM   116  C C   . LYS A 1 34  ? 1.309   -5.454  15.358  1.00 31.62 ? 1868 LYS A C   1 
ATOM   117  O O   . LYS A 1 34  ? 0.477   -4.609  15.033  1.00 28.47 ? 1868 LYS A O   1 
ATOM   118  C CB  . LYS A 1 34  ? 1.444   -4.749  17.756  1.00 38.33 ? 1868 LYS A CB  1 
ATOM   119  C CG  . LYS A 1 34  ? 1.341   -5.123  19.235  1.00 38.97 ? 1868 LYS A CG  1 
ATOM   120  C CD  . LYS A 1 34  ? 1.655   -3.928  20.121  1.00 51.98 ? 1868 LYS A CD  1 
ATOM   121  N N   . ASP A 1 35  ? 2.167   -5.991  14.494  1.00 27.91 ? 1869 ASP A N   1 
ATOM   122  C CA  . ASP A 1 35  ? 2.296   -5.461  13.127  1.00 26.83 ? 1869 ASP A CA  1 
ATOM   123  C C   . ASP A 1 35  ? 1.009   -5.600  12.316  1.00 26.59 ? 1869 ASP A C   1 
ATOM   124  O O   . ASP A 1 35  ? 0.618   -4.663  11.603  1.00 27.35 ? 1869 ASP A O   1 
ATOM   125  C CB  . ASP A 1 35  ? 3.457   -6.141  12.386  1.00 26.76 ? 1869 ASP A CB  1 
ATOM   126  C CG  . ASP A 1 35  ? 4.826   -5.654  12.870  1.00 30.16 ? 1869 ASP A CG  1 
ATOM   127  O OD1 . ASP A 1 35  ? 4.863   -4.768  13.748  1.00 29.53 ? 1869 ASP A OD1 1 
ATOM   128  O OD2 . ASP A 1 35  ? 5.859   -6.140  12.364  1.00 28.35 ? 1869 ASP A OD2 1 
ATOM   129  N N   . LEU A 1 36  ? 0.360   -6.756  12.429  1.00 27.61 ? 1870 LEU A N   1 
ATOM   130  C CA  . LEU A 1 36  ? -0.887  -7.020  11.705  1.00 29.85 ? 1870 LEU A CA  1 
ATOM   131  C C   . LEU A 1 36  ? -1.966  -5.996  12.052  1.00 31.21 ? 1870 LEU A C   1 
ATOM   132  O O   . LEU A 1 36  ? -2.580  -5.401  11.164  1.00 29.35 ? 1870 LEU A O   1 
ATOM   133  C CB  . LEU A 1 36  ? -1.388  -8.438  11.995  1.00 31.37 ? 1870 LEU A CB  1 
ATOM   134  C CG  . LEU A 1 36  ? -2.671  -8.832  11.250  1.00 37.42 ? 1870 LEU A CG  1 
ATOM   135  C CD1 . LEU A 1 36  ? -2.428  -8.853  9.751   1.00 30.93 ? 1870 LEU A CD1 1 
ATOM   136  C CD2 . LEU A 1 36  ? -3.196  -10.185 11.724  1.00 36.56 ? 1870 LEU A CD2 1 
ATOM   137  N N   . ALA A 1 37  ? -2.181  -5.779  13.345  1.00 29.13 ? 1871 ALA A N   1 
ATOM   138  C CA  . ALA A 1 37  ? -3.156  -4.797  13.821  1.00 27.70 ? 1871 ALA A CA  1 
ATOM   139  C C   . ALA A 1 37  ? -2.836  -3.379  13.376  1.00 31.14 ? 1871 ALA A C   1 
ATOM   140  O O   . ALA A 1 37  ? -3.729  -2.620  12.988  1.00 31.85 ? 1871 ALA A O   1 
ATOM   141  C CB  . ALA A 1 37  ? -3.243  -4.845  15.341  1.00 27.14 ? 1871 ALA A CB  1 
ATOM   142  N N   . LEU A 1 38  ? -1.559  -3.014  13.462  1.00 27.08 ? 1872 LEU A N   1 
ATOM   143  C CA  . LEU A 1 38  ? -1.115  -1.681  13.079  1.00 29.28 ? 1872 LEU A CA  1 
ATOM   144  C C   . LEU A 1 38  ? -1.262  -1.432  11.574  1.00 27.17 ? 1872 LEU A C   1 
ATOM   145  O O   . LEU A 1 38  ? -1.721  -0.358  11.157  1.00 24.61 ? 1872 LEU A O   1 
ATOM   146  C CB  . LEU A 1 38  ? 0.333   -1.471  13.505  1.00 27.26 ? 1872 LEU A CB  1 
ATOM   147  C CG  . LEU A 1 38  ? 0.502   -1.348  15.019  1.00 33.05 ? 1872 LEU A CG  1 
ATOM   148  C CD1 . LEU A 1 38  ? 1.972   -1.414  15.426  1.00 31.64 ? 1872 LEU A CD1 1 
ATOM   149  C CD2 . LEU A 1 38  ? -0.121  -0.046  15.470  1.00 34.36 ? 1872 LEU A CD2 1 
ATOM   150  N N   . CYS A 1 39  ? -0.854  -2.403  10.765  1.00 20.02 ? 1873 CYS A N   1 
ATOM   151  C CA  . CYS A 1 39  ? -1.029  -2.283  9.315   1.00 23.93 ? 1873 CYS A CA  1 
ATOM   152  C C   . CYS A 1 39  ? -2.515  -2.182  8.951   1.00 24.69 ? 1873 CYS A C   1 
ATOM   153  O O   . CYS A 1 39  ? -2.894  -1.446  8.035   1.00 22.97 ? 1873 CYS A O   1 
ATOM   154  C CB  . CYS A 1 39  ? -0.415  -3.466  8.581   1.00 22.58 ? 1873 CYS A CB  1 
ATOM   155  S SG  . CYS A 1 39  ? 1.400   -3.445  8.529   1.00 23.55 ? 1873 CYS A SG  1 
ATOM   156  N N   . SER A 1 40  ? -3.345  -2.935  9.666   1.00 25.17 ? 1874 SER A N   1 
ATOM   157  C CA  . SER A 1 40  ? -4.783  -2.867  9.441   1.00 24.31 ? 1874 SER A CA  1 
ATOM   158  C C   . SER A 1 40  ? -5.317  -1.462  9.749   1.00 24.71 ? 1874 SER A C   1 
ATOM   159  O O   . SER A 1 40  ? -6.164  -0.939  9.015   1.00 24.74 ? 1874 SER A O   1 
ATOM   160  C CB  . SER A 1 40  ? -5.502  -3.923  10.283  1.00 29.91 ? 1874 SER A CB  1 
ATOM   161  O OG  . SER A 1 40  ? -6.907  -3.797  10.141  1.00 34.39 ? 1874 SER A OG  1 
ATOM   162  N N   . MET A 1 41  ? -4.837  -0.850  10.832  1.00 24.78 ? 1875 MET A N   1 
ATOM   163  C CA  . MET A 1 41  ? -5.248  0.510   11.189  1.00 26.89 ? 1875 MET A CA  1 
ATOM   164  C C   . MET A 1 41  ? -4.803  1.520   10.148  1.00 29.82 ? 1875 MET A C   1 
ATOM   165  O O   . MET A 1 41  ? -5.554  2.414   9.782   1.00 26.76 ? 1875 MET A O   1 
ATOM   166  C CB  . MET A 1 41  ? -4.691  0.925   12.563  1.00 30.27 ? 1875 MET A CB  1 
ATOM   167  C CG  . MET A 1 41  ? -5.323  0.187   13.732  1.00 44.87 ? 1875 MET A CG  1 
ATOM   168  S SD  . MET A 1 41  ? -4.672  0.746   15.327  1.00 56.55 ? 1875 MET A SD  1 
ATOM   169  C CE  . MET A 1 41  ? -4.698  2.528   15.102  1.00 41.16 ? 1875 MET A CE  1 
ATOM   170  N N   . ILE A 1 42  ? -3.570  1.399   9.677   1.00 22.89 ? 1876 ILE A N   1 
ATOM   171  C CA  . ILE A 1 42  ? -3.101  2.309   8.645   1.00 23.57 ? 1876 ILE A CA  1 
ATOM   172  C C   . ILE A 1 42  ? -3.953  2.159   7.375   1.00 22.79 ? 1876 ILE A C   1 
ATOM   173  O O   . ILE A 1 42  ? -4.317  3.155   6.736   1.00 23.32 ? 1876 ILE A O   1 
ATOM   174  C CB  . ILE A 1 42  ? -1.616  2.069   8.324   1.00 21.92 ? 1876 ILE A CB  1 
ATOM   175  C CG1 . ILE A 1 42  ? -0.755  2.414   9.547   1.00 22.59 ? 1876 ILE A CG1 1 
ATOM   176  C CG2 . ILE A 1 42  ? -1.194  2.899   7.118   1.00 22.55 ? 1876 ILE A CG2 1 
ATOM   177  C CD1 . ILE A 1 42  ? 0.728   2.064   9.362   1.00 27.28 ? 1876 ILE A CD1 1 
ATOM   178  N N   . LEU A 1 43  ? -4.289  0.922   7.035   1.00 21.82 ? 1877 LEU A N   1 
ATOM   179  C CA  . LEU A 1 43  ? -5.056  0.657   5.811   1.00 21.92 ? 1877 LEU A CA  1 
ATOM   180  C C   . LEU A 1 43  ? -6.455  1.244   5.958   1.00 23.47 ? 1877 LEU A C   1 
ATOM   181  O O   . LEU A 1 43  ? -6.983  1.837   5.024   1.00 22.17 ? 1877 LEU A O   1 
ATOM   182  C CB  . LEU A 1 43  ? -5.123  -0.841  5.510   1.00 19.79 ? 1877 LEU A CB  1 
ATOM   183  C CG  . LEU A 1 43  ? -5.837  -1.274  4.224   1.00 21.14 ? 1877 LEU A CG  1 
ATOM   184  C CD1 . LEU A 1 43  ? -5.248  -0.579  3.008   1.00 18.63 ? 1877 LEU A CD1 1 
ATOM   185  C CD2 . LEU A 1 43  ? -5.788  -2.804  4.054   1.00 22.99 ? 1877 LEU A CD2 1 
ATOM   186  N N   . THR A 1 44  ? -7.043  1.108   7.147   1.00 21.74 ? 1878 THR A N   1 
ATOM   187  C CA  . THR A 1 44  ? -8.342  1.732   7.401   1.00 23.38 ? 1878 THR A CA  1 
ATOM   188  C C   . THR A 1 44  ? -8.291  3.237   7.191   1.00 24.02 ? 1878 THR A C   1 
ATOM   189  O O   . THR A 1 44  ? -9.167  3.815   6.546   1.00 24.16 ? 1878 THR A O   1 
ATOM   190  C CB  . THR A 1 44  ? -8.834  1.447   8.819   1.00 29.94 ? 1878 THR A CB  1 
ATOM   191  O OG1 . THR A 1 44  ? -9.138  0.060   8.928   1.00 27.27 ? 1878 THR A OG1 1 
ATOM   192  C CG2 . THR A 1 44  ? -10.082 2.271   9.123   1.00 32.04 ? 1878 THR A CG2 1 
ATOM   193  N N   . GLU A 1 45  ? -7.262  3.874   7.730   1.00 22.58 ? 1879 GLU A N   1 
ATOM   194  C CA  . GLU A 1 45  ? -7.069  5.305   7.534   1.00 27.97 ? 1879 GLU A CA  1 
ATOM   195  C C   . GLU A 1 45  ? -6.930  5.649   6.055   1.00 27.27 ? 1879 GLU A C   1 
ATOM   196  O O   . GLU A 1 45  ? -7.438  6.671   5.608   1.00 26.23 ? 1879 GLU A O   1 
ATOM   197  C CB  . GLU A 1 45  ? -5.854  5.791   8.330   1.00 27.68 ? 1879 GLU A CB  1 
ATOM   198  C CG  . GLU A 1 45  ? -6.143  5.800   9.833   1.00 32.25 ? 1879 GLU A CG  1 
ATOM   199  C CD  . GLU A 1 45  ? -4.913  5.958   10.709  1.00 44.59 ? 1879 GLU A CD  1 
ATOM   200  O OE1 . GLU A 1 45  ? -3.804  6.164   10.171  1.00 48.80 ? 1879 GLU A OE1 1 
ATOM   201  O OE2 . GLU A 1 45  ? -5.061  5.862   11.949  1.00 51.12 ? 1879 GLU A OE2 1 
ATOM   202  N N   . MET A 1 46  ? -6.246  4.809   5.287   1.00 21.68 ? 1880 MET A N   1 
ATOM   203  C CA  A MET A 1 46  ? -6.152  5.102   3.866   0.49 21.26 ? 1880 MET A CA  1 
ATOM   204  C CA  B MET A 1 46  ? -6.132  4.998   3.840   0.51 21.30 ? 1880 MET A CA  1 
ATOM   205  C C   . MET A 1 46  ? -7.495  4.895   3.175   1.00 22.27 ? 1880 MET A C   1 
ATOM   206  O O   . MET A 1 46  ? -7.870  5.714   2.335   1.00 23.20 ? 1880 MET A O   1 
ATOM   207  C CB  A MET A 1 46  ? -5.067  4.264   3.207   0.49 23.12 ? 1880 MET A CB  1 
ATOM   208  C CB  B MET A 1 46  ? -5.197  3.951   3.230   0.51 22.89 ? 1880 MET A CB  1 
ATOM   209  C CG  A MET A 1 46  ? -3.678  4.671   3.669   0.49 20.76 ? 1880 MET A CG  1 
ATOM   210  C CG  B MET A 1 46  ? -3.816  3.919   3.857   0.51 22.27 ? 1880 MET A CG  1 
ATOM   211  S SD  A MET A 1 46  ? -2.388  4.021   2.616   0.49 21.91 ? 1880 MET A SD  1 
ATOM   212  S SD  B MET A 1 46  ? -2.909  5.421   3.479   0.51 21.40 ? 1880 MET A SD  1 
ATOM   213  C CE  A MET A 1 46  ? -2.533  2.264   2.925   0.49 17.75 ? 1880 MET A CE  1 
ATOM   214  C CE  B MET A 1 46  ? -2.542  5.153   1.745   0.51 23.07 ? 1880 MET A CE  1 
ATOM   215  N N   . GLU A 1 47  ? -8.217  3.840   3.545   1.00 18.67 ? 1881 GLU A N   1 
ATOM   216  C CA  . GLU A 1 47  ? -9.512  3.533   2.927   1.00 25.57 ? 1881 GLU A CA  1 
ATOM   217  C C   . GLU A 1 47  ? -10.513 4.676   3.124   1.00 27.98 ? 1881 GLU A C   1 
ATOM   218  O O   . GLU A 1 47  ? -11.371 4.920   2.273   1.00 24.17 ? 1881 GLU A O   1 
ATOM   219  C CB  . GLU A 1 47  ? -10.081 2.223   3.488   1.00 23.90 ? 1881 GLU A CB  1 
ATOM   220  C CG  . GLU A 1 47  ? -9.422  0.948   2.940   1.00 23.01 ? 1881 GLU A CG  1 
ATOM   221  C CD  . GLU A 1 47  ? -9.674  -0.273  3.812   1.00 28.19 ? 1881 GLU A CD  1 
ATOM   222  O OE1 . GLU A 1 47  ? -9.966  -0.107  5.013   1.00 30.33 ? 1881 GLU A OE1 1 
ATOM   223  O OE2 . GLU A 1 47  ? -9.578  -1.406  3.302   1.00 27.86 ? 1881 GLU A OE2 1 
ATOM   224  N N   . THR A 1 48  ? -10.381 5.406   4.227   1.00 26.85 ? 1882 THR A N   1 
ATOM   225  C CA  . THR A 1 48  ? -11.363 6.443   4.563   1.00 28.26 ? 1882 THR A CA  1 
ATOM   226  C C   . THR A 1 48  ? -10.923 7.864   4.196   1.00 29.06 ? 1882 THR A C   1 
ATOM   227  O O   . THR A 1 48  ? -11.668 8.824   4.389   1.00 32.85 ? 1882 THR A O   1 
ATOM   228  C CB  . THR A 1 48  ? -11.706 6.401   6.067   1.00 31.85 ? 1882 THR A CB  1 
ATOM   229  O OG1 . THR A 1 48  ? -10.515 6.592   6.833   1.00 30.88 ? 1882 THR A OG1 1 
ATOM   230  C CG2 . THR A 1 48  ? -12.307 5.065   6.429   1.00 33.24 ? 1882 THR A CG2 1 
ATOM   231  N N   . HIS A 1 49  ? -9.723  8.004   3.650   1.00 24.80 ? 1883 HIS A N   1 
ATOM   232  C CA  . HIS A 1 49  ? -9.237  9.295   3.168   1.00 24.57 ? 1883 HIS A CA  1 
ATOM   233  C C   . HIS A 1 49  ? -10.104 9.746   1.983   1.00 28.44 ? 1883 HIS A C   1 
ATOM   234  O O   . HIS A 1 49  ? -10.460 8.935   1.132   1.00 27.36 ? 1883 HIS A O   1 
ATOM   235  C CB  . HIS A 1 49  ? -7.771  9.164   2.768   1.00 23.99 ? 1883 HIS A CB  1 
ATOM   236  C CG  . HIS A 1 49  ? -7.083  10.456  2.453   1.00 28.74 ? 1883 HIS A CG  1 
ATOM   237  N ND1 . HIS A 1 49  ? -7.480  11.294  1.432   1.00 28.82 ? 1883 HIS A ND1 1 
ATOM   238  C CD2 . HIS A 1 49  ? -5.969  11.019  2.987   1.00 25.75 ? 1883 HIS A CD2 1 
ATOM   239  C CE1 . HIS A 1 49  ? -6.663  12.328  1.368   1.00 28.80 ? 1883 HIS A CE1 1 
ATOM   240  N NE2 . HIS A 1 49  ? -5.732  12.184  2.299   1.00 29.91 ? 1883 HIS A NE2 1 
ATOM   241  N N   . GLU A 1 50  ? -10.447 11.027  1.913   1.00 30.06 ? 1884 GLU A N   1 
ATOM   242  C CA  . GLU A 1 50  ? -11.371 11.454  0.868   1.00 26.78 ? 1884 GLU A CA  1 
ATOM   243  C C   . GLU A 1 50  ? -10.751 11.331  -0.532  1.00 29.75 ? 1884 GLU A C   1 
ATOM   244  O O   . GLU A 1 50  ? -11.482 11.210  -1.520  1.00 31.12 ? 1884 GLU A O   1 
ATOM   245  C CB  . GLU A 1 50  ? -11.872 12.881  1.127   1.00 35.09 ? 1884 GLU A CB  1 
ATOM   246  C CG  . GLU A 1 50  ? -10.961 13.988  0.683   1.00 36.17 ? 1884 GLU A CG  1 
ATOM   247  C CD  . GLU A 1 50  ? -11.651 15.353  0.703   1.00 48.54 ? 1884 GLU A CD  1 
ATOM   248  O OE1 . GLU A 1 50  ? -11.857 15.934  -0.386  1.00 45.85 ? 1884 GLU A OE1 1 
ATOM   249  O OE2 . GLU A 1 50  ? -11.990 15.843  1.805   1.00 52.80 ? 1884 GLU A OE2 1 
ATOM   250  N N   . ASP A 1 51  ? -9.419  11.321  -0.630  1.00 23.49 ? 1885 ASP A N   1 
ATOM   251  C CA  . ASP A 1 51  ? -8.791  11.139  -1.941  1.00 24.18 ? 1885 ASP A CA  1 
ATOM   252  C C   . ASP A 1 51  ? -8.507  9.664   -2.282  1.00 22.96 ? 1885 ASP A C   1 
ATOM   253  O O   . ASP A 1 51  ? -7.791  9.391   -3.239  1.00 23.54 ? 1885 ASP A O   1 
ATOM   254  C CB  . ASP A 1 51  ? -7.487  11.924  -2.054  1.00 22.72 ? 1885 ASP A CB  1 
ATOM   255  C CG  . ASP A 1 51  ? -7.692  13.440  -2.002  1.00 32.45 ? 1885 ASP A CG  1 
ATOM   256  O OD1 . ASP A 1 51  ? -8.833  13.917  -2.207  1.00 28.07 ? 1885 ASP A OD1 1 
ATOM   257  O OD2 . ASP A 1 51  ? -6.690  14.148  -1.770  1.00 26.87 ? 1885 ASP A OD2 1 
ATOM   258  N N   . ALA A 1 52  ? -9.079  8.723   -1.533  1.00 20.25 ? 1886 ALA A N   1 
ATOM   259  C CA  . ALA A 1 52  ? -8.832  7.298   -1.802  1.00 22.01 ? 1886 ALA A CA  1 
ATOM   260  C C   . ALA A 1 52  ? -9.638  6.747   -2.985  1.00 21.01 ? 1886 ALA A C   1 
ATOM   261  O O   . ALA A 1 52  ? -9.399  5.628   -3.432  1.00 21.61 ? 1886 ALA A O   1 
ATOM   262  C CB  . ALA A 1 52  ? -9.130  6.468   -0.567  1.00 24.38 ? 1886 ALA A CB  1 
ATOM   263  N N   . TRP A 1 53  ? -10.592 7.518   -3.496  1.00 24.54 ? 1887 TRP A N   1 
ATOM   264  C CA  . TRP A 1 53  ? -11.561 6.937   -4.426  1.00 25.61 ? 1887 TRP A CA  1 
ATOM   265  C C   . TRP A 1 53  ? -10.958 6.284   -5.684  1.00 22.21 ? 1887 TRP A C   1 
ATOM   266  O O   . TRP A 1 53  ? -11.530 5.320   -6.188  1.00 23.32 ? 1887 TRP A O   1 
ATOM   267  C CB  . TRP A 1 53  ? -12.606 7.985   -4.838  1.00 26.05 ? 1887 TRP A CB  1 
ATOM   268  C CG  . TRP A 1 53  ? -12.043 9.240   -5.381  1.00 25.59 ? 1887 TRP A CG  1 
ATOM   269  C CD1 . TRP A 1 53  ? -11.706 10.359  -4.674  1.00 27.76 ? 1887 TRP A CD1 1 
ATOM   270  C CD2 . TRP A 1 53  ? -11.763 9.528   -6.753  1.00 25.89 ? 1887 TRP A CD2 1 
ATOM   271  N NE1 . TRP A 1 53  ? -11.215 11.320  -5.524  1.00 28.75 ? 1887 TRP A NE1 1 
ATOM   272  C CE2 . TRP A 1 53  ? -11.241 10.836  -6.807  1.00 30.05 ? 1887 TRP A CE2 1 
ATOM   273  C CE3 . TRP A 1 53  ? -11.894 8.803   -7.944  1.00 25.02 ? 1887 TRP A CE3 1 
ATOM   274  C CZ2 . TRP A 1 53  ? -10.848 11.435  -8.002  1.00 31.19 ? 1887 TRP A CZ2 1 
ATOM   275  C CZ3 . TRP A 1 53  ? -11.504 9.398   -9.129  1.00 27.14 ? 1887 TRP A CZ3 1 
ATOM   276  C CH2 . TRP A 1 53  ? -10.987 10.701  -9.149  1.00 29.53 ? 1887 TRP A CH2 1 
ATOM   277  N N   . PRO A 1 54  ? -9.819  6.779   -6.200  1.00 20.72 ? 1888 PRO A N   1 
ATOM   278  C CA  . PRO A 1 54  ? -9.301  6.067   -7.380  1.00 18.39 ? 1888 PRO A CA  1 
ATOM   279  C C   . PRO A 1 54  ? -8.715  4.697   -7.061  1.00 21.35 ? 1888 PRO A C   1 
ATOM   280  O O   . PRO A 1 54  ? -8.435  3.947   -7.992  1.00 18.57 ? 1888 PRO A O   1 
ATOM   281  C CB  . PRO A 1 54  ? -8.182  6.986   -7.902  1.00 18.79 ? 1888 PRO A CB  1 
ATOM   282  C CG  . PRO A 1 54  ? -8.365  8.297   -7.198  1.00 20.00 ? 1888 PRO A CG  1 
ATOM   283  C CD  . PRO A 1 54  ? -9.004  7.963   -5.878  1.00 21.77 ? 1888 PRO A CD  1 
ATOM   284  N N   . PHE A 1 55  ? -8.553  4.380   -5.774  1.00 18.32 ? 1889 PHE A N   1 
ATOM   285  C CA  . PHE A 1 55  ? -7.714  3.250   -5.355  1.00 17.79 ? 1889 PHE A CA  1 
ATOM   286  C C   . PHE A 1 55  ? -8.461  2.191   -4.570  1.00 20.71 ? 1889 PHE A C   1 
ATOM   287  O O   . PHE A 1 55  ? -7.865  1.200   -4.136  1.00 19.11 ? 1889 PHE A O   1 
ATOM   288  C CB  . PHE A 1 55  ? -6.537  3.774   -4.506  1.00 19.25 ? 1889 PHE A CB  1 
ATOM   289  C CG  . PHE A 1 55  ? -5.848  4.967   -5.114  1.00 19.89 ? 1889 PHE A CG  1 
ATOM   290  C CD1 . PHE A 1 55  ? -5.187  4.852   -6.338  1.00 19.58 ? 1889 PHE A CD1 1 
ATOM   291  C CD2 . PHE A 1 55  ? -5.887  6.212   -4.481  1.00 16.81 ? 1889 PHE A CD2 1 
ATOM   292  C CE1 . PHE A 1 55  ? -4.574  5.957   -6.922  1.00 18.30 ? 1889 PHE A CE1 1 
ATOM   293  C CE2 . PHE A 1 55  ? -5.264  7.325   -5.057  1.00 21.79 ? 1889 PHE A CE2 1 
ATOM   294  C CZ  . PHE A 1 55  ? -4.603  7.198   -6.273  1.00 19.43 ? 1889 PHE A CZ  1 
ATOM   295  N N   . LEU A 1 56  ? -9.762  2.397   -4.381  1.00 20.37 ? 1890 LEU A N   1 
ATOM   296  C CA  . LEU A 1 56  ? -10.541 1.518   -3.519  1.00 19.52 ? 1890 LEU A CA  1 
ATOM   297  C C   . LEU A 1 56  ? -10.766 0.131   -4.128  1.00 25.87 ? 1890 LEU A C   1 
ATOM   298  O O   . LEU A 1 56  ? -10.765 -0.866  -3.411  1.00 24.26 ? 1890 LEU A O   1 
ATOM   299  C CB  . LEU A 1 56  ? -11.888 2.167   -3.183  1.00 21.38 ? 1890 LEU A CB  1 
ATOM   300  C CG  . LEU A 1 56  ? -11.818 3.439   -2.341  1.00 24.91 ? 1890 LEU A CG  1 
ATOM   301  C CD1 . LEU A 1 56  ? -13.212 4.023   -2.135  1.00 28.35 ? 1890 LEU A CD1 1 
ATOM   302  C CD2 . LEU A 1 56  ? -11.148 3.147   -1.002  1.00 27.46 ? 1890 LEU A CD2 1 
ATOM   303  N N   . LEU A 1 57  ? -10.966 0.074   -5.441  1.00 21.45 ? 1891 LEU A N   1 
ATOM   304  C CA  . LEU A 1 57  ? -11.246 -1.181  -6.129  1.00 20.29 ? 1891 LEU A CA  1 
ATOM   305  C C   . LEU A 1 57  ? -10.272 -1.399  -7.276  1.00 22.26 ? 1891 LEU A C   1 
ATOM   306  O O   . LEU A 1 57  ? -9.664  -0.451  -7.772  1.00 20.87 ? 1891 LEU A O   1 
ATOM   307  C CB  . LEU A 1 57  ? -12.682 -1.192  -6.662  1.00 22.96 ? 1891 LEU A CB  1 
ATOM   308  C CG  . LEU A 1 57  ? -13.826 -1.080  -5.662  1.00 26.33 ? 1891 LEU A CG  1 
ATOM   309  C CD1 . LEU A 1 57  ? -15.159 -1.051  -6.412  1.00 30.40 ? 1891 LEU A CD1 1 
ATOM   310  C CD2 . LEU A 1 57  ? -13.782 -2.236  -4.715  1.00 25.61 ? 1891 LEU A CD2 1 
ATOM   311  N N   . PRO A 1 58  ? -10.121 -2.652  -7.717  1.00 21.75 ? 1892 PRO A N   1 
ATOM   312  C CA  . PRO A 1 58  ? -9.202  -2.857  -8.837  1.00 22.88 ? 1892 PRO A CA  1 
ATOM   313  C C   . PRO A 1 58  ? -9.697  -2.140  -10.085 1.00 24.14 ? 1892 PRO A C   1 
ATOM   314  O O   . PRO A 1 58  ? -10.902 -2.056  -10.315 1.00 23.66 ? 1892 PRO A O   1 
ATOM   315  C CB  . PRO A 1 58  ? -9.198  -4.378  -9.035  1.00 25.64 ? 1892 PRO A CB  1 
ATOM   316  C CG  . PRO A 1 58  ? -10.394 -4.877  -8.293  1.00 26.13 ? 1892 PRO A CG  1 
ATOM   317  C CD  . PRO A 1 58  ? -10.687 -3.909  -7.203  1.00 24.45 ? 1892 PRO A CD  1 
ATOM   318  N N   . VAL A 1 59  ? -8.766  -1.599  -10.856 1.00 22.74 ? 1893 VAL A N   1 
ATOM   319  C CA  . VAL A 1 59  ? -9.090  -0.996  -12.141 1.00 22.34 ? 1893 VAL A CA  1 
ATOM   320  C C   . VAL A 1 59  ? -9.690  -2.043  -13.070 1.00 25.88 ? 1893 VAL A C   1 
ATOM   321  O O   . VAL A 1 59  ? -9.190  -3.163  -13.158 1.00 24.85 ? 1893 VAL A O   1 
ATOM   322  C CB  . VAL A 1 59  ? -7.841  -0.382  -12.790 1.00 24.51 ? 1893 VAL A CB  1 
ATOM   323  C CG1 . VAL A 1 59  ? -8.155  0.112   -14.208 1.00 24.12 ? 1893 VAL A CG1 1 
ATOM   324  C CG2 . VAL A 1 59  ? -7.277  0.733   -11.896 1.00 20.33 ? 1893 VAL A CG2 1 
ATOM   325  N N   . ASN A 1 60  ? -10.764 -1.675  -13.759 1.00 27.17 ? 1894 ASN A N   1 
ATOM   326  C CA  . ASN A 1 60  ? -11.440 -2.592  -14.670 1.00 27.41 ? 1894 ASN A CA  1 
ATOM   327  C C   . ASN A 1 60  ? -10.637 -2.759  -15.960 1.00 28.00 ? 1894 ASN A C   1 
ATOM   328  O O   . ASN A 1 60  ? -10.677 -1.902  -16.848 1.00 31.58 ? 1894 ASN A O   1 
ATOM   329  C CB  . ASN A 1 60  ? -12.860 -2.085  -14.971 1.00 29.57 ? 1894 ASN A CB  1 
ATOM   330  C CG  . ASN A 1 60  ? -13.691 -3.097  -15.742 1.00 37.54 ? 1894 ASN A CG  1 
ATOM   331  O OD1 . ASN A 1 60  ? -13.169 -3.835  -16.586 1.00 34.40 ? 1894 ASN A OD1 1 
ATOM   332  N ND2 . ASN A 1 60  ? -14.990 -3.140  -15.451 1.00 35.61 ? 1894 ASN A ND2 1 
ATOM   333  N N   . LEU A 1 61  ? -9.913  -3.866  -16.063 1.00 24.24 ? 1895 LEU A N   1 
ATOM   334  C CA  . LEU A 1 61  ? -8.981  -4.063  -17.175 1.00 30.99 ? 1895 LEU A CA  1 
ATOM   335  C C   . LEU A 1 61  ? -9.683  -4.261  -18.526 1.00 39.07 ? 1895 LEU A C   1 
ATOM   336  O O   . LEU A 1 61  ? -9.056  -4.133  -19.582 1.00 36.64 ? 1895 LEU A O   1 
ATOM   337  C CB  . LEU A 1 61  ? -8.065  -5.251  -16.882 1.00 30.31 ? 1895 LEU A CB  1 
ATOM   338  C CG  . LEU A 1 61  ? -7.211  -5.096  -15.619 1.00 31.96 ? 1895 LEU A CG  1 
ATOM   339  C CD1 . LEU A 1 61  ? -6.325  -6.320  -15.402 1.00 27.38 ? 1895 LEU A CD1 1 
ATOM   340  C CD2 . LEU A 1 61  ? -6.368  -3.821  -15.701 1.00 27.61 ? 1895 LEU A CD2 1 
ATOM   341  N N   . LYS A 1 62  ? -10.976 -4.571  -18.491 1.00 36.41 ? 1896 LYS A N   1 
ATOM   342  C CA  . LYS A 1 62  ? -11.759 -4.725  -19.723 1.00 39.37 ? 1896 LYS A CA  1 
ATOM   343  C C   . LYS A 1 62  ? -12.254 -3.383  -20.248 1.00 39.38 ? 1896 LYS A C   1 
ATOM   344  O O   . LYS A 1 62  ? -12.496 -3.237  -21.442 1.00 43.10 ? 1896 LYS A O   1 
ATOM   345  C CB  . LYS A 1 62  ? -12.962 -5.644  -19.500 1.00 42.37 ? 1896 LYS A CB  1 
ATOM   346  C CG  . LYS A 1 62  ? -12.637 -7.103  -19.251 1.00 47.79 ? 1896 LYS A CG  1 
ATOM   347  C CD  . LYS A 1 62  ? -13.921 -7.852  -18.905 1.00 58.65 ? 1896 LYS A CD  1 
ATOM   348  C CE  . LYS A 1 62  ? -13.660 -9.292  -18.489 1.00 80.11 ? 1896 LYS A CE  1 
ATOM   349  N NZ  . LYS A 1 62  ? -13.143 -10.125 -19.612 1.00 87.31 ? 1896 LYS A NZ  1 
ATOM   350  N N   . LEU A 1 63  ? -12.411 -2.404  -19.359 1.00 34.76 ? 1897 LEU A N   1 
ATOM   351  C CA  . LEU A 1 63  ? -13.011 -1.129  -19.743 1.00 34.12 ? 1897 LEU A CA  1 
ATOM   352  C C   . LEU A 1 63  ? -12.030 0.035   -19.873 1.00 36.77 ? 1897 LEU A C   1 
ATOM   353  O O   . LEU A 1 63  ? -12.356 1.038   -20.492 1.00 38.83 ? 1897 LEU A O   1 
ATOM   354  C CB  . LEU A 1 63  ? -14.100 -0.738  -18.747 1.00 32.46 ? 1897 LEU A CB  1 
ATOM   355  C CG  . LEU A 1 63  ? -15.284 -1.696  -18.606 1.00 42.05 ? 1897 LEU A CG  1 
ATOM   356  C CD1 . LEU A 1 63  ? -16.315 -1.095  -17.677 1.00 41.12 ? 1897 LEU A CD1 1 
ATOM   357  C CD2 . LEU A 1 63  ? -15.895 -2.021  -19.966 1.00 40.35 ? 1897 LEU A CD2 1 
ATOM   358  N N   . VAL A 1 64  ? -10.844 -0.074  -19.282 1.00 28.22 ? 1898 VAL A N   1 
ATOM   359  C CA  . VAL A 1 64  ? -9.907  1.053   -19.306 1.00 25.14 ? 1898 VAL A CA  1 
ATOM   360  C C   . VAL A 1 64  ? -8.791  0.806   -20.314 1.00 32.23 ? 1898 VAL A C   1 
ATOM   361  O O   . VAL A 1 64  ? -7.959  -0.078  -20.128 1.00 27.29 ? 1898 VAL A O   1 
ATOM   362  C CB  . VAL A 1 64  ? -9.286  1.320   -17.911 1.00 27.03 ? 1898 VAL A CB  1 
ATOM   363  C CG1 . VAL A 1 64  ? -8.295  2.469   -17.982 1.00 26.23 ? 1898 VAL A CG1 1 
ATOM   364  C CG2 . VAL A 1 64  ? -10.383 1.628   -16.896 1.00 26.13 ? 1898 VAL A CG2 1 
ATOM   365  N N   . PRO A 1 65  ? -8.786  1.580   -21.405 1.00 30.54 ? 1899 PRO A N   1 
ATOM   366  C CA  . PRO A 1 65  ? -7.751  1.449   -22.438 1.00 31.44 ? 1899 PRO A CA  1 
ATOM   367  C C   . PRO A 1 65  ? -6.334  1.512   -21.871 1.00 30.03 ? 1899 PRO A C   1 
ATOM   368  O O   . PRO A 1 65  ? -6.028  2.380   -21.043 1.00 29.37 ? 1899 PRO A O   1 
ATOM   369  C CB  . PRO A 1 65  ? -8.022  2.652   -23.352 1.00 31.88 ? 1899 PRO A CB  1 
ATOM   370  C CG  . PRO A 1 65  ? -9.479  2.898   -23.203 1.00 37.27 ? 1899 PRO A CG  1 
ATOM   371  C CD  . PRO A 1 65  ? -9.806  2.577   -21.767 1.00 37.48 ? 1899 PRO A CD  1 
ATOM   372  N N   . GLY A 1 66  ? -5.482  0.594   -22.316 1.00 27.62 ? 1900 GLY A N   1 
ATOM   373  C CA  . GLY A 1 66  ? -4.070  0.666   -22.009 1.00 26.25 ? 1900 GLY A CA  1 
ATOM   374  C C   . GLY A 1 66  ? -3.667  0.061   -20.674 1.00 28.47 ? 1900 GLY A C   1 
ATOM   375  O O   . GLY A 1 66  ? -2.525  -0.362  -20.513 1.00 25.04 ? 1900 GLY A O   1 
ATOM   376  N N   . TYR A 1 67  ? -4.589  0.004   -19.717 1.00 25.26 ? 1901 TYR A N   1 
ATOM   377  C CA  . TYR A 1 67  ? -4.179  -0.310  -18.344 1.00 26.53 ? 1901 TYR A CA  1 
ATOM   378  C C   . TYR A 1 67  ? -3.575  -1.705  -18.221 1.00 25.59 ? 1901 TYR A C   1 
ATOM   379  O O   . TYR A 1 67  ? -2.531  -1.877  -17.584 1.00 27.49 ? 1901 TYR A O   1 
ATOM   380  C CB  . TYR A 1 67  ? -5.355  -0.161  -17.358 1.00 22.97 ? 1901 TYR A CB  1 
ATOM   381  C CG  . TYR A 1 67  ? -4.858  0.160   -15.960 1.00 24.57 ? 1901 TYR A CG  1 
ATOM   382  C CD1 . TYR A 1 67  ? -4.643  1.471   -15.567 1.00 22.93 ? 1901 TYR A CD1 1 
ATOM   383  C CD2 . TYR A 1 67  ? -4.565  -0.853  -15.057 1.00 26.09 ? 1901 TYR A CD2 1 
ATOM   384  C CE1 . TYR A 1 67  ? -4.154  1.774   -14.284 1.00 27.20 ? 1901 TYR A CE1 1 
ATOM   385  C CE2 . TYR A 1 67  ? -4.088  -0.565  -13.779 1.00 19.81 ? 1901 TYR A CE2 1 
ATOM   386  C CZ  . TYR A 1 67  ? -3.886  0.746   -13.400 1.00 25.87 ? 1901 TYR A CZ  1 
ATOM   387  O OH  . TYR A 1 67  ? -3.398  1.025   -12.130 1.00 23.92 ? 1901 TYR A OH  1 
ATOM   388  N N   . LYS A 1 68  ? -4.208  -2.696  -18.845 1.00 29.89 ? 1902 LYS A N   1 
ATOM   389  C CA  . LYS A 1 68  ? -3.737  -4.074  -18.732 1.00 32.13 ? 1902 LYS A CA  1 
ATOM   390  C C   . LYS A 1 68  ? -2.330  -4.247  -19.300 1.00 30.15 ? 1902 LYS A C   1 
ATOM   391  O O   . LYS A 1 68  ? -1.501  -4.968  -18.735 1.00 26.34 ? 1902 LYS A O   1 
ATOM   392  C CB  . LYS A 1 68  ? -4.706  -5.037  -19.434 1.00 28.82 ? 1902 LYS A CB  1 
ATOM   393  C CG  . LYS A 1 68  ? -4.475  -6.507  -19.075 1.00 38.00 ? 1902 LYS A CG  1 
ATOM   394  C CD  . LYS A 1 68  ? -5.479  -7.422  -19.771 1.00 40.64 ? 1902 LYS A CD  1 
ATOM   395  C CE  . LYS A 1 68  ? -5.440  -8.839  -19.209 1.00 46.66 ? 1902 LYS A CE  1 
ATOM   396  N NZ  . LYS A 1 68  ? -4.066  -9.410  -19.228 1.00 46.69 ? 1902 LYS A NZ  1 
ATOM   397  N N   . LYS A 1 69  ? -2.051  -3.579  -20.414 1.00 29.45 ? 1903 LYS A N   1 
ATOM   398  C CA  . LYS A 1 69  ? -0.755  -3.757  -21.065 1.00 30.53 ? 1903 LYS A CA  1 
ATOM   399  C C   . LYS A 1 69  ? 0.338   -2.987  -20.350 1.00 30.17 ? 1903 LYS A C   1 
ATOM   400  O O   . LYS A 1 69  ? 1.447   -3.486  -20.187 1.00 33.58 ? 1903 LYS A O   1 
ATOM   401  C CB  . LYS A 1 69  ? -0.813  -3.319  -22.537 1.00 33.20 ? 1903 LYS A CB  1 
ATOM   402  C CG  . LYS A 1 69  ? 0.521   -3.457  -23.266 1.00 30.28 ? 1903 LYS A CG  1 
ATOM   403  C CD  . LYS A 1 69  ? 0.983   -4.909  -23.293 1.00 33.53 ? 1903 LYS A CD  1 
ATOM   404  C CE  . LYS A 1 69  ? 2.235   -5.088  -24.144 1.00 36.62 ? 1903 LYS A CE  1 
ATOM   405  N NZ  . LYS A 1 69  ? 1.882   -5.166  -25.586 1.00 34.87 ? 1903 LYS A NZ  1 
ATOM   406  N N   . VAL A 1 70  ? 0.016   -1.771  -19.924 1.00 24.09 ? 1904 VAL A N   1 
ATOM   407  C CA  . VAL A 1 70  ? 0.993   -0.858  -19.351 1.00 25.40 ? 1904 VAL A CA  1 
ATOM   408  C C   . VAL A 1 70  ? 1.362   -1.207  -17.904 1.00 30.08 ? 1904 VAL A C   1 
ATOM   409  O O   . VAL A 1 70  ? 2.539   -1.180  -17.532 1.00 29.20 ? 1904 VAL A O   1 
ATOM   410  C CB  . VAL A 1 70  ? 0.472   0.596   -19.413 1.00 28.59 ? 1904 VAL A CB  1 
ATOM   411  C CG1 . VAL A 1 70  ? 1.368   1.533   -18.620 1.00 27.66 ? 1904 VAL A CG1 1 
ATOM   412  C CG2 . VAL A 1 70  ? 0.371   1.055   -20.872 1.00 27.07 ? 1904 VAL A CG2 1 
ATOM   413  N N   . ILE A 1 71  ? 0.358   -1.545  -17.097 1.00 28.04 ? 1905 ILE A N   1 
ATOM   414  C CA  . ILE A 1 71  ? 0.561   -1.747  -15.658 1.00 26.57 ? 1905 ILE A CA  1 
ATOM   415  C C   . ILE A 1 71  ? 0.716   -3.235  -15.328 1.00 22.54 ? 1905 ILE A C   1 
ATOM   416  O O   . ILE A 1 71  ? -0.268  -3.960  -15.190 1.00 26.14 ? 1905 ILE A O   1 
ATOM   417  C CB  . ILE A 1 71  ? -0.607  -1.145  -14.838 1.00 26.40 ? 1905 ILE A CB  1 
ATOM   418  C CG1 . ILE A 1 71  ? -0.792  0.338   -15.166 1.00 27.97 ? 1905 ILE A CG1 1 
ATOM   419  C CG2 . ILE A 1 71  ? -0.383  -1.352  -13.325 1.00 23.97 ? 1905 ILE A CG2 1 
ATOM   420  C CD1 . ILE A 1 71  ? 0.423   1.229   -14.855 1.00 23.94 ? 1905 ILE A CD1 1 
ATOM   421  N N   . LYS A 1 72  ? 1.962   -3.678  -15.185 1.00 28.50 ? 1906 LYS A N   1 
ATOM   422  C CA  . LYS A 1 72  ? 2.263   -5.104  -15.092 1.00 32.54 ? 1906 LYS A CA  1 
ATOM   423  C C   . LYS A 1 72  ? 1.737   -5.759  -13.819 1.00 29.34 ? 1906 LYS A C   1 
ATOM   424  O O   . LYS A 1 72  ? 1.403   -6.946  -13.830 1.00 27.64 ? 1906 LYS A O   1 
ATOM   425  C CB  . LYS A 1 72  ? 3.774   -5.327  -15.195 1.00 34.61 ? 1906 LYS A CB  1 
ATOM   426  C CG  . LYS A 1 72  ? 4.399   -4.723  -16.455 1.00 36.16 ? 1906 LYS A CG  1 
ATOM   427  C CD  . LYS A 1 72  ? 3.669   -5.158  -17.724 1.00 36.17 ? 1906 LYS A CD  1 
ATOM   428  C CE  . LYS A 1 72  ? 4.238   -4.438  -18.946 1.00 44.23 ? 1906 LYS A CE  1 
ATOM   429  N NZ  . LYS A 1 72  ? 3.583   -4.845  -20.221 1.00 45.87 ? 1906 LYS A NZ  1 
ATOM   430  N N   . LYS A 1 73  ? 1.668   -4.993  -12.729 1.00 25.09 ? 1907 LYS A N   1 
ATOM   431  C CA  . LYS A 1 73  ? 1.182   -5.517  -11.456 1.00 22.88 ? 1907 LYS A CA  1 
ATOM   432  C C   . LYS A 1 73  ? 0.154   -4.570  -10.832 1.00 20.46 ? 1907 LYS A C   1 
ATOM   433  O O   . LYS A 1 73  ? 0.499   -3.726  -10.011 1.00 21.39 ? 1907 LYS A O   1 
ATOM   434  C CB  . LYS A 1 73  ? 2.349   -5.744  -10.493 1.00 24.15 ? 1907 LYS A CB  1 
ATOM   435  C CG  . LYS A 1 73  ? 3.409   -6.710  -11.041 1.00 32.70 ? 1907 LYS A CG  1 
ATOM   436  C CD  . LYS A 1 73  ? 4.652   -6.764  -10.151 1.00 41.06 ? 1907 LYS A CD  1 
ATOM   437  C CE  . LYS A 1 73  ? 4.334   -7.334  -8.769  1.00 48.06 ? 1907 LYS A CE  1 
ATOM   438  N NZ  . LYS A 1 73  ? 5.499   -7.228  -7.834  1.00 52.41 ? 1907 LYS A NZ  1 
ATOM   439  N N   . PRO A 1 74  ? -1.114  -4.694  -11.248 1.00 21.51 ? 1908 PRO A N   1 
ATOM   440  C CA  . PRO A 1 74  ? -2.181  -3.876  -10.660 1.00 22.29 ? 1908 PRO A CA  1 
ATOM   441  C C   . PRO A 1 74  ? -2.318  -4.140  -9.167  1.00 22.75 ? 1908 PRO A C   1 
ATOM   442  O O   . PRO A 1 74  ? -2.118  -5.266  -8.701  1.00 19.67 ? 1908 PRO A O   1 
ATOM   443  C CB  . PRO A 1 74  ? -3.431  -4.337  -11.407 1.00 23.51 ? 1908 PRO A CB  1 
ATOM   444  C CG  . PRO A 1 74  ? -2.905  -4.821  -12.733 1.00 25.91 ? 1908 PRO A CG  1 
ATOM   445  C CD  . PRO A 1 74  ? -1.599  -5.494  -12.387 1.00 23.91 ? 1908 PRO A CD  1 
ATOM   446  N N   . MET A 1 75  ? -2.651  -3.102  -8.418  1.00 19.71 ? 1909 MET A N   1 
ATOM   447  C CA  . MET A 1 75  ? -2.868  -3.262  -6.991  1.00 18.82 ? 1909 MET A CA  1 
ATOM   448  C C   . MET A 1 75  ? -3.843  -2.161  -6.560  1.00 18.95 ? 1909 MET A C   1 
ATOM   449  O O   . MET A 1 75  ? -3.908  -1.085  -7.182  1.00 18.97 ? 1909 MET A O   1 
ATOM   450  C CB  . MET A 1 75  ? -1.532  -3.211  -6.225  1.00 19.12 ? 1909 MET A CB  1 
ATOM   451  C CG  . MET A 1 75  ? -1.636  -3.548  -4.731  1.00 19.13 ? 1909 MET A CG  1 
ATOM   452  S SD  . MET A 1 75  ? -2.546  -5.083  -4.374  1.00 20.54 ? 1909 MET A SD  1 
ATOM   453  C CE  . MET A 1 75  ? -1.594  -6.270  -5.324  1.00 20.12 ? 1909 MET A CE  1 
ATOM   454  N N   . ASP A 1 76  ? -4.619  -2.445  -5.523  1.00 16.99 ? 1910 ASP A N   1 
ATOM   455  C CA  . ASP A 1 76  ? -5.630  -1.515  -5.023  1.00 15.96 ? 1910 ASP A CA  1 
ATOM   456  C C   . ASP A 1 76  ? -5.905  -1.829  -3.552  1.00 20.10 ? 1910 ASP A C   1 
ATOM   457  O O   . ASP A 1 76  ? -5.551  -2.904  -3.077  1.00 20.77 ? 1910 ASP A O   1 
ATOM   458  C CB  . ASP A 1 76  ? -6.933  -1.623  -5.824  1.00 17.00 ? 1910 ASP A CB  1 
ATOM   459  C CG  . ASP A 1 76  ? -7.672  -2.924  -5.552  1.00 21.89 ? 1910 ASP A CG  1 
ATOM   460  O OD1 . ASP A 1 76  ? -7.311  -3.954  -6.157  1.00 21.65 ? 1910 ASP A OD1 1 
ATOM   461  O OD2 . ASP A 1 76  ? -8.604  -2.920  -4.721  1.00 23.95 ? 1910 ASP A OD2 1 
ATOM   462  N N   . PHE A 1 77  ? -6.560  -0.909  -2.844  1.00 15.86 ? 1911 PHE A N   1 
ATOM   463  C CA  . PHE A 1 77  ? -6.736  -1.077  -1.405  1.00 17.90 ? 1911 PHE A CA  1 
ATOM   464  C C   . PHE A 1 77  ? -7.569  -2.306  -1.051  1.00 20.37 ? 1911 PHE A C   1 
ATOM   465  O O   . PHE A 1 77  ? -7.279  -2.972  -0.058  1.00 20.47 ? 1911 PHE A O   1 
ATOM   466  C CB  . PHE A 1 77  ? -7.367  0.184   -0.781  1.00 17.28 ? 1911 PHE A CB  1 
ATOM   467  C CG  . PHE A 1 77  ? -6.473  1.410   -0.811  1.00 18.87 ? 1911 PHE A CG  1 
ATOM   468  C CD1 . PHE A 1 77  ? -5.117  1.313   -1.107  1.00 19.22 ? 1911 PHE A CD1 1 
ATOM   469  C CD2 . PHE A 1 77  ? -7.001  2.667   -0.537  1.00 24.19 ? 1911 PHE A CD2 1 
ATOM   470  C CE1 . PHE A 1 77  ? -4.306  2.449   -1.137  1.00 21.57 ? 1911 PHE A CE1 1 
ATOM   471  C CE2 . PHE A 1 77  ? -6.194  3.803   -0.562  1.00 21.95 ? 1911 PHE A CE2 1 
ATOM   472  C CZ  . PHE A 1 77  ? -4.844  3.692   -0.857  1.00 18.77 ? 1911 PHE A CZ  1 
ATOM   473  N N   . SER A 1 78  ? -8.583  -2.638  -1.852  1.00 19.78 ? 1912 SER A N   1 
ATOM   474  C CA  . SER A 1 78  ? -9.451  -3.768  -1.491  1.00 21.69 ? 1912 SER A CA  1 
ATOM   475  C C   . SER A 1 78  ? -8.690  -5.090  -1.619  1.00 23.95 ? 1912 SER A C   1 
ATOM   476  O O   . SER A 1 78  ? -8.923  -6.033  -0.854  1.00 22.24 ? 1912 SER A O   1 
ATOM   477  C CB  . SER A 1 78  ? -10.728 -3.785  -2.354  1.00 24.44 ? 1912 SER A CB  1 
ATOM   478  O OG  . SER A 1 78  ? -10.454 -4.234  -3.672  1.00 22.70 ? 1912 SER A OG  1 
ATOM   479  N N   . THR A 1 79  ? -7.760  -5.144  -2.567  1.00 18.99 ? 1913 THR A N   1 
ATOM   480  C CA  . THR A 1 79  ? -6.928  -6.324  -2.773  1.00 18.19 ? 1913 THR A CA  1 
ATOM   481  C C   . THR A 1 79  ? -5.918  -6.439  -1.632  1.00 21.74 ? 1913 THR A C   1 
ATOM   482  O O   . THR A 1 79  ? -5.689  -7.535  -1.103  1.00 21.33 ? 1913 THR A O   1 
ATOM   483  C CB  . THR A 1 79  ? -6.206  -6.273  -4.139  1.00 23.91 ? 1913 THR A CB  1 
ATOM   484  O OG1 . THR A 1 79  ? -7.185  -6.307  -5.191  1.00 21.27 ? 1913 THR A OG1 1 
ATOM   485  C CG2 . THR A 1 79  ? -5.255  -7.468  -4.310  1.00 20.66 ? 1913 THR A CG2 1 
ATOM   486  N N   . ILE A 1 80  ? -5.346  -5.309  -1.228  1.00 19.05 ? 1914 ILE A N   1 
ATOM   487  C CA  . ILE A 1 80  ? -4.459  -5.293  -0.057  1.00 19.89 ? 1914 ILE A CA  1 
ATOM   488  C C   . ILE A 1 80  ? -5.211  -5.742  1.198   1.00 20.62 ? 1914 ILE A C   1 
ATOM   489  O O   . ILE A 1 80  ? -4.698  -6.547  1.984   1.00 22.91 ? 1914 ILE A O   1 
ATOM   490  C CB  . ILE A 1 80  ? -3.850  -3.890  0.178   1.00 22.11 ? 1914 ILE A CB  1 
ATOM   491  C CG1 . ILE A 1 80  ? -2.963  -3.488  -1.005  1.00 16.58 ? 1914 ILE A CG1 1 
ATOM   492  C CG2 . ILE A 1 80  ? -3.047  -3.856  1.488   1.00 17.53 ? 1914 ILE A CG2 1 
ATOM   493  C CD1 . ILE A 1 80  ? -2.496  -2.035  -0.982  1.00 19.44 ? 1914 ILE A CD1 1 
ATOM   494  N N   . ARG A 1 81  ? -6.423  -5.227  1.394   1.00 19.68 ? 1915 ARG A N   1 
ATOM   495  C CA  . ARG A 1 81  ? -7.254  -5.620  2.545   1.00 21.35 ? 1915 ARG A CA  1 
ATOM   496  C C   . ARG A 1 81  ? -7.510  -7.134  2.567   1.00 26.83 ? 1915 ARG A C   1 
ATOM   497  O O   . ARG A 1 81  ? -7.393  -7.790  3.613   1.00 23.27 ? 1915 ARG A O   1 
ATOM   498  C CB  . ARG A 1 81  ? -8.576  -4.836  2.517   1.00 20.58 ? 1915 ARG A CB  1 
ATOM   499  C CG  . ARG A 1 81  ? -9.611  -5.206  3.575   1.00 25.37 ? 1915 ARG A CG  1 
ATOM   500  C CD  . ARG A 1 81  ? -9.135  -4.935  4.989   1.00 23.52 ? 1915 ARG A CD  1 
ATOM   501  N NE  . ARG A 1 81  ? -9.101  -3.515  5.346   1.00 21.93 ? 1915 ARG A NE  1 
ATOM   502  C CZ  . ARG A 1 81  ? -8.565  -3.073  6.482   1.00 27.37 ? 1915 ARG A CZ  1 
ATOM   503  N NH1 . ARG A 1 81  ? -8.048  -3.941  7.333   1.00 24.61 ? 1915 ARG A NH1 1 
ATOM   504  N NH2 . ARG A 1 81  ? -8.551  -1.779  6.780   1.00 26.29 ? 1915 ARG A NH2 1 
ATOM   505  N N   . GLU A 1 82  ? -7.844  -7.702  1.412   1.00 23.61 ? 1916 GLU A N   1 
ATOM   506  C CA  . GLU A 1 82  ? -8.081  -9.145  1.325   1.00 22.94 ? 1916 GLU A CA  1 
ATOM   507  C C   . GLU A 1 82  ? -6.813  -9.930  1.670   1.00 30.22 ? 1916 GLU A C   1 
ATOM   508  O O   . GLU A 1 82  ? -6.872  -10.908 2.413   1.00 26.61 ? 1916 GLU A O   1 
ATOM   509  C CB  . GLU A 1 82  ? -8.574  -9.528  -0.073  1.00 23.95 ? 1916 GLU A CB  1 
ATOM   510  C CG  . GLU A 1 82  ? -8.964  -11.013 -0.253  1.00 28.82 ? 1916 GLU A CG  1 
ATOM   511  C CD  . GLU A 1 82  ? -10.145 -11.444 0.617   1.00 33.23 ? 1916 GLU A CD  1 
ATOM   512  O OE1 . GLU A 1 82  ? -11.091 -10.648 0.803   1.00 33.58 ? 1916 GLU A OE1 1 
ATOM   513  O OE2 . GLU A 1 82  ? -10.122 -12.586 1.125   1.00 35.50 ? 1916 GLU A OE2 1 
ATOM   514  N N   . LYS A 1 83  ? -5.670  -9.500  1.137   1.00 26.21 ? 1917 LYS A N   1 
ATOM   515  C CA  . LYS A 1 83  ? -4.413  -10.185 1.420   1.00 23.40 ? 1917 LYS A CA  1 
ATOM   516  C C   . LYS A 1 83  ? -4.041  -10.088 2.901   1.00 26.96 ? 1917 LYS A C   1 
ATOM   517  O O   . LYS A 1 83  ? -3.542  -11.056 3.484   1.00 28.27 ? 1917 LYS A O   1 
ATOM   518  C CB  . LYS A 1 83  ? -3.284  -9.635  0.539   1.00 26.11 ? 1917 LYS A CB  1 
ATOM   519  C CG  . LYS A 1 83  ? -3.418  -10.046 -0.927  1.00 25.28 ? 1917 LYS A CG  1 
ATOM   520  C CD  . LYS A 1 83  ? -2.390  -9.383  -1.818  1.00 21.46 ? 1917 LYS A CD  1 
ATOM   521  C CE  . LYS A 1 83  ? -0.979  -9.918  -1.562  1.00 24.80 ? 1917 LYS A CE  1 
ATOM   522  N NZ  . LYS A 1 83  ? -0.036  -9.421  -2.615  1.00 22.14 ? 1917 LYS A NZ  1 
ATOM   523  N N   . LEU A 1 84  ? -4.300  -8.937  3.514   1.00 25.58 ? 1918 LEU A N   1 
ATOM   524  C CA  . LEU A 1 84  ? -3.996  -8.728  4.931   1.00 22.04 ? 1918 LEU A CA  1 
ATOM   525  C C   . LEU A 1 84  ? -4.925  -9.562  5.824   1.00 30.66 ? 1918 LEU A C   1 
ATOM   526  O O   . LEU A 1 84  ? -4.523  -10.044 6.881   1.00 32.67 ? 1918 LEU A O   1 
ATOM   527  C CB  . LEU A 1 84  ? -4.096  -7.236  5.279   1.00 26.20 ? 1918 LEU A CB  1 
ATOM   528  C CG  . LEU A 1 84  ? -3.615  -6.771  6.655   1.00 25.74 ? 1918 LEU A CG  1 
ATOM   529  C CD1 . LEU A 1 84  ? -2.113  -6.982  6.797   1.00 21.98 ? 1918 LEU A CD1 1 
ATOM   530  C CD2 . LEU A 1 84  ? -3.993  -5.312  6.929   1.00 25.93 ? 1918 LEU A CD2 1 
ATOM   531  N N   . SER A 1 85  ? -6.165  -9.741  5.387   1.00 23.25 ? 1919 SER A N   1 
ATOM   532  C CA  . SER A 1 85  ? -7.168  -10.505 6.140   1.00 28.41 ? 1919 SER A CA  1 
ATOM   533  C C   . SER A 1 85  ? -7.007  -12.018 6.032   1.00 30.72 ? 1919 SER A C   1 
ATOM   534  O O   . SER A 1 85  ? -7.639  -12.767 6.782   1.00 29.11 ? 1919 SER A O   1 
ATOM   535  C CB  . SER A 1 85  ? -8.572  -10.125 5.666   1.00 25.47 ? 1919 SER A CB  1 
ATOM   536  O OG  . SER A 1 85  ? -8.899  -8.812  6.082   1.00 32.56 ? 1919 SER A OG  1 
ATOM   537  N N   . SER A 1 86  ? -6.174  -12.462 5.099   1.00 25.55 ? 1920 SER A N   1 
ATOM   538  C CA  . SER A 1 86  ? -6.053  -13.874 4.785   1.00 28.45 ? 1920 SER A CA  1 
ATOM   539  C C   . SER A 1 86  ? -4.612  -14.374 4.911   1.00 25.65 ? 1920 SER A C   1 
ATOM   540  O O   . SER A 1 86  ? -4.263  -15.394 4.333   1.00 26.72 ? 1920 SER A O   1 
ATOM   541  C CB  . SER A 1 86  ? -6.579  -14.151 3.369   1.00 31.60 ? 1920 SER A CB  1 
ATOM   542  O OG  . SER A 1 86  ? -5.812  -13.478 2.374   1.00 27.48 ? 1920 SER A OG  1 
ATOM   543  N N   . GLY A 1 87  ? -3.777  -13.656 5.664   1.00 22.65 ? 1921 GLY A N   1 
ATOM   544  C CA  . GLY A 1 87  ? -2.403  -14.091 5.907   1.00 22.99 ? 1921 GLY A CA  1 
ATOM   545  C C   . GLY A 1 87  ? -1.469  -14.162 4.714   1.00 25.62 ? 1921 GLY A C   1 
ATOM   546  O O   . GLY A 1 87  ? -0.523  -14.961 4.696   1.00 27.52 ? 1921 GLY A O   1 
ATOM   547  N N   . GLN A 1 88  ? -1.682  -13.309 3.715   1.00 23.48 ? 1922 GLN A N   1 
ATOM   548  C CA  . GLN A 1 88  ? -0.822  -13.340 2.535   1.00 26.19 ? 1922 GLN A CA  1 
ATOM   549  C C   . GLN A 1 88  ? 0.363   -12.355 2.559   1.00 23.59 ? 1922 GLN A C   1 
ATOM   550  O O   . GLN A 1 88  ? 1.157   -12.325 1.610   1.00 25.16 ? 1922 GLN A O   1 
ATOM   551  C CB  . GLN A 1 88  ? -1.661  -13.100 1.281   1.00 25.21 ? 1922 GLN A CB  1 
ATOM   552  C CG  . GLN A 1 88  ? -2.655  -14.230 1.003   1.00 29.98 ? 1922 GLN A CG  1 
ATOM   553  C CD  . GLN A 1 88  ? -3.444  -14.010 -0.273  1.00 31.38 ? 1922 GLN A CD  1 
ATOM   554  O OE1 . GLN A 1 88  ? -2.882  -13.994 -1.361  1.00 32.15 ? 1922 GLN A OE1 1 
ATOM   555  N NE2 . GLN A 1 88  ? -4.752  -13.816 -0.140  1.00 27.71 ? 1922 GLN A NE2 1 
ATOM   556  N N   . TYR A 1 89  ? 0.493   -11.568 3.627   1.00 23.73 ? 1923 TYR A N   1 
ATOM   557  C CA  . TYR A 1 89  ? 1.725   -10.799 3.852   1.00 22.25 ? 1923 TYR A CA  1 
ATOM   558  C C   . TYR A 1 89  ? 2.577   -11.472 4.929   1.00 25.47 ? 1923 TYR A C   1 
ATOM   559  O O   . TYR A 1 89  ? 2.160   -11.570 6.084   1.00 25.10 ? 1923 TYR A O   1 
ATOM   560  C CB  . TYR A 1 89  ? 1.429   -9.353  4.267   1.00 20.11 ? 1923 TYR A CB  1 
ATOM   561  C CG  . TYR A 1 89  ? 0.740   -8.576  3.167   1.00 20.40 ? 1923 TYR A CG  1 
ATOM   562  C CD1 . TYR A 1 89  ? 1.384   -8.341  1.958   1.00 24.18 ? 1923 TYR A CD1 1 
ATOM   563  C CD2 . TYR A 1 89  ? -0.562  -8.104  3.326   1.00 21.87 ? 1923 TYR A CD2 1 
ATOM   564  C CE1 . TYR A 1 89  ? 0.749   -7.635  0.923   1.00 23.36 ? 1923 TYR A CE1 1 
ATOM   565  C CE2 . TYR A 1 89  ? -1.205  -7.396  2.294   1.00 21.65 ? 1923 TYR A CE2 1 
ATOM   566  C CZ  . TYR A 1 89  ? -0.537  -7.180  1.096   1.00 21.40 ? 1923 TYR A CZ  1 
ATOM   567  O OH  . TYR A 1 89  ? -1.147  -6.487  0.059   1.00 22.76 ? 1923 TYR A OH  1 
ATOM   568  N N   . PRO A 1 90  ? 3.777   -11.928 4.545   1.00 24.46 ? 1924 PRO A N   1 
ATOM   569  C CA  . PRO A 1 90  ? 4.727   -12.554 5.467   1.00 30.95 ? 1924 PRO A CA  1 
ATOM   570  C C   . PRO A 1 90  ? 5.212   -11.577 6.538   1.00 33.63 ? 1924 PRO A C   1 
ATOM   571  O O   . PRO A 1 90  ? 5.432   -11.977 7.682   1.00 32.14 ? 1924 PRO A O   1 
ATOM   572  C CB  . PRO A 1 90  ? 5.879   -12.976 4.551   1.00 31.77 ? 1924 PRO A CB  1 
ATOM   573  C CG  . PRO A 1 90  ? 5.279   -13.070 3.193   1.00 31.92 ? 1924 PRO A CG  1 
ATOM   574  C CD  . PRO A 1 90  ? 4.235   -12.001 3.146   1.00 26.66 ? 1924 PRO A CD  1 
ATOM   575  N N   . ASN A 1 91  ? 5.370   -10.307 6.176   1.00 26.47 ? 1925 ASN A N   1 
ATOM   576  C CA  . ASN A 1 91  ? 5.881   -9.314  7.123   1.00 25.91 ? 1925 ASN A CA  1 
ATOM   577  C C   . ASN A 1 91  ? 5.402   -7.906  6.768   1.00 31.12 ? 1925 ASN A C   1 
ATOM   578  O O   . ASN A 1 91  ? 4.767   -7.708  5.725   1.00 25.92 ? 1925 ASN A O   1 
ATOM   579  C CB  . ASN A 1 91  ? 7.404   -9.355  7.150   1.00 31.03 ? 1925 ASN A CB  1 
ATOM   580  C CG  . ASN A 1 91  ? 7.995   -9.162  5.785   1.00 31.68 ? 1925 ASN A CG  1 
ATOM   581  O OD1 . ASN A 1 91  ? 7.780   -8.130  5.146   1.00 31.76 ? 1925 ASN A OD1 1 
ATOM   582  N ND2 . ASN A 1 91  ? 8.728   -10.159 5.309   1.00 33.52 ? 1925 ASN A ND2 1 
ATOM   583  N N   A LEU A 1 92  ? 5.703   -6.952  7.648   0.22 28.94 ? 1926 LEU A N   1 
ATOM   584  N N   B LEU A 1 92  ? 5.710   -6.915  7.599   0.78 28.99 ? 1926 LEU A N   1 
ATOM   585  C CA  A LEU A 1 92  ? 5.364   -5.543  7.445   0.22 28.46 ? 1926 LEU A CA  1 
ATOM   586  C CA  B LEU A 1 92  ? 5.160   -5.581  7.343   0.78 28.46 ? 1926 LEU A CA  1 
ATOM   587  C C   A LEU A 1 92  ? 5.738   -5.070  6.058   0.22 26.79 ? 1926 LEU A C   1 
ATOM   588  C C   B LEU A 1 92  ? 5.780   -4.932  6.095   0.78 26.80 ? 1926 LEU A C   1 
ATOM   589  O O   A LEU A 1 92  ? 4.938   -4.466  5.343   0.22 25.62 ? 1926 LEU A O   1 
ATOM   590  O O   B LEU A 1 92  ? 5.163   -4.058  5.483   0.78 25.34 ? 1926 LEU A O   1 
ATOM   591  C CB  A LEU A 1 92  ? 6.083   -4.658  8.469   0.22 29.03 ? 1926 LEU A CB  1 
ATOM   592  C CB  B LEU A 1 92  ? 5.334   -4.668  8.568   0.78 29.90 ? 1926 LEU A CB  1 
ATOM   593  C CG  A LEU A 1 92  ? 5.563   -4.582  9.899   0.22 28.30 ? 1926 LEU A CG  1 
ATOM   594  C CG  B LEU A 1 92  ? 6.734   -4.114  8.835   0.78 28.02 ? 1926 LEU A CG  1 
ATOM   595  C CD1 A LEU A 1 92  ? 6.477   -3.701  10.736  0.22 28.61 ? 1926 LEU A CD1 1 
ATOM   596  C CD1 B LEU A 1 92  ? 6.722   -3.136  10.007  0.78 26.68 ? 1926 LEU A CD1 1 
ATOM   597  C CD2 A LEU A 1 92  ? 4.155   -4.044  9.906   0.22 28.49 ? 1926 LEU A CD2 1 
ATOM   598  C CD2 B LEU A 1 92  ? 7.694   -5.257  9.107   0.78 29.10 ? 1926 LEU A CD2 1 
ATOM   599  N N   . GLU A 1 93  ? 6.977   -5.358  5.693   1.00 24.57 ? 1927 GLU A N   1 
ATOM   600  C CA  . GLU A 1 93  ? 7.591   -4.775  4.513   1.00 27.27 ? 1927 GLU A CA  1 
ATOM   601  C C   . GLU A 1 93  ? 6.904   -5.200  3.212   1.00 26.73 ? 1927 GLU A C   1 
ATOM   602  O O   . GLU A 1 93  ? 6.845   -4.420  2.262   1.00 26.19 ? 1927 GLU A O   1 
ATOM   603  C CB  . GLU A 1 93  ? 9.081   -5.121  4.474   1.00 33.12 ? 1927 GLU A CB  1 
ATOM   604  C CG  . GLU A 1 93  ? 9.857   -4.634  5.723   1.00 35.40 ? 1927 GLU A CG  1 
ATOM   605  C CD  . GLU A 1 93  ? 9.849   -3.103  5.905   1.00 40.91 ? 1927 GLU A CD  1 
ATOM   606  O OE1 . GLU A 1 93  ? 9.595   -2.364  4.920   1.00 40.22 ? 1927 GLU A OE1 1 
ATOM   607  O OE2 . GLU A 1 93  ? 10.105  -2.638  7.041   1.00 42.61 ? 1927 GLU A OE2 1 
ATOM   608  N N   . THR A 1 94  ? 6.375   -6.419  3.169   1.00 23.82 ? 1928 THR A N   1 
ATOM   609  C CA  . THR A 1 94  ? 5.660   -6.861  1.980   1.00 26.10 ? 1928 THR A CA  1 
ATOM   610  C C   . THR A 1 94  ? 4.338   -6.116  1.870   1.00 22.90 ? 1928 THR A C   1 
ATOM   611  O O   . THR A 1 94  ? 3.837   -5.890  0.765   1.00 22.08 ? 1928 THR A O   1 
ATOM   612  C CB  . THR A 1 94  ? 5.398   -8.382  1.977   1.00 26.73 ? 1928 THR A CB  1 
ATOM   613  O OG1 . THR A 1 94  ? 4.694   -8.760  3.164   1.00 24.84 ? 1928 THR A OG1 1 
ATOM   614  C CG2 . THR A 1 94  ? 6.714   -9.150  1.907   1.00 30.25 ? 1928 THR A CG2 1 
ATOM   615  N N   . PHE A 1 95  ? 3.771   -5.745  3.014   1.00 23.39 ? 1929 PHE A N   1 
ATOM   616  C CA  . PHE A 1 95  ? 2.556   -4.928  3.034   1.00 23.68 ? 1929 PHE A CA  1 
ATOM   617  C C   . PHE A 1 95  ? 2.870   -3.551  2.453   1.00 21.64 ? 1929 PHE A C   1 
ATOM   618  O O   . PHE A 1 95  ? 2.166   -3.074  1.556   1.00 18.99 ? 1929 PHE A O   1 
ATOM   619  C CB  . PHE A 1 95  ? 2.004   -4.820  4.462   1.00 20.25 ? 1929 PHE A CB  1 
ATOM   620  C CG  . PHE A 1 95  ? 0.945   -3.758  4.639   1.00 19.81 ? 1929 PHE A CG  1 
ATOM   621  C CD1 . PHE A 1 95  ? -0.379  -4.019  4.323   1.00 18.55 ? 1929 PHE A CD1 1 
ATOM   622  C CD2 . PHE A 1 95  ? 1.276   -2.511  5.158   1.00 18.18 ? 1929 PHE A CD2 1 
ATOM   623  C CE1 . PHE A 1 95  ? -1.351  -3.039  4.494   1.00 20.69 ? 1929 PHE A CE1 1 
ATOM   624  C CE2 . PHE A 1 95  ? 0.316   -1.531  5.329   1.00 23.49 ? 1929 PHE A CE2 1 
ATOM   625  C CZ  . PHE A 1 95  ? -1.004  -1.798  5.002   1.00 20.20 ? 1929 PHE A CZ  1 
ATOM   626  N N   . ALA A 1 96  ? 3.938   -2.918  2.934   1.00 18.47 ? 1930 ALA A N   1 
ATOM   627  C CA  . ALA A 1 96  ? 4.296   -1.584  2.441   1.00 20.96 ? 1930 ALA A CA  1 
ATOM   628  C C   . ALA A 1 96  ? 4.617   -1.600  0.937   1.00 22.20 ? 1930 ALA A C   1 
ATOM   629  O O   . ALA A 1 96  ? 4.343   -0.622  0.227   1.00 18.87 ? 1930 ALA A O   1 
ATOM   630  C CB  . ALA A 1 96  ? 5.480   -1.018  3.230   1.00 21.04 ? 1930 ALA A CB  1 
ATOM   631  N N   . LEU A 1 97  ? 5.198   -2.695  0.448   1.00 21.72 ? 1931 LEU A N   1 
ATOM   632  C CA  . LEU A 1 97  ? 5.496   -2.794  -0.985  1.00 23.53 ? 1931 LEU A CA  1 
ATOM   633  C C   . LEU A 1 97  ? 4.219   -2.730  -1.830  1.00 22.07 ? 1931 LEU A C   1 
ATOM   634  O O   . LEU A 1 97  ? 4.183   -2.064  -2.867  1.00 22.24 ? 1931 LEU A O   1 
ATOM   635  C CB  . LEU A 1 97  ? 6.269   -4.082  -1.300  1.00 28.67 ? 1931 LEU A CB  1 
ATOM   636  C CG  . LEU A 1 97  ? 7.742   -4.074  -0.876  1.00 33.36 ? 1931 LEU A CG  1 
ATOM   637  C CD1 . LEU A 1 97  ? 8.373   -5.453  -1.083  1.00 30.38 ? 1931 LEU A CD1 1 
ATOM   638  C CD2 . LEU A 1 97  ? 8.500   -3.003  -1.651  1.00 30.77 ? 1931 LEU A CD2 1 
ATOM   639  N N   . ASP A 1 98  ? 3.168   -3.413  -1.387  1.00 21.69 ? 1932 ASP A N   1 
ATOM   640  C CA  . ASP A 1 98  ? 1.902   -3.378  -2.121  1.00 21.09 ? 1932 ASP A CA  1 
ATOM   641  C C   . ASP A 1 98  ? 1.251   -2.007  -2.055  1.00 19.29 ? 1932 ASP A C   1 
ATOM   642  O O   . ASP A 1 98  ? 0.630   -1.565  -3.022  1.00 18.19 ? 1932 ASP A O   1 
ATOM   643  C CB  . ASP A 1 98  ? 0.922   -4.430  -1.585  1.00 19.05 ? 1932 ASP A CB  1 
ATOM   644  C CG  . ASP A 1 98  ? 0.936   -5.710  -2.402  1.00 21.52 ? 1932 ASP A CG  1 
ATOM   645  O OD1 . ASP A 1 98  ? 1.682   -5.774  -3.412  1.00 25.09 ? 1932 ASP A OD1 1 
ATOM   646  O OD2 . ASP A 1 98  ? 0.194   -6.651  -2.042  1.00 21.36 ? 1932 ASP A OD2 1 
ATOM   647  N N   . VAL A 1 99  ? 1.347   -1.341  -0.905  1.00 18.44 ? 1933 VAL A N   1 
ATOM   648  C CA  . VAL A 1 99  ? 0.762   -0.003  -0.803  1.00 18.01 ? 1933 VAL A CA  1 
ATOM   649  C C   . VAL A 1 99  ? 1.483   0.944   -1.768  1.00 20.74 ? 1933 VAL A C   1 
ATOM   650  O O   . VAL A 1 99  ? 0.853   1.675   -2.526  1.00 20.85 ? 1933 VAL A O   1 
ATOM   651  C CB  . VAL A 1 99  ? 0.834   0.574   0.640   1.00 18.12 ? 1933 VAL A CB  1 
ATOM   652  C CG1 . VAL A 1 99  ? 0.366   2.029   0.656   1.00 19.65 ? 1933 VAL A CG1 1 
ATOM   653  C CG2 . VAL A 1 99  ? -0.038  -0.263  1.598   1.00 19.24 ? 1933 VAL A CG2 1 
ATOM   654  N N   . ARG A 1 100 ? 2.810   0.928   -1.734  1.00 19.75 ? 1934 ARG A N   1 
ATOM   655  C CA  . ARG A 1 100 ? 3.598   1.785   -2.619  1.00 20.04 ? 1934 ARG A CA  1 
ATOM   656  C C   . ARG A 1 100 ? 3.319   1.476   -4.091  1.00 20.65 ? 1934 ARG A C   1 
ATOM   657  O O   . ARG A 1 100 ? 3.264   2.395   -4.916  1.00 21.81 ? 1934 ARG A O   1 
ATOM   658  C CB  . ARG A 1 100 ? 5.091   1.629   -2.296  1.00 21.26 ? 1934 ARG A CB  1 
ATOM   659  C CG  . ARG A 1 100 ? 5.464   2.339   -0.992  1.00 19.60 ? 1934 ARG A CG  1 
ATOM   660  C CD  . ARG A 1 100 ? 6.783   1.869   -0.404  1.00 23.22 ? 1934 ARG A CD  1 
ATOM   661  N NE  . ARG A 1 100 ? 6.956   2.489   0.910   1.00 23.99 ? 1934 ARG A NE  1 
ATOM   662  C CZ  . ARG A 1 100 ? 7.696   1.993   1.890   1.00 27.43 ? 1934 ARG A CZ  1 
ATOM   663  N NH1 . ARG A 1 100 ? 8.364   0.858   1.716   1.00 26.41 ? 1934 ARG A NH1 1 
ATOM   664  N NH2 . ARG A 1 100 ? 7.768   2.642   3.042   1.00 28.50 ? 1934 ARG A NH2 1 
ATOM   665  N N   . LEU A 1 101 ? 3.117   0.199   -4.406  1.00 24.60 ? 1935 LEU A N   1 
ATOM   666  C CA  . LEU A 1 101 ? 2.796   -0.225  -5.773  1.00 19.76 ? 1935 LEU A CA  1 
ATOM   667  C C   . LEU A 1 101 ? 1.540   0.478   -6.290  1.00 20.32 ? 1935 LEU A C   1 
ATOM   668  O O   . LEU A 1 101 ? 1.484   0.882   -7.458  1.00 20.63 ? 1935 LEU A O   1 
ATOM   669  C CB  . LEU A 1 101 ? 2.632   -1.750  -5.830  1.00 23.55 ? 1935 LEU A CB  1 
ATOM   670  C CG  . LEU A 1 101 ? 2.185   -2.413  -7.139  1.00 22.61 ? 1935 LEU A CG  1 
ATOM   671  C CD1 . LEU A 1 101 ? 3.169   -2.126  -8.277  1.00 22.91 ? 1935 LEU A CD1 1 
ATOM   672  C CD2 . LEU A 1 101 ? 2.019   -3.920  -6.952  1.00 20.86 ? 1935 LEU A CD2 1 
ATOM   673  N N   . VAL A 1 102 ? 0.533   0.641   -5.426  1.00 17.50 ? 1936 VAL A N   1 
ATOM   674  C CA  . VAL A 1 102 ? -0.657  1.385   -5.814  1.00 16.95 ? 1936 VAL A CA  1 
ATOM   675  C C   . VAL A 1 102 ? -0.273  2.773   -6.332  1.00 21.41 ? 1936 VAL A C   1 
ATOM   676  O O   . VAL A 1 102 ? -0.771  3.230   -7.368  1.00 23.17 ? 1936 VAL A O   1 
ATOM   677  C CB  . VAL A 1 102 ? -1.640  1.540   -4.629  1.00 19.75 ? 1936 VAL A CB  1 
ATOM   678  C CG1 . VAL A 1 102 ? -2.828  2.458   -5.010  1.00 17.89 ? 1936 VAL A CG1 1 
ATOM   679  C CG2 . VAL A 1 102 ? -2.137  0.169   -4.160  1.00 18.12 ? 1936 VAL A CG2 1 
ATOM   680  N N   . PHE A 1 103 ? 0.618   3.452   -5.617  1.00 16.48 ? 1937 PHE A N   1 
ATOM   681  C CA  . PHE A 1 103 ? 0.925   4.843   -5.955  1.00 18.83 ? 1937 PHE A CA  1 
ATOM   682  C C   . PHE A 1 103 ? 1.925   4.925   -7.095  1.00 21.85 ? 1937 PHE A C   1 
ATOM   683  O O   . PHE A 1 103 ? 1.879   5.862   -7.901  1.00 25.42 ? 1937 PHE A O   1 
ATOM   684  C CB  . PHE A 1 103 ? 1.428   5.585   -4.708  1.00 20.80 ? 1937 PHE A CB  1 
ATOM   685  C CG  . PHE A 1 103 ? 0.453   5.515   -3.567  1.00 18.68 ? 1937 PHE A CG  1 
ATOM   686  C CD1 . PHE A 1 103 ? -0.910  5.675   -3.809  1.00 21.68 ? 1937 PHE A CD1 1 
ATOM   687  C CD2 . PHE A 1 103 ? 0.879   5.229   -2.283  1.00 22.01 ? 1937 PHE A CD2 1 
ATOM   688  C CE1 . PHE A 1 103 ? -1.829  5.581   -2.785  1.00 21.49 ? 1937 PHE A CE1 1 
ATOM   689  C CE2 . PHE A 1 103 ? -0.039  5.129   -1.248  1.00 24.15 ? 1937 PHE A CE2 1 
ATOM   690  C CZ  . PHE A 1 103 ? -1.393  5.304   -1.500  1.00 19.79 ? 1937 PHE A CZ  1 
ATOM   691  N N   . ASP A 1 104 ? 2.785   3.921   -7.198  1.00 20.58 ? 1938 ASP A N   1 
ATOM   692  C CA  . ASP A 1 104 ? 3.717   3.851   -8.320  1.00 24.25 ? 1938 ASP A CA  1 
ATOM   693  C C   . ASP A 1 104 ? 2.950   3.611   -9.622  1.00 25.88 ? 1938 ASP A C   1 
ATOM   694  O O   . ASP A 1 104 ? 3.250   4.237   -10.647 1.00 24.31 ? 1938 ASP A O   1 
ATOM   695  C CB  . ASP A 1 104 ? 4.754   2.755   -8.098  1.00 22.16 ? 1938 ASP A CB  1 
ATOM   696  C CG  . ASP A 1 104 ? 5.769   3.119   -7.030  1.00 24.39 ? 1938 ASP A CG  1 
ATOM   697  O OD1 . ASP A 1 104 ? 5.847   4.304   -6.652  1.00 27.33 ? 1938 ASP A OD1 1 
ATOM   698  O OD2 . ASP A 1 104 ? 6.494   2.215   -6.575  1.00 29.43 ? 1938 ASP A OD2 1 
ATOM   699  N N   . ASN A 1 105 ? 1.963   2.716   -9.580  1.00 25.55 ? 1939 ASN A N   1 
ATOM   700  C CA  . ASN A 1 105 ? 1.088   2.495   -10.733 1.00 23.66 ? 1939 ASN A CA  1 
ATOM   701  C C   . ASN A 1 105 ? 0.364   3.780   -11.121 1.00 26.72 ? 1939 ASN A C   1 
ATOM   702  O O   . ASN A 1 105 ? 0.229   4.095   -12.311 1.00 24.33 ? 1939 ASN A O   1 
ATOM   703  C CB  . ASN A 1 105 ? 0.049   1.399   -10.451 1.00 20.24 ? 1939 ASN A CB  1 
ATOM   704  C CG  . ASN A 1 105 ? 0.662   0.010   -10.373 1.00 22.99 ? 1939 ASN A CG  1 
ATOM   705  O OD1 . ASN A 1 105 ? 1.785   -0.213  -10.832 1.00 25.02 ? 1939 ASN A OD1 1 
ATOM   706  N ND2 . ASN A 1 105 ? -0.096  -0.949  -9.814  1.00 19.58 ? 1939 ASN A ND2 1 
ATOM   707  N N   . CYS A 1 106 ? -0.114  4.515   -10.113 1.00 19.15 ? 1940 CYS A N   1 
ATOM   708  C CA  . CYS A 1 106 ? -0.824  5.766   -10.351 1.00 22.96 ? 1940 CYS A CA  1 
ATOM   709  C C   . CYS A 1 106 ? 0.055   6.766   -11.099 1.00 25.10 ? 1940 CYS A C   1 
ATOM   710  O O   . CYS A 1 106 ? -0.414  7.453   -12.012 1.00 31.05 ? 1940 CYS A O   1 
ATOM   711  C CB  . CYS A 1 106 ? -1.297  6.380   -9.030  1.00 21.85 ? 1940 CYS A CB  1 
ATOM   712  S SG  . CYS A 1 106 ? -2.258  7.906   -9.198  1.00 23.73 ? 1940 CYS A SG  1 
ATOM   713  N N   . GLU A 1 107 ? 1.325   6.846   -10.716 1.00 25.95 ? 1941 GLU A N   1 
ATOM   714  C CA  . GLU A 1 107 ? 2.234   7.788   -11.377 1.00 30.01 ? 1941 GLU A CA  1 
ATOM   715  C C   . GLU A 1 107 ? 2.538   7.376   -12.802 1.00 31.80 ? 1941 GLU A C   1 
ATOM   716  O O   . GLU A 1 107 ? 2.712   8.222   -13.679 1.00 32.50 ? 1941 GLU A O   1 
ATOM   717  C CB  . GLU A 1 107 ? 3.534   7.923   -10.600 1.00 28.57 ? 1941 GLU A CB  1 
ATOM   718  C CG  . GLU A 1 107 ? 3.416   8.867   -9.441  1.00 34.67 ? 1941 GLU A CG  1 
ATOM   719  C CD  . GLU A 1 107 ? 4.769   9.295   -8.909  1.00 45.40 ? 1941 GLU A CD  1 
ATOM   720  O OE1 . GLU A 1 107 ? 5.598   9.781   -9.715  1.00 48.48 ? 1941 GLU A OE1 1 
ATOM   721  O OE2 . GLU A 1 107 ? 5.003   9.136   -7.690  1.00 42.60 ? 1941 GLU A OE2 1 
ATOM   722  N N   . THR A 1 108 ? 2.600   6.071   -13.029 1.00 24.65 ? 1942 THR A N   1 
ATOM   723  C CA  . THR A 1 108 ? 2.888   5.539   -14.360 1.00 30.42 ? 1942 THR A CA  1 
ATOM   724  C C   . THR A 1 108 ? 1.778   5.897   -15.353 1.00 36.16 ? 1942 THR A C   1 
ATOM   725  O O   . THR A 1 108 ? 2.044   6.219   -16.517 1.00 30.26 ? 1942 THR A O   1 
ATOM   726  C CB  . THR A 1 108 ? 3.068   4.009   -14.318 1.00 28.46 ? 1942 THR A CB  1 
ATOM   727  O OG1 . THR A 1 108 ? 4.302   3.694   -13.662 1.00 31.26 ? 1942 THR A OG1 1 
ATOM   728  C CG2 . THR A 1 108 ? 3.088   3.417   -15.718 1.00 32.24 ? 1942 THR A CG2 1 
ATOM   729  N N   . PHE A 1 109 ? 0.537   5.867   -14.882 1.00 25.68 ? 1943 PHE A N   1 
ATOM   730  C CA  . PHE A 1 109 ? -0.614  5.972   -15.772 1.00 28.38 ? 1943 PHE A CA  1 
ATOM   731  C C   . PHE A 1 109 ? -1.267  7.355   -15.791 1.00 29.43 ? 1943 PHE A C   1 
ATOM   732  O O   . PHE A 1 109 ? -2.108  7.630   -16.648 1.00 31.16 ? 1943 PHE A O   1 
ATOM   733  C CB  . PHE A 1 109 ? -1.663  4.928   -15.382 1.00 27.56 ? 1943 PHE A CB  1 
ATOM   734  C CG  . PHE A 1 109 ? -2.612  4.566   -16.496 1.00 23.96 ? 1943 PHE A CG  1 
ATOM   735  C CD1 . PHE A 1 109 ? -2.221  3.682   -17.492 1.00 27.92 ? 1943 PHE A CD1 1 
ATOM   736  C CD2 . PHE A 1 109 ? -3.902  5.078   -16.527 1.00 25.78 ? 1943 PHE A CD2 1 
ATOM   737  C CE1 . PHE A 1 109 ? -3.096  3.326   -18.508 1.00 26.99 ? 1943 PHE A CE1 1 
ATOM   738  C CE2 . PHE A 1 109 ? -4.782  4.727   -17.539 1.00 28.86 ? 1943 PHE A CE2 1 
ATOM   739  C CZ  . PHE A 1 109 ? -4.377  3.850   -18.529 1.00 27.32 ? 1943 PHE A CZ  1 
ATOM   740  N N   . ASN A 1 110 ? -0.898  8.219   -14.851 1.00 26.51 ? 1944 ASN A N   1 
ATOM   741  C CA  . ASN A 1 110 ? -1.541  9.527   -14.741 1.00 30.85 ? 1944 ASN A CA  1 
ATOM   742  C C   . ASN A 1 110 ? -0.548  10.691  -14.738 1.00 28.26 ? 1944 ASN A C   1 
ATOM   743  O O   . ASN A 1 110 ? 0.522   10.603  -14.136 1.00 29.68 ? 1944 ASN A O   1 
ATOM   744  C CB  . ASN A 1 110 ? -2.393  9.598   -13.476 1.00 26.95 ? 1944 ASN A CB  1 
ATOM   745  C CG  . ASN A 1 110 ? -3.471  8.535   -13.443 1.00 29.95 ? 1944 ASN A CG  1 
ATOM   746  O OD1 . ASN A 1 110 ? -4.554  8.725   -13.987 1.00 27.63 ? 1944 ASN A OD1 1 
ATOM   747  N ND2 . ASN A 1 110 ? -3.174  7.403   -12.805 1.00 24.14 ? 1944 ASN A ND2 1 
ATOM   748  N N   . GLU A 1 111 ? -0.905  11.776  -15.420 1.00 32.97 ? 1945 GLU A N   1 
ATOM   749  C CA  . GLU A 1 111 ? -0.135  13.016  -15.334 1.00 33.85 ? 1945 GLU A CA  1 
ATOM   750  C C   . GLU A 1 111 ? -0.211  13.560  -13.912 1.00 31.35 ? 1945 GLU A C   1 
ATOM   751  O O   . GLU A 1 111 ? -1.271  13.487  -13.288 1.00 32.80 ? 1945 GLU A O   1 
ATOM   752  C CB  A GLU A 1 111 ? -0.673  14.063  -16.312 0.52 35.35 ? 1945 GLU A CB  1 
ATOM   753  C CB  B GLU A 1 111 ? -0.647  14.048  -16.339 0.48 35.36 ? 1945 GLU A CB  1 
ATOM   754  C CG  A GLU A 1 111 ? -1.046  13.526  -17.690 0.52 35.28 ? 1945 GLU A CG  1 
ATOM   755  C CG  B GLU A 1 111 ? -0.357  13.694  -17.799 0.48 33.82 ? 1945 GLU A CG  1 
ATOM   756  C CD  A GLU A 1 111 ? -2.026  14.431  -18.420 0.52 39.70 ? 1945 GLU A CD  1 
ATOM   757  C CD  B GLU A 1 111 ? 1.076   13.985  -18.203 0.48 37.87 ? 1945 GLU A CD  1 
ATOM   758  O OE1 A GLU A 1 111 ? -1.631  15.554  -18.795 0.52 39.54 ? 1945 GLU A OE1 1 
ATOM   759  O OE1 B GLU A 1 111 ? 1.786   14.673  -17.440 0.48 40.23 ? 1945 GLU A OE1 1 
ATOM   760  O OE2 A GLU A 1 111 ? -3.195  14.022  -18.610 0.52 39.91 ? 1945 GLU A OE2 1 
ATOM   761  O OE2 B GLU A 1 111 ? 1.494   13.525  -19.284 0.48 40.18 ? 1945 GLU A OE2 1 
ATOM   762  N N   . ASP A 1 112 ? 0.899   14.104  -13.410 1.00 36.06 ? 1946 ASP A N   1 
ATOM   763  C CA  . ASP A 1 112 ? 0.923   14.727  -12.084 1.00 35.90 ? 1946 ASP A CA  1 
ATOM   764  C C   . ASP A 1 112 ? -0.157  15.786  -11.966 1.00 37.21 ? 1946 ASP A C   1 
ATOM   765  O O   . ASP A 1 112 ? -0.725  15.988  -10.901 1.00 38.67 ? 1946 ASP A O   1 
ATOM   766  C CB  . ASP A 1 112 ? 2.287   15.358  -11.787 1.00 34.99 ? 1946 ASP A CB  1 
ATOM   767  C CG  . ASP A 1 112 ? 3.401   14.341  -11.713 1.00 39.95 ? 1946 ASP A CG  1 
ATOM   768  O OD1 . ASP A 1 112 ? 3.130   13.174  -11.356 1.00 42.98 ? 1946 ASP A OD1 1 
ATOM   769  O OD2 . ASP A 1 112 ? 4.556   14.704  -12.009 1.00 40.64 ? 1946 ASP A OD2 1 
ATOM   770  N N   . ASP A 1 113 ? -0.439  16.461  -13.076 1.00 43.89 ? 1947 ASP A N   1 
ATOM   771  C CA  . ASP A 1 113 ? -1.433  17.527  -13.095 1.00 45.74 ? 1947 ASP A CA  1 
ATOM   772  C C   . ASP A 1 113 ? -2.807  17.006  -13.525 1.00 49.25 ? 1947 ASP A C   1 
ATOM   773  O O   . ASP A 1 113 ? -3.421  17.516  -14.466 1.00 55.13 ? 1947 ASP A O   1 
ATOM   774  C CB  . ASP A 1 113 ? -0.967  18.655  -14.020 1.00 54.73 ? 1947 ASP A CB  1 
ATOM   775  C CG  . ASP A 1 113 ? -1.851  19.882  -13.935 1.00 59.67 ? 1947 ASP A CG  1 
ATOM   776  O OD1 . ASP A 1 113 ? -2.690  19.954  -13.006 1.00 61.12 ? 1947 ASP A OD1 1 
ATOM   777  O OD2 . ASP A 1 113 ? -1.706  20.778  -14.797 1.00 67.54 ? 1947 ASP A OD2 1 
ATOM   778  N N   . SER A 1 114 ? -3.277  15.972  -12.836 1.00 37.51 ? 1948 SER A N   1 
ATOM   779  C CA  . SER A 1 114 ? -4.615  15.427  -13.044 1.00 36.35 ? 1948 SER A CA  1 
ATOM   780  C C   . SER A 1 114 ? -5.198  15.180  -11.671 1.00 34.49 ? 1948 SER A C   1 
ATOM   781  O O   . SER A 1 114 ? -4.448  15.135  -10.697 1.00 35.79 ? 1948 SER A O   1 
ATOM   782  C CB  . SER A 1 114 ? -4.574  14.134  -13.869 1.00 39.73 ? 1948 SER A CB  1 
ATOM   783  O OG  . SER A 1 114 ? -3.745  13.146  -13.263 1.00 32.68 ? 1948 SER A OG  1 
ATOM   784  N N   . ASP A 1 115 ? -6.514  15.040  -11.564 1.00 34.59 ? 1949 ASP A N   1 
ATOM   785  C CA  A ASP A 1 115 ? -7.165  14.752  -10.287 0.55 35.03 ? 1949 ASP A CA  1 
ATOM   786  C CA  B ASP A 1 115 ? -7.080  14.807  -10.247 0.45 35.07 ? 1949 ASP A CA  1 
ATOM   787  C C   . ASP A 1 115 ? -6.602  13.478  -9.658  1.00 33.50 ? 1949 ASP A C   1 
ATOM   788  O O   . ASP A 1 115 ? -6.316  13.416  -8.461  1.00 28.64 ? 1949 ASP A O   1 
ATOM   789  C CB  A ASP A 1 115 ? -8.681  14.596  -10.461 0.55 33.96 ? 1949 ASP A CB  1 
ATOM   790  C CB  B ASP A 1 115 ? -8.602  14.882  -10.289 0.45 34.32 ? 1949 ASP A CB  1 
ATOM   791  C CG  A ASP A 1 115 ? -9.374  15.893  -10.849 0.55 37.15 ? 1949 ASP A CG  1 
ATOM   792  C CG  B ASP A 1 115 ? -9.102  16.315  -10.220 0.45 38.09 ? 1949 ASP A CG  1 
ATOM   793  O OD1 A ASP A 1 115 ? -9.408  16.828  -10.019 0.55 37.82 ? 1949 ASP A OD1 1 
ATOM   794  O OD1 B ASP A 1 115 ? -8.435  17.187  -10.818 0.45 36.50 ? 1949 ASP A OD1 1 
ATOM   795  O OD2 A ASP A 1 115 ? -9.916  15.960  -11.973 0.55 33.63 ? 1949 ASP A OD2 1 
ATOM   796  O OD2 B ASP A 1 115 ? -10.127 16.576  -9.550  0.45 36.48 ? 1949 ASP A OD2 1 
ATOM   797  N N   . ILE A 1 116 ? -6.469  12.438  -10.480 1.00 31.57 ? 1950 ILE A N   1 
ATOM   798  C CA  . ILE A 1 116 ? -5.980  11.154  -9.969  1.00 28.19 ? 1950 ILE A CA  1 
ATOM   799  C C   . ILE A 1 116 ? -4.479  11.210  -9.684  1.00 28.38 ? 1950 ILE A C   1 
ATOM   800  O O   . ILE A 1 116 ? -4.002  10.637  -8.697  1.00 27.36 ? 1950 ILE A O   1 
ATOM   801  C CB  . ILE A 1 116 ? -6.295  10.000  -10.946 1.00 26.68 ? 1950 ILE A CB  1 
ATOM   802  C CG1 . ILE A 1 116 ? -7.810  9.776   -11.012 1.00 28.53 ? 1950 ILE A CG1 1 
ATOM   803  C CG2 . ILE A 1 116 ? -5.589  8.704   -10.508 1.00 23.64 ? 1950 ILE A CG2 1 
ATOM   804  C CD1 . ILE A 1 116 ? -8.223  8.673   -11.987 1.00 28.71 ? 1950 ILE A CD1 1 
ATOM   805  N N   . GLY A 1 117 ? -3.731  11.908  -10.534 1.00 26.91 ? 1951 GLY A N   1 
ATOM   806  C CA  . GLY A 1 117 ? -2.311  12.114  -10.295 1.00 24.80 ? 1951 GLY A CA  1 
ATOM   807  C C   . GLY A 1 117 ? -2.057  12.804  -8.960  1.00 27.91 ? 1951 GLY A C   1 
ATOM   808  O O   . GLY A 1 117 ? -1.188  12.382  -8.193  1.00 28.46 ? 1951 GLY A O   1 
ATOM   809  N N   . ARG A 1 118 ? -2.811  13.864  -8.683  1.00 29.64 ? 1952 ARG A N   1 
ATOM   810  C CA  . ARG A 1 118 ? -2.723  14.569  -7.409  1.00 30.44 ? 1952 ARG A CA  1 
ATOM   811  C C   . ARG A 1 118 ? -3.177  13.684  -6.248  1.00 26.38 ? 1952 ARG A C   1 
ATOM   812  O O   . ARG A 1 118 ? -2.563  13.685  -5.184  1.00 25.40 ? 1952 ARG A O   1 
ATOM   813  C CB  . ARG A 1 118 ? -3.559  15.857  -7.431  1.00 32.28 ? 1952 ARG A CB  1 
ATOM   814  C CG  . ARG A 1 118 ? -2.816  17.085  -7.948  1.00 42.94 ? 1952 ARG A CG  1 
ATOM   815  C CD  . ARG A 1 118 ? -3.652  18.366  -7.778  1.00 42.47 ? 1952 ARG A CD  1 
ATOM   816  N NE  . ARG A 1 118 ? -4.860  18.358  -8.601  1.00 43.65 ? 1952 ARG A NE  1 
ATOM   817  C CZ  . ARG A 1 118 ? -4.876  18.635  -9.903  1.00 46.25 ? 1952 ARG A CZ  1 
ATOM   818  N NH1 . ARG A 1 118 ? -6.023  18.598  -10.579 1.00 45.01 ? 1952 ARG A NH1 1 
ATOM   819  N NH2 . ARG A 1 118 ? -3.746  18.938  -10.530 1.00 42.89 ? 1952 ARG A NH2 1 
ATOM   820  N N   . ALA A 1 119 ? -4.264  12.944  -6.446  1.00 24.69 ? 1953 ALA A N   1 
ATOM   821  C CA  . ALA A 1 119 ? -4.740  12.017  -5.417  1.00 24.09 ? 1953 ALA A CA  1 
ATOM   822  C C   . ALA A 1 119 ? -3.650  11.024  -4.990  1.00 24.11 ? 1953 ALA A C   1 
ATOM   823  O O   . ALA A 1 119 ? -3.455  10.779  -3.798  1.00 22.95 ? 1953 ALA A O   1 
ATOM   824  C CB  . ALA A 1 119 ? -5.960  11.273  -5.905  1.00 25.35 ? 1953 ALA A CB  1 
ATOM   825  N N   . GLY A 1 120 ? -2.949  10.450  -5.966  1.00 20.44 ? 1954 GLY A N   1 
ATOM   826  C CA  . GLY A 1 120 ? -1.902  9.484   -5.688  1.00 24.61 ? 1954 GLY A CA  1 
ATOM   827  C C   . GLY A 1 120 ? -0.757  10.107  -4.917  1.00 24.90 ? 1954 GLY A C   1 
ATOM   828  O O   . GLY A 1 120 ? -0.293  9.536   -3.926  1.00 23.61 ? 1954 GLY A O   1 
ATOM   829  N N   . HIS A 1 121 ? -0.306  11.287  -5.346  1.00 25.13 ? 1955 HIS A N   1 
ATOM   830  C CA  . HIS A 1 121 ? 0.752   11.983  -4.623  1.00 25.96 ? 1955 HIS A CA  1 
ATOM   831  C C   . HIS A 1 121 ? 0.325   12.280  -3.183  1.00 21.17 ? 1955 HIS A C   1 
ATOM   832  O O   . HIS A 1 121 ? 1.105   12.069  -2.252  1.00 25.73 ? 1955 HIS A O   1 
ATOM   833  C CB  . HIS A 1 121 ? 1.154   13.272  -5.346  1.00 25.85 ? 1955 HIS A CB  1 
ATOM   834  C CG  . HIS A 1 121 ? 1.995   13.031  -6.557  1.00 30.21 ? 1955 HIS A CG  1 
ATOM   835  N ND1 . HIS A 1 121 ? 3.242   12.451  -6.486  1.00 32.82 ? 1955 HIS A ND1 1 
ATOM   836  C CD2 . HIS A 1 121 ? 1.764   13.270  -7.870  1.00 30.11 ? 1955 HIS A CD2 1 
ATOM   837  C CE1 . HIS A 1 121 ? 3.746   12.343  -7.703  1.00 37.40 ? 1955 HIS A CE1 1 
ATOM   838  N NE2 . HIS A 1 121 ? 2.869   12.831  -8.560  1.00 33.90 ? 1955 HIS A NE2 1 
ATOM   839  N N   . ASN A 1 122 ? -0.911  12.746  -2.996  1.00 24.32 ? 1956 ASN A N   1 
ATOM   840  C CA  . ASN A 1 122 ? -1.434  13.023  -1.659  1.00 25.68 ? 1956 ASN A CA  1 
ATOM   841  C C   . ASN A 1 122 ? -1.468  11.779  -0.766  1.00 29.09 ? 1956 ASN A C   1 
ATOM   842  O O   . ASN A 1 122 ? -1.044  11.813  0.403   1.00 23.05 ? 1956 ASN A O   1 
ATOM   843  C CB  . ASN A 1 122 ? -2.852  13.603  -1.735  1.00 23.31 ? 1956 ASN A CB  1 
ATOM   844  C CG  . ASN A 1 122 ? -2.887  15.035  -2.260  1.00 24.88 ? 1956 ASN A CG  1 
ATOM   845  O OD1 . ASN A 1 122 ? -1.851  15.677  -2.451  1.00 26.77 ? 1956 ASN A OD1 1 
ATOM   846  N ND2 . ASN A 1 122 ? -4.100  15.544  -2.489  1.00 24.20 ? 1956 ASN A ND2 1 
ATOM   847  N N   . MET A 1 123 ? -2.007  10.685  -1.310  1.00 20.49 ? 1957 MET A N   1 
ATOM   848  C CA  . MET A 1 123 ? -2.150  9.439   -0.557  1.00 20.64 ? 1957 MET A CA  1 
ATOM   849  C C   . MET A 1 123 ? -0.807  8.843   -0.213  1.00 17.82 ? 1957 MET A C   1 
ATOM   850  O O   . MET A 1 123 ? -0.647  8.223   0.840   1.00 22.25 ? 1957 MET A O   1 
ATOM   851  C CB  . MET A 1 123 ? -2.957  8.405   -1.348  1.00 19.89 ? 1957 MET A CB  1 
ATOM   852  C CG  . MET A 1 123 ? -4.425  8.768   -1.577  1.00 22.33 ? 1957 MET A CG  1 
ATOM   853  S SD  . MET A 1 123 ? -5.383  8.976   -0.073  1.00 34.92 ? 1957 MET A SD  1 
ATOM   854  C CE  . MET A 1 123 ? -5.063  7.458   0.828   1.00 27.13 ? 1957 MET A CE  1 
ATOM   855  N N   . ARG A 1 124 ? 0.156   9.004   -1.112  1.00 18.73 ? 1958 ARG A N   1 
ATOM   856  C CA  . ARG A 1 124 ? 1.502   8.493   -0.845  1.00 19.45 ? 1958 ARG A CA  1 
ATOM   857  C C   . ARG A 1 124 ? 2.092   9.212   0.363   1.00 25.34 ? 1958 ARG A C   1 
ATOM   858  O O   . ARG A 1 124 ? 2.620   8.586   1.291   1.00 22.79 ? 1958 ARG A O   1 
ATOM   859  C CB  . ARG A 1 124 ? 2.433   8.681   -2.040  1.00 22.58 ? 1958 ARG A CB  1 
ATOM   860  C CG  . ARG A 1 124 ? 3.764   7.966   -1.835  1.00 19.62 ? 1958 ARG A CG  1 
ATOM   861  C CD  . ARG A 1 124 ? 4.841   8.371   -2.833  1.00 27.06 ? 1958 ARG A CD  1 
ATOM   862  N NE  . ARG A 1 124 ? 4.546   7.983   -4.210  1.00 28.57 ? 1958 ARG A NE  1 
ATOM   863  C CZ  . ARG A 1 124 ? 4.866   6.808   -4.753  1.00 27.40 ? 1958 ARG A CZ  1 
ATOM   864  N NH1 . ARG A 1 124 ? 5.468   5.867   -4.036  1.00 26.03 ? 1958 ARG A NH1 1 
ATOM   865  N NH2 . ARG A 1 124 ? 4.571   6.568   -6.025  1.00 23.98 ? 1958 ARG A NH2 1 
ATOM   866  N N   . LYS A 1 125 ? 2.003   10.540  0.335   1.00 24.56 ? 1959 LYS A N   1 
ATOM   867  C CA  . LYS A 1 125 ? 2.519   11.361  1.430   1.00 29.26 ? 1959 LYS A CA  1 
ATOM   868  C C   . LYS A 1 125 ? 1.839   10.973  2.738   1.00 25.83 ? 1959 LYS A C   1 
ATOM   869  O O   . LYS A 1 125 ? 2.494   10.775  3.761   1.00 27.07 ? 1959 LYS A O   1 
ATOM   870  C CB  . LYS A 1 125 ? 2.306   12.852  1.129   1.00 23.47 ? 1959 LYS A CB  1 
ATOM   871  C CG  . LYS A 1 125 ? 2.966   13.782  2.144   1.00 32.04 ? 1959 LYS A CG  1 
ATOM   872  C CD  . LYS A 1 125 ? 4.460   13.881  1.882   1.00 44.14 ? 1959 LYS A CD  1 
ATOM   873  C CE  . LYS A 1 125 ? 5.166   14.746  2.923   1.00 49.55 ? 1959 LYS A CE  1 
ATOM   874  N NZ  . LYS A 1 125 ? 6.606   14.930  2.575   1.00 60.98 ? 1959 LYS A NZ  1 
ATOM   875  N N   . TYR A 1 126 ? 0.516   10.865  2.702   1.00 23.67 ? 1960 TYR A N   1 
ATOM   876  C CA  . TYR A 1 126 ? -0.269  10.434  3.851   1.00 24.02 ? 1960 TYR A CA  1 
ATOM   877  C C   . TYR A 1 126 ? 0.204   9.078   4.396   1.00 31.00 ? 1960 TYR A C   1 
ATOM   878  O O   . TYR A 1 126 ? 0.397   8.910   5.616   1.00 24.76 ? 1960 TYR A O   1 
ATOM   879  C CB  . TYR A 1 126 ? -1.745  10.372  3.451   1.00 21.21 ? 1960 TYR A CB  1 
ATOM   880  C CG  . TYR A 1 126 ? -2.753  10.225  4.566   1.00 21.33 ? 1960 TYR A CG  1 
ATOM   881  C CD1 . TYR A 1 126 ? -2.992  11.262  5.476   1.00 26.68 ? 1960 TYR A CD1 1 
ATOM   882  C CD2 . TYR A 1 126 ? -3.505  9.070   4.685   1.00 22.36 ? 1960 TYR A CD2 1 
ATOM   883  C CE1 . TYR A 1 126 ? -3.945  11.125  6.478   1.00 25.18 ? 1960 TYR A CE1 1 
ATOM   884  C CE2 . TYR A 1 126 ? -4.458  8.928   5.677   1.00 27.35 ? 1960 TYR A CE2 1 
ATOM   885  C CZ  . TYR A 1 126 ? -4.673  9.951   6.570   1.00 29.23 ? 1960 TYR A CZ  1 
ATOM   886  O OH  . TYR A 1 126 ? -5.622  9.773   7.549   1.00 37.88 ? 1960 TYR A OH  1 
ATOM   887  N N   . PHE A 1 127 ? 0.402   8.111   3.500   1.00 22.50 ? 1961 PHE A N   1 
ATOM   888  C CA  . PHE A 1 127 ? 0.851   6.785   3.928   1.00 22.72 ? 1961 PHE A CA  1 
ATOM   889  C C   . PHE A 1 127 ? 2.221   6.828   4.599   1.00 24.87 ? 1961 PHE A C   1 
ATOM   890  O O   . PHE A 1 127 ? 2.402   6.241   5.673   1.00 25.71 ? 1961 PHE A O   1 
ATOM   891  C CB  . PHE A 1 127 ? 0.909   5.800   2.753   1.00 21.17 ? 1961 PHE A CB  1 
ATOM   892  C CG  . PHE A 1 127 ? 1.582   4.495   3.099   1.00 21.55 ? 1961 PHE A CG  1 
ATOM   893  C CD1 . PHE A 1 127 ? 0.986   3.604   3.991   1.00 23.27 ? 1961 PHE A CD1 1 
ATOM   894  C CD2 . PHE A 1 127 ? 2.818   4.160   2.551   1.00 22.97 ? 1961 PHE A CD2 1 
ATOM   895  C CE1 . PHE A 1 127 ? 1.611   2.396   4.326   1.00 21.35 ? 1961 PHE A CE1 1 
ATOM   896  C CE2 . PHE A 1 127 ? 3.450   2.953   2.886   1.00 22.96 ? 1961 PHE A CE2 1 
ATOM   897  C CZ  . PHE A 1 127 ? 2.850   2.079   3.767   1.00 23.69 ? 1961 PHE A CZ  1 
ATOM   898  N N   . GLU A 1 128 ? 3.181   7.513   3.976   1.00 22.31 ? 1962 GLU A N   1 
ATOM   899  C CA  . GLU A 1 128 ? 4.569   7.418   4.420   1.00 25.24 ? 1962 GLU A CA  1 
ATOM   900  C C   . GLU A 1 128 ? 4.745   8.047   5.798   1.00 28.59 ? 1962 GLU A C   1 
ATOM   901  O O   . GLU A 1 128 ? 5.573   7.580   6.596   1.00 27.36 ? 1962 GLU A O   1 
ATOM   902  C CB  . GLU A 1 128 ? 5.521   8.058   3.404   1.00 26.22 ? 1962 GLU A CB  1 
ATOM   903  C CG  . GLU A 1 128 ? 5.580   7.336   2.034   1.00 25.29 ? 1962 GLU A CG  1 
ATOM   904  C CD  . GLU A 1 128 ? 6.103   5.892   2.099   1.00 30.02 ? 1962 GLU A CD  1 
ATOM   905  O OE1 . GLU A 1 128 ? 6.656   5.477   3.140   1.00 28.85 ? 1962 GLU A OE1 1 
ATOM   906  O OE2 . GLU A 1 128 ? 5.959   5.162   1.096   1.00 24.68 ? 1962 GLU A OE2 1 
ATOM   907  N N   . LYS A 1 129 ? 3.973   9.087   6.101   1.00 27.36 ? 1963 LYS A N   1 
ATOM   908  C CA  . LYS A 1 129 ? 4.020   9.646   7.455   1.00 27.80 ? 1963 LYS A CA  1 
ATOM   909  C C   . LYS A 1 129 ? 3.442   8.675   8.489   1.00 31.37 ? 1963 LYS A C   1 
ATOM   910  O O   . LYS A 1 129 ? 4.026   8.487   9.560   1.00 32.56 ? 1963 LYS A O   1 
ATOM   911  C CB  . LYS A 1 129 ? 3.283   10.988  7.534   1.00 33.14 ? 1963 LYS A CB  1 
ATOM   912  C CG  . LYS A 1 129 ? 3.298   11.578  8.955   1.00 31.39 ? 1963 LYS A CG  1 
ATOM   913  C CD  . LYS A 1 129 ? 2.814   13.022  8.992   1.00 41.83 ? 1963 LYS A CD  1 
ATOM   914  C CE  . LYS A 1 129 ? 2.381   13.406  10.404  1.00 44.90 ? 1963 LYS A CE  1 
ATOM   915  N NZ  . LYS A 1 129 ? 3.440   13.110  11.418  1.00 43.92 ? 1963 LYS A NZ  1 
ATOM   916  N N   . LYS A 1 130 ? 2.298   8.065   8.187   1.00 26.91 ? 1964 LYS A N   1 
ATOM   917  C CA  . LYS A 1 130 ? 1.734   7.050   9.084   1.00 27.45 ? 1964 LYS A CA  1 
ATOM   918  C C   . LYS A 1 130 ? 2.735   5.920   9.272   1.00 29.70 ? 1964 LYS A C   1 
ATOM   919  O O   . LYS A 1 130 ? 2.879   5.384   10.370  1.00 33.07 ? 1964 LYS A O   1 
ATOM   920  C CB  . LYS A 1 130 ? 0.413   6.476   8.550   1.00 27.54 ? 1964 LYS A CB  1 
ATOM   921  C CG  . LYS A 1 130 ? -0.680  7.482   8.275   1.00 34.82 ? 1964 LYS A CG  1 
ATOM   922  C CD  . LYS A 1 130 ? -1.398  7.870   9.541   1.00 46.92 ? 1964 LYS A CD  1 
ATOM   923  C CE  . LYS A 1 130 ? -2.647  8.675   9.238   1.00 39.78 ? 1964 LYS A CE  1 
ATOM   924  N NZ  . LYS A 1 130 ? -3.447  8.858   10.472  1.00 50.76 ? 1964 LYS A NZ  1 
ATOM   925  N N   . TRP A 1 131 ? 3.433   5.560   8.198   1.00 25.44 ? 1965 TRP A N   1 
ATOM   926  C CA  . TRP A 1 131 ? 4.376   4.451   8.248   1.00 23.40 ? 1965 TRP A CA  1 
ATOM   927  C C   . TRP A 1 131 ? 5.548   4.781   9.179   1.00 29.11 ? 1965 TRP A C   1 
ATOM   928  O O   . TRP A 1 131 ? 5.899   3.993   10.058  1.00 30.86 ? 1965 TRP A O   1 
ATOM   929  C CB  . TRP A 1 131 ? 4.886   4.118   6.849   1.00 24.31 ? 1965 TRP A CB  1 
ATOM   930  C CG  . TRP A 1 131 ? 5.662   2.830   6.795   1.00 27.56 ? 1965 TRP A CG  1 
ATOM   931  C CD1 . TRP A 1 131 ? 7.017   2.692   6.669   1.00 27.27 ? 1965 TRP A CD1 1 
ATOM   932  C CD2 . TRP A 1 131 ? 5.129   1.494   6.876   1.00 26.10 ? 1965 TRP A CD2 1 
ATOM   933  N NE1 . TRP A 1 131 ? 7.358   1.354   6.658   1.00 29.60 ? 1965 TRP A NE1 1 
ATOM   934  C CE2 . TRP A 1 131 ? 6.218   0.602   6.784   1.00 26.24 ? 1965 TRP A CE2 1 
ATOM   935  C CE3 . TRP A 1 131 ? 3.839   0.969   7.006   1.00 24.45 ? 1965 TRP A CE3 1 
ATOM   936  C CZ2 . TRP A 1 131 ? 6.054   -0.787  6.819   1.00 28.23 ? 1965 TRP A CZ2 1 
ATOM   937  C CZ3 . TRP A 1 131 ? 3.678   -0.416  7.046   1.00 22.74 ? 1965 TRP A CZ3 1 
ATOM   938  C CH2 . TRP A 1 131 ? 4.777   -1.273  6.954   1.00 22.73 ? 1965 TRP A CH2 1 
ATOM   939  N N   . THR A 1 132 ? 6.138   5.951   8.960   1.00 28.04 ? 1966 THR A N   1 
ATOM   940  C CA  . THR A 1 132 ? 7.223   6.467   9.785   1.00 36.37 ? 1966 THR A CA  1 
ATOM   941  C C   . THR A 1 132 ? 6.786   6.635   11.234  1.00 34.23 ? 1966 THR A C   1 
ATOM   942  O O   . THR A 1 132 ? 7.453   6.151   12.148  1.00 40.54 ? 1966 THR A O   1 
ATOM   943  C CB  . THR A 1 132 ? 7.728   7.818   9.248   1.00 33.74 ? 1966 THR A CB  1 
ATOM   944  O OG1 . THR A 1 132 ? 8.321   7.623   7.961   1.00 36.14 ? 1966 THR A OG1 1 
ATOM   945  C CG2 . THR A 1 132 ? 8.764   8.412   10.188  1.00 40.56 ? 1966 THR A CG2 1 
ATOM   946  N N   . ASP A 1 133 ? 5.663   7.317   11.444  1.00 34.21 ? 1967 ASP A N   1 
ATOM   947  C CA  . ASP A 1 133 ? 5.165   7.544   12.796  1.00 33.92 ? 1967 ASP A CA  1 
ATOM   948  C C   . ASP A 1 133 ? 4.884   6.240   13.536  1.00 39.39 ? 1967 ASP A C   1 
ATOM   949  O O   . ASP A 1 133 ? 5.053   6.164   14.756  1.00 36.95 ? 1967 ASP A O   1 
ATOM   950  C CB  . ASP A 1 133 ? 3.897   8.398   12.779  1.00 32.55 ? 1967 ASP A CB  1 
ATOM   951  C CG  . ASP A 1 133 ? 4.176   9.849   12.434  1.00 40.54 ? 1967 ASP A CG  1 
ATOM   952  O OD1 . ASP A 1 133 ? 5.364   10.228  12.354  1.00 38.21 ? 1967 ASP A OD1 1 
ATOM   953  O OD2 . ASP A 1 133 ? 3.200   10.612  12.256  1.00 36.39 ? 1967 ASP A OD2 1 
ATOM   954  N N   . THR A 1 134 ? 4.458   5.213   12.809  1.00 33.74 ? 1968 THR A N   1 
ATOM   955  C CA  . THR A 1 134 ? 4.008   3.978   13.450  1.00 32.61 ? 1968 THR A CA  1 
ATOM   956  C C   . THR A 1 134 ? 5.139   2.980   13.711  1.00 33.38 ? 1968 THR A C   1 
ATOM   957  O O   . THR A 1 134 ? 5.098   2.241   14.689  1.00 36.83 ? 1968 THR A O   1 
ATOM   958  C CB  . THR A 1 134 ? 2.920   3.267   12.601  1.00 30.60 ? 1968 THR A CB  1 
ATOM   959  O OG1 . THR A 1 134 ? 1.746   4.087   12.529  1.00 31.78 ? 1968 THR A OG1 1 
ATOM   960  C CG2 . THR A 1 134 ? 2.556   1.924   13.210  1.00 31.19 ? 1968 THR A CG2 1 
ATOM   961  N N   . PHE A 1 135 ? 6.139   2.950   12.838  1.00 35.61 ? 1969 PHE A N   1 
ATOM   962  C CA  . PHE A 1 135 ? 7.137   1.887   12.889  1.00 38.38 ? 1969 PHE A CA  1 
ATOM   963  C C   . PHE A 1 135 ? 8.583   2.370   13.021  1.00 44.63 ? 1969 PHE A C   1 
ATOM   964  O O   . PHE A 1 135 ? 9.462   1.596   13.398  1.00 52.71 ? 1969 PHE A O   1 
ATOM   965  C CB  . PHE A 1 135 ? 7.012   1.004   11.644  1.00 37.59 ? 1969 PHE A CB  1 
ATOM   966  C CG  . PHE A 1 135 ? 5.750   0.184   11.607  1.00 37.37 ? 1969 PHE A CG  1 
ATOM   967  C CD1 . PHE A 1 135 ? 5.513   -0.788  12.563  1.00 33.09 ? 1969 PHE A CD1 1 
ATOM   968  C CD2 . PHE A 1 135 ? 4.803   0.377   10.611  1.00 27.22 ? 1969 PHE A CD2 1 
ATOM   969  C CE1 . PHE A 1 135 ? 4.358   -1.548  12.530  1.00 30.58 ? 1969 PHE A CE1 1 
ATOM   970  C CE2 . PHE A 1 135 ? 3.645   -0.386  10.574  1.00 28.08 ? 1969 PHE A CE2 1 
ATOM   971  C CZ  . PHE A 1 135 ? 3.427   -1.349  11.528  1.00 26.69 ? 1969 PHE A CZ  1 
ATOM   972  N N   . LYS A 1 136 ? 8.837   3.640   12.710  1.00 54.33 ? 1970 LYS A N   1 
ATOM   973  C CA  . LYS A 1 136 ? 10.197  4.179   12.801  1.00 63.14 ? 1970 LYS A CA  1 
ATOM   974  C C   . LYS A 1 136 ? 10.323  5.224   13.915  1.00 57.07 ? 1970 LYS A C   1 
ATOM   975  O O   . LYS A 1 136 ? 10.029  4.944   15.080  1.00 60.75 ? 1970 LYS A O   1 
ATOM   976  C CB  . LYS A 1 136 ? 10.623  4.781   11.456  1.00 49.86 ? 1970 LYS A CB  1 
HETATM 977  C C1  . EDO B 2 .   ? -2.561  4.201   12.807  0.80 38.82 ? 2001 EDO A C1  1 
HETATM 978  O O1  . EDO B 2 .   ? -1.856  5.247   12.119  0.80 40.93 ? 2001 EDO A O1  1 
HETATM 979  C C2  . EDO B 2 .   ? -1.552  3.199   13.357  0.80 38.30 ? 2001 EDO A C2  1 
HETATM 980  O O2  . EDO B 2 .   ? -0.427  3.906   13.899  0.80 43.96 ? 2001 EDO A O2  1 
HETATM 981  H H11 . EDO B 2 .   ? -3.245  3.701   12.120  0.80 46.58 ? 2001 EDO A H11 1 
HETATM 982  H H12 . EDO B 2 .   ? -3.147  4.626   13.626  0.80 46.58 ? 2001 EDO A H12 1 
HETATM 983  H HO1 . EDO B 2 .   ? -2.491  5.887   11.768  0.80 49.11 ? 2001 EDO A HO1 1 
HETATM 984  H H21 . EDO B 2 .   ? -2.019  2.594   14.138  0.80 45.96 ? 2001 EDO A H21 1 
HETATM 985  H H22 . EDO B 2 .   ? -1.220  2.532   12.559  0.80 45.96 ? 2001 EDO A H22 1 
HETATM 986  H HO2 . EDO B 2 .   ? 0.214   3.272   14.247  0.80 52.75 ? 2001 EDO A HO2 1 
HETATM 987  C C1  . EDO C 2 .   ? -8.846  13.253  4.210   1.00 33.37 ? 2002 EDO A C1  1 
HETATM 988  O O1  . EDO C 2 .   ? -10.099 12.597  4.425   1.00 37.63 ? 2002 EDO A O1  1 
HETATM 989  C C2  . EDO C 2 .   ? -7.919  13.173  5.431   1.00 41.01 ? 2002 EDO A C2  1 
HETATM 990  O O2  . EDO C 2 .   ? -8.461  12.371  6.491   1.00 43.54 ? 2002 EDO A O2  1 
HETATM 991  H H11 . EDO C 2 .   ? -8.348  12.797  3.352   1.00 40.04 ? 2002 EDO A H11 1 
HETATM 992  H H12 . EDO C 2 .   ? -9.029  14.301  3.966   1.00 40.04 ? 2002 EDO A H12 1 
HETATM 993  H HO1 . EDO C 2 .   ? -10.644 12.674  3.632   1.00 45.16 ? 2002 EDO A HO1 1 
HETATM 994  H H21 . EDO C 2 .   ? -6.957  12.757  5.122   1.00 49.22 ? 2002 EDO A H21 1 
HETATM 995  H H22 . EDO C 2 .   ? -7.734  14.183  5.805   1.00 49.22 ? 2002 EDO A H22 1 
HETATM 996  H HO2 . EDO C 2 .   ? -7.840  12.354  7.233   1.00 52.25 ? 2002 EDO A HO2 1 
HETATM 997  N N1  D 8HJ D 3 .   ? -6.374  6.327   -14.025 0.94 29.66 ? 2003 8HJ A N1  1 
HETATM 998  C C4  D 8HJ D 3 .   ? -9.495  5.266   -15.686 0.94 33.16 ? 2003 8HJ A C4  1 
HETATM 999  C C5  D 8HJ D 3 .   ? -9.890  6.460   -16.272 0.94 31.93 ? 2003 8HJ A C5  1 
HETATM 1000 C C6  D 8HJ D 3 .   ? -9.115  7.604   -16.113 0.94 33.07 ? 2003 8HJ A C6  1 
HETATM 1001 C C7  D 8HJ D 3 .   ? -7.950  7.564   -15.371 0.94 28.53 ? 2003 8HJ A C7  1 
HETATM 1002 C C8  D 8HJ D 3 .   ? -7.556  6.375   -14.791 0.94 29.90 ? 2003 8HJ A C8  1 
HETATM 1003 C C1  D 8HJ D 3 .   ? -7.222  4.293   -12.965 0.94 29.39 ? 2003 8HJ A C1  1 
HETATM 1004 C C2  D 8HJ D 3 .   ? -7.804  3.947   -14.302 0.94 32.39 ? 2003 8HJ A C2  1 
HETATM 1005 C C3  D 8HJ D 3 .   ? -8.319  5.211   -14.940 0.94 30.92 ? 2003 8HJ A C3  1 
HETATM 1006 C C9  D 8HJ D 3 .   ? -6.133  5.294   -13.195 0.94 28.11 ? 2003 8HJ A C9  1 
HETATM 1007 O O1  D 8HJ D 3 .   ? -5.037  5.226   -12.633 0.94 28.39 ? 2003 8HJ A O1  1 
HETATM 1008 O O2  D 8HJ D 3 .   ? -9.492  8.786   -16.676 0.94 39.52 ? 2003 8HJ A O2  1 
HETATM 1009 H H8  D 8HJ D 3 .   ? -5.800  6.989   -14.070 0.94 35.59 ? 2003 8HJ A H8  1 
HETATM 1010 H H5  D 8HJ D 3 .   ? -10.010 4.493   -15.807 0.94 39.80 ? 2003 8HJ A H5  1 
HETATM 1011 H H6  D 8HJ D 3 .   ? -10.682 6.495   -16.781 0.94 38.32 ? 2003 8HJ A H6  1 
HETATM 1012 H H7  D 8HJ D 3 .   ? -7.435  8.337   -15.259 0.94 34.24 ? 2003 8HJ A H7  1 
HETATM 1013 H H2  D 8HJ D 3 .   ? -6.874  3.515   -12.503 0.94 35.27 ? 2003 8HJ A H2  1 
HETATM 1014 H H1  D 8HJ D 3 .   ? -7.928  4.699   -12.437 0.94 35.27 ? 2003 8HJ A H1  1 
HETATM 1015 H H4  D 8HJ D 3 .   ? -8.518  3.291   -14.232 0.94 38.87 ? 2003 8HJ A H4  1 
HETATM 1016 H H3  D 8HJ D 3 .   ? -7.082  3.586   -14.844 0.94 38.87 ? 2003 8HJ A H3  1 
HETATM 1017 H H9  D 8HJ D 3 .   ? -10.207 8.831   -17.134 0.94 47.42 ? 2003 8HJ A H9  1 
HETATM 1018 O O   . HOH E 4 .   ? 1.052   9.712   12.014  1.00 35.89 ? 2101 HOH A O   1 
HETATM 1019 O O   . HOH E 4 .   ? 22.870  -7.622  10.168  1.00 37.32 ? 2102 HOH A O   1 
HETATM 1020 O O   . HOH E 4 .   ? -10.564 -1.903  1.163   1.00 29.22 ? 2103 HOH A O   1 
HETATM 1021 O O   . HOH E 4 .   ? 0.018   17.277  -18.278 1.00 55.47 ? 2104 HOH A O   1 
HETATM 1022 O O   . HOH E 4 .   ? -2.573  17.469  -20.103 1.00 59.18 ? 2105 HOH A O   1 
HETATM 1023 O O   . HOH E 4 .   ? 6.750   5.876   -1.258  1.00 30.42 ? 2106 HOH A O   1 
HETATM 1024 O O   . HOH E 4 .   ? -13.220 -3.190  -10.473 1.00 40.82 ? 2107 HOH A O   1 
HETATM 1025 O O   . HOH E 4 .   ? 18.351  -7.771  10.092  1.00 58.41 ? 2108 HOH A O   1 
HETATM 1026 O O   . HOH E 4 .   ? 28.126  -18.404 12.614  1.00 36.55 ? 2109 HOH A O   1 
HETATM 1027 O O   . HOH E 4 .   ? -6.896  -4.029  -12.262 1.00 22.26 ? 2110 HOH A O   1 
HETATM 1028 O O   . HOH E 4 .   ? 8.906   -2.364  2.398   1.00 43.19 ? 2111 HOH A O   1 
HETATM 1029 O O   . HOH E 4 .   ? 6.163   -4.702  -8.138  1.00 46.99 ? 2112 HOH A O   1 
HETATM 1030 O O   . HOH E 4 .   ? -12.397 7.158   1.032   1.00 31.36 ? 2113 HOH A O   1 
HETATM 1031 O O   . HOH E 4 .   ? 4.368   6.316   -17.745 1.00 34.11 ? 2114 HOH A O   1 
HETATM 1032 O O   . HOH E 4 .   ? -3.181  3.536   -11.374 1.00 22.33 ? 2115 HOH A O   1 
HETATM 1033 O O   . HOH E 4 .   ? 6.264   -1.558  -4.399  1.00 26.66 ? 2116 HOH A O   1 
HETATM 1034 O O   . HOH E 4 .   ? 8.131   2.524   -4.507  1.00 32.21 ? 2117 HOH A O   1 
HETATM 1035 O O   . HOH E 4 .   ? 4.636   -8.258  -5.543  1.00 53.93 ? 2118 HOH A O   1 
HETATM 1036 O O   . HOH E 4 .   ? -6.902  -2.523  -19.996 1.00 32.15 ? 2119 HOH A O   1 
HETATM 1037 O O   . HOH E 4 .   ? 6.163   -0.404  -6.959  1.00 32.07 ? 2120 HOH A O   1 
HETATM 1038 O O   . HOH E 4 .   ? -7.419  -8.053  -7.196  1.00 36.89 ? 2121 HOH A O   1 
HETATM 1039 O O   . HOH E 4 .   ? -5.465  10.595  10.090  1.00 48.55 ? 2122 HOH A O   1 
HETATM 1040 O O   . HOH E 4 .   ? 7.975   6.109   5.381   1.00 33.96 ? 2123 HOH A O   1 
HETATM 1041 O O   . HOH E 4 .   ? -3.556  -7.520  -8.555  1.00 36.91 ? 2124 HOH A O   1 
HETATM 1042 O O   . HOH E 4 .   ? -3.454  -0.666  -10.047 1.00 21.00 ? 2125 HOH A O   1 
HETATM 1043 O O   . HOH E 4 .   ? -4.912  1.262   -8.012  1.00 21.82 ? 2126 HOH A O   1 
HETATM 1044 O O   . HOH E 4 .   ? -5.667  -4.143  -8.274  1.00 21.87 ? 2127 HOH A O   1 
HETATM 1045 O O   . HOH E 4 .   ? 4.307   -7.198  -1.534  1.00 29.81 ? 2128 HOH A O   1 
HETATM 1046 O O   . HOH E 4 .   ? -11.458 -8.447  2.327   1.00 30.75 ? 2129 HOH A O   1 
HETATM 1047 O O   . HOH E 4 .   ? -10.940 13.717  -3.890  1.00 34.25 ? 2130 HOH A O   1 
HETATM 1048 O O   . HOH E 4 .   ? -4.752  14.740  -20.703 1.00 49.40 ? 2131 HOH A O   1 
HETATM 1049 O O   . HOH E 4 .   ? 4.338   -5.769  -3.932  1.00 35.02 ? 2132 HOH A O   1 
HETATM 1050 O O   . HOH E 4 .   ? -8.277  8.899   6.900   1.00 32.08 ? 2133 HOH A O   1 
HETATM 1051 O O   . HOH E 4 .   ? 3.905   14.474  13.713  1.00 62.91 ? 2134 HOH A O   1 
HETATM 1052 O O   . HOH E 4 .   ? -1.298  19.500  -9.508  1.00 51.86 ? 2135 HOH A O   1 
HETATM 1053 O O   . HOH E 4 .   ? -11.311 -6.561  0.317   1.00 26.46 ? 2136 HOH A O   1 
HETATM 1054 O O   . HOH E 4 .   ? 9.732   -0.214  8.206   1.00 50.42 ? 2137 HOH A O   1 
HETATM 1055 O O   . HOH E 4 .   ? -7.511  -6.965  7.512   1.00 33.21 ? 2138 HOH A O   1 
HETATM 1056 O O   . HOH E 4 .   ? 9.753   0.300   4.377   1.00 41.11 ? 2139 HOH A O   1 
HETATM 1057 O O   . HOH E 4 .   ? -7.633  1.286   -8.326  1.00 20.87 ? 2140 HOH A O   1 
HETATM 1058 O O   . HOH E 4 .   ? 2.140   -14.795 4.123   1.00 35.32 ? 2141 HOH A O   1 
HETATM 1059 O O   . HOH E 4 .   ? 4.785   12.120  4.389   1.00 45.27 ? 2142 HOH A O   1 
HETATM 1060 O O   . HOH E 4 .   ? 3.830   12.256  -2.220  1.00 39.77 ? 2143 HOH A O   1 
HETATM 1061 O O   . HOH E 4 .   ? 8.236   -3.025  17.764  1.00 47.89 ? 2144 HOH A O   1 
HETATM 1062 O O   . HOH E 4 .   ? -8.083  -14.209 0.266   1.00 32.25 ? 2145 HOH A O   1 
HETATM 1063 O O   . HOH E 4 .   ? 11.034  -8.765  14.059  1.00 47.24 ? 2146 HOH A O   1 
HETATM 1064 O O   . HOH E 4 .   ? 1.335   -8.109  -16.323 1.00 45.30 ? 2147 HOH A O   1 
HETATM 1065 O O   . HOH E 4 .   ? 0.929   8.339   -7.150  1.00 23.59 ? 2148 HOH A O   1 
HETATM 1066 O O   . HOH E 4 .   ? -0.423  -7.385  -9.209  1.00 34.16 ? 2149 HOH A O   1 
HETATM 1067 O O   . HOH E 4 .   ? 1.312   11.095  -11.499 1.00 31.80 ? 2150 HOH A O   1 
HETATM 1068 O O   . HOH E 4 .   ? -3.342  11.834  -16.743 1.00 39.20 ? 2151 HOH A O   1 
HETATM 1069 O O   . HOH E 4 .   ? -3.179  3.175   -8.744  1.00 21.90 ? 2152 HOH A O   1 
HETATM 1070 O O   . HOH E 4 .   ? -11.248 -0.441  -0.712  1.00 33.01 ? 2153 HOH A O   1 
HETATM 1071 O O   . HOH E 4 .   ? 2.916   9.541   -5.828  1.00 32.87 ? 2154 HOH A O   1 
HETATM 1072 O O   . HOH E 4 .   ? 4.402   0.708   -10.942 1.00 33.69 ? 2155 HOH A O   1 
HETATM 1073 O O   . HOH E 4 .   ? 3.856   -6.191  -27.258 1.00 41.00 ? 2156 HOH A O   1 
HETATM 1074 O O   . HOH E 4 .   ? -0.891  -10.147 -5.164  1.00 36.40 ? 2157 HOH A O   1 
HETATM 1075 O O   . HOH E 4 .   ? -11.367 -8.365  4.871   1.00 40.52 ? 2158 HOH A O   1 
HETATM 1076 O O   . HOH E 4 .   ? 1.762   -8.127  -4.909  1.00 32.88 ? 2159 HOH A O   1 
HETATM 1077 O O   . HOH E 4 .   ? 6.683   12.223  -8.901  1.00 58.79 ? 2160 HOH A O   1 
HETATM 1078 O O   . HOH E 4 .   ? 4.747   -4.959  16.582  1.00 33.40 ? 2161 HOH A O   1 
HETATM 1079 O O   . HOH E 4 .   ? 6.171   -8.054  10.334  1.00 31.20 ? 2162 HOH A O   1 
HETATM 1080 O O   . HOH E 4 .   ? 3.063   -2.390  -12.060 1.00 25.28 ? 2163 HOH A O   1 
HETATM 1081 O O   . HOH E 4 .   ? -1.910  -6.048  -16.097 1.00 37.11 ? 2164 HOH A O   1 
HETATM 1082 O O   . HOH E 4 .   ? 21.281  -11.130 20.505  1.00 39.10 ? 2165 HOH A O   1 
HETATM 1083 O O   . HOH E 4 .   ? 0.401   10.235  -9.075  1.00 27.31 ? 2166 HOH A O   1 
HETATM 1084 O O   . HOH E 4 .   ? -0.217  10.939  7.467   1.00 29.33 ? 2167 HOH A O   1 
HETATM 1085 O O   . HOH E 4 .   ? 10.254  -7.037  12.179  1.00 45.04 ? 2168 HOH A O   1 
HETATM 1086 O O   . HOH E 4 .   ? -15.916 -1.492  -13.364 1.00 49.65 ? 2169 HOH A O   1 
HETATM 1087 O O   . HOH E 4 .   ? -12.399 0.995   5.914   1.00 46.85 ? 2170 HOH A O   1 
HETATM 1088 O O   . HOH E 4 .   ? -6.332  -2.703  14.079  1.00 42.75 ? 2171 HOH A O   1 
HETATM 1089 O O   . HOH E 4 .   ? -7.885  15.098  -14.031 1.00 43.60 ? 2172 HOH A O   1 
HETATM 1090 O O   . HOH E 4 .   ? 6.176   -14.618 8.351   1.00 42.93 ? 2173 HOH A O   1 
HETATM 1091 O O   . HOH E 4 .   ? -9.237  -12.434 9.093   1.00 41.59 ? 2174 HOH A O   1 
HETATM 1092 O O   . HOH E 4 .   ? 9.563   0.244   -0.774  1.00 32.29 ? 2175 HOH A O   1 
HETATM 1093 O O   . HOH E 4 .   ? 8.344   5.648   -6.733  1.00 38.62 ? 2176 HOH A O   1 
HETATM 1094 O O   . HOH E 4 .   ? 7.212   -0.992  15.841  1.00 43.96 ? 2177 HOH A O   1 
HETATM 1095 O O   . HOH E 4 .   ? -8.489  -1.110  11.455  1.00 40.50 ? 2178 HOH A O   1 
HETATM 1096 O O   . HOH E 4 .   ? -7.780  12.478  -13.021 1.00 34.00 ? 2179 HOH A O   1 
HETATM 1097 O O   . HOH E 4 .   ? -4.496  22.060  -12.280 1.00 56.61 ? 2180 HOH A O   1 
HETATM 1098 O O   . HOH E 4 .   ? 0.716   -6.760  -19.066 1.00 39.88 ? 2181 HOH A O   1 
HETATM 1099 O O   . HOH E 4 .   ? 5.619   -10.531 11.442  1.00 37.14 ? 2182 HOH A O   1 
HETATM 1100 O O   . HOH E 4 .   ? -6.685  -13.209 -2.197  1.00 35.82 ? 2183 HOH A O   1 
HETATM 1101 O O   . HOH E 4 .   ? -11.776 2.543   -6.945  1.00 24.32 ? 2184 HOH A O   1 
HETATM 1102 O O   . HOH E 4 .   ? 6.894   10.247  -5.808  1.00 48.94 ? 2185 HOH A O   1 
HETATM 1103 O O   . HOH E 4 .   ? 3.328   13.823  -15.146 1.00 36.47 ? 2186 HOH A O   1 
HETATM 1104 O O   . HOH E 4 .   ? -5.762  -10.890 9.362   1.00 41.38 ? 2187 HOH A O   1 
HETATM 1105 O O   . HOH E 4 .   ? -10.382 -6.967  -4.636  1.00 43.72 ? 2188 HOH A O   1 
HETATM 1106 O O   . HOH E 4 .   ? 1.485   16.670  -15.355 1.00 43.01 ? 2189 HOH A O   1 
HETATM 1107 O O   . HOH E 4 .   ? -10.215 19.575  -9.506  1.00 48.62 ? 2190 HOH A O   1 
HETATM 1108 O O   . HOH E 4 .   ? -10.450 -6.205  -14.417 1.00 37.03 ? 2191 HOH A O   1 
HETATM 1109 O O   . HOH E 4 .   ? -6.271  19.320  -13.388 1.00 48.57 ? 2192 HOH A O   1 
HETATM 1110 O O   . HOH E 4 .   ? -2.763  -12.818 -4.023  1.00 47.57 ? 2193 HOH A O   1 
HETATM 1111 O O   . HOH E 4 .   ? 5.218   12.021  -4.389  1.00 47.68 ? 2194 HOH A O   1 
HETATM 1112 O O   . HOH E 4 .   ? -11.620 -1.015  7.838   1.00 54.63 ? 2195 HOH A O   1 
HETATM 1113 O O   . HOH E 4 .   ? -0.085  -14.059 -2.244  1.00 50.24 ? 2196 HOH A O   1 
HETATM 1114 O O   . HOH E 4 .   ? -11.978 0.981   -13.423 1.00 28.79 ? 2197 HOH A O   1 
HETATM 1115 O O   . HOH E 4 .   ? 2.807   -9.561  -1.874  1.00 35.16 ? 2198 HOH A O   1 
HETATM 1116 O O   . HOH E 4 .   ? -4.320  -2.744  -22.121 1.00 35.80 ? 2199 HOH A O   1 
HETATM 1117 O O   . HOH E 4 .   ? 9.568   -12.422 7.029   1.00 39.63 ? 2200 HOH A O   1 
HETATM 1118 O O   . HOH E 4 .   ? -5.941  -2.211  -10.102 1.00 20.80 ? 2201 HOH A O   1 
HETATM 1119 O O   . HOH E 4 .   ? 2.374   -14.888 0.663   1.00 52.77 ? 2202 HOH A O   1 
HETATM 1120 O O   . HOH E 4 .   ? 4.123   -1.698  -14.582 1.00 33.49 ? 2203 HOH A O   1 
HETATM 1121 O O   . HOH E 4 .   ? -6.224  11.134  -14.660 1.00 39.82 ? 2204 HOH A O   1 
HETATM 1122 O O   . HOH E 4 .   ? -1.222  -7.745  15.424  1.00 33.45 ? 2205 HOH A O   1 
HETATM 1123 O O   . HOH E 4 .   ? -5.654  -1.260  -24.698 1.00 44.87 ? 2206 HOH A O   1 
HETATM 1124 O O   . HOH E 4 .   ? -3.803  -15.908 -3.528  1.00 60.10 ? 2207 HOH A O   1 
HETATM 1125 O O   . HOH E 4 .   ? -9.904  3.718   -10.644 1.00 37.21 ? 2208 HOH A O   1 
HETATM 1126 O O   . HOH E 4 .   ? -11.360 1.460   -9.431  1.00 33.66 ? 2209 HOH A O   1 
HETATM 1127 O O   . HOH E 4 .   ? 3.233   -10.893 -0.109  1.00 43.93 ? 2210 HOH A O   1 
HETATM 1128 O O   . HOH E 4 .   ? -1.234  -10.966 6.080   1.00 27.00 ? 2211 HOH A O   1 
HETATM 1129 O O   . HOH E 4 .   ? -7.507  3.212   12.054  1.00 46.30 ? 2212 HOH A O   1 
HETATM 1130 O O   . HOH E 4 .   ? 0.900   16.466  -8.293  1.00 54.11 ? 2213 HOH A O   1 
HETATM 1131 O O   . HOH E 4 .   ? -4.817  -12.432 -19.152 1.00 54.49 ? 2214 HOH A O   1 
HETATM 1132 O O   . HOH E 4 .   ? 0.710   16.362  -4.095  1.00 44.16 ? 2215 HOH A O   1 
HETATM 1133 O O   . HOH E 4 .   ? 6.273   5.103   -10.999 1.00 42.21 ? 2216 HOH A O   1 
HETATM 1134 O O   . HOH E 4 .   ? -12.254 9.110   -18.195 1.00 47.74 ? 2217 HOH A O   1 
HETATM 1135 O O   . HOH E 4 .   ? 6.261   16.529  -0.152  1.00 52.73 ? 2218 HOH A O   1 
HETATM 1136 O O   . HOH E 4 .   ? -6.521  8.896   11.319  1.00 50.61 ? 2219 HOH A O   1 
HETATM 1137 O O   . HOH E 4 .   ? -14.675 5.264   -5.586  1.00 49.53 ? 2220 HOH A O   1 
HETATM 1138 O O   . HOH E 4 .   ? -13.653 2.693   1.831   1.00 40.17 ? 2221 HOH A O   1 
HETATM 1139 O O   . HOH E 4 .   ? 10.495  2.324   4.773   1.00 45.09 ? 2222 HOH A O   1 
HETATM 1140 O O   . HOH E 4 .   ? -12.834 0.589   -10.925 1.00 40.92 ? 2223 HOH A O   1 
HETATM 1141 O O   . HOH E 4 .   ? -10.324 -1.798  -23.534 1.00 50.19 ? 2224 HOH A O   1 
HETATM 1142 O O   . HOH E 4 .   ? -13.317 7.702   -1.362  1.00 32.03 ? 2225 HOH A O   1 
HETATM 1143 O O   . HOH E 4 .   ? -12.109 4.353   -19.388 1.00 44.09 ? 2226 HOH A O   1 
HETATM 1144 O O   . HOH E 4 .   ? -0.607  10.891  10.062  1.00 43.70 ? 2227 HOH A O   1 
HETATM 1145 O O   . HOH E 4 .   ? 8.442   4.444   -2.736  1.00 40.75 ? 2228 HOH A O   1 
HETATM 1146 O O   . HOH E 4 .   ? -12.877 -2.143  4.784   1.00 51.61 ? 2229 HOH A O   1 
HETATM 1147 O O   . HOH E 4 .   ? 8.952   2.546   -9.147  1.00 47.65 ? 2230 HOH A O   1 
HETATM 1148 O O   . HOH E 4 .   ? 5.904   13.017  14.558  1.00 66.17 ? 2231 HOH A O   1 
HETATM 1149 O O   . HOH E 4 .   ? -14.567 8.113   2.382   1.00 44.29 ? 2232 HOH A O   1 
HETATM 1150 O O   . HOH E 4 .   ? 6.225   14.951  12.894  1.00 60.00 ? 2233 HOH A O   1 
HETATM 1151 O O   . HOH E 4 .   ? 7.230   10.776  5.966   1.00 53.92 ? 2234 HOH A O   1 
HETATM 1152 O O   . HOH E 4 .   ? 9.279   8.335   4.471   1.00 47.59 ? 2235 HOH A O   1 
HETATM 1153 O O   . HOH E 4 .   ? -8.288  8.414   9.718   1.00 47.87 ? 2236 HOH A O   1 
HETATM 1154 O O   . HOH E 4 .   ? 10.011  5.047   1.330   1.00 51.84 ? 2237 HOH A O   1 
HETATM 1155 O O   . HOH E 4 .   ? 9.185   6.233   -4.313  1.00 45.99 ? 2238 HOH A O   1 
HETATM 1156 O O   . HOH E 4 .   ? 6.263   -4.360  -5.480  1.00 36.94 ? 2239 HOH A O   1 
HETATM 1157 O O   . HOH E 4 .   ? 10.203  4.993   5.877   1.00 43.44 ? 2240 HOH A O   1 
HETATM 1158 O O   . HOH E 4 .   ? 10.197  -7.343  8.083   1.00 45.83 ? 2241 HOH A O   1 
HETATM 1159 O O   . HOH E 4 .   ? 3.162   16.914  10.622  1.00 39.55 ? 2242 HOH A O   1 
HETATM 1160 O O   . HOH E 4 .   ? -11.787 9.157   -13.534 1.00 54.64 ? 2243 HOH A O   1 
HETATM 1161 O O   . HOH E 4 .   ? 10.692  1.966   8.634   1.00 58.57 ? 2244 HOH A O   1 
HETATM 1162 O O   . HOH E 4 .   ? -13.947 -0.607  -1.053  1.00 47.83 ? 2245 HOH A O   1 
HETATM 1163 O O   . HOH E 4 .   ? -12.248 -6.322  -23.963 1.00 66.90 ? 2246 HOH A O   1 
HETATM 1164 O O   . HOH E 4 .   ? 10.410  3.316   -0.929  1.00 46.16 ? 2247 HOH A O   1 
HETATM 1165 O O   . HOH E 4 .   ? -12.851 -5.006  -12.211 1.00 46.54 ? 2248 HOH A O   1 
HETATM 1166 O O   . HOH E 4 .   ? -6.388  11.642  -19.143 1.00 52.10 ? 2249 HOH A O   1 
HETATM 1167 O O   . HOH E 4 .   ? -5.901  -6.811  -8.984  1.00 27.78 ? 2250 HOH A O   1 
HETATM 1168 O O   . HOH E 4 .   ? -14.591 2.674   -5.995  1.00 37.99 ? 2251 HOH A O   1 
HETATM 1169 O O   . HOH E 4 .   ? -13.903 5.452   -9.471  1.00 49.82 ? 2252 HOH A O   1 
HETATM 1170 O O   . HOH E 4 .   ? -6.907  -10.825 -3.212  1.00 42.15 ? 2253 HOH A O   1 
HETATM 1171 O O   . HOH E 4 .   ? -6.895  -7.884  9.786   1.00 49.41 ? 2254 HOH A O   1 
HETATM 1172 O O   . HOH E 4 .   ? -6.243  -14.726 -3.894  1.00 51.62 ? 2255 HOH A O   1 
HETATM 1173 O O   . HOH E 4 .   ? 9.095   8.697   2.050   1.00 54.48 ? 2256 HOH A O   1 
HETATM 1174 O O   . HOH E 4 .   ? 8.852   -8.510  10.361  1.00 36.07 ? 2257 HOH A O   1 
HETATM 1175 O O   . HOH E 4 .   ? 22.567  -8.203  7.416   1.00 48.55 ? 2258 HOH A O   1 
HETATM 1176 O O   . HOH E 4 .   ? -13.734 -0.681  2.600   1.00 55.01 ? 2259 HOH A O   1 
HETATM 1177 O O   . HOH E 4 .   ? -0.035  17.018  -6.256  1.00 48.82 ? 2260 HOH A O   1 
HETATM 1178 O O   . HOH E 4 .   ? 8.353   -0.075  -3.401  1.00 29.79 ? 2261 HOH A O   1 
HETATM 1179 O O   . HOH E 4 .   ? 5.214   -3.351  -10.850 1.00 28.97 ? 2262 HOH A O   1 
HETATM 1180 O O   . HOH E 4 .   ? -4.999  -8.704  14.962  1.00 57.28 ? 2263 HOH A O   1 
HETATM 1181 O O   . HOH E 4 .   ? 7.643   3.310   -10.817 1.00 53.09 ? 2264 HOH A O   1 
HETATM 1182 O O   . HOH E 4 .   ? 7.971   8.424   -1.076  1.00 45.34 ? 2265 HOH A O   1 
HETATM 1183 O O   . HOH E 4 .   ? 22.540  -3.644  11.622  1.00 46.52 ? 2266 HOH A O   1 
HETATM 1184 O O   . HOH E 4 .   ? -12.458 -4.089  1.299   1.00 30.45 ? 2267 HOH A O   1 
HETATM 1185 O O   . HOH E 4 .   ? 8.950   -4.518  -8.698  1.00 62.48 ? 2268 HOH A O   1 
HETATM 1186 O O   . HOH E 4 .   ? -8.780  -7.566  -12.456 1.00 38.88 ? 2269 HOH A O   1 
HETATM 1187 O O   . HOH E 4 .   ? -2.744  -8.086  -15.097 1.00 33.33 ? 2270 HOH A O   1 
HETATM 1188 O O   . HOH E 4 .   ? -15.264 -1.049  -10.582 1.00 50.63 ? 2271 HOH A O   1 
HETATM 1189 O O   . HOH E 4 .   ? -9.529  -8.681  -8.236  1.00 49.33 ? 2272 HOH A O   1 
HETATM 1190 O O   . HOH E 4 .   ? -12.267 5.127   -22.413 0.50 36.99 ? 2273 HOH A O   1 
HETATM 1191 O O   . HOH E 4 .   ? 6.350   -0.934  -9.822  1.00 33.25 ? 2274 HOH A O   1 
HETATM 1192 O O   . HOH E 4 .   ? 1.133   -8.371  -7.390  1.00 44.54 ? 2275 HOH A O   1 
HETATM 1193 O O   . HOH E 4 .   ? -15.561 6.516   4.687   1.00 52.87 ? 2276 HOH A O   1 
HETATM 1194 O O   . HOH E 4 .   ? -8.908  1.701   13.158  1.00 46.65 ? 2277 HOH A O   1 
HETATM 1195 O O   . HOH E 4 .   ? -10.752 11.570  -12.856 1.00 43.91 ? 2278 HOH A O   1 
HETATM 1196 O O   . HOH E 4 .   ? -10.552 -7.128  -22.797 1.00 64.51 ? 2279 HOH A O   1 
HETATM 1197 O O   . HOH E 4 .   ? 5.343   -12.161 -0.201  1.00 50.83 ? 2280 HOH A O   1 
HETATM 1198 O O   . HOH E 4 .   ? -11.506 5.670   -10.898 1.00 45.72 ? 2281 HOH A O   1 
HETATM 1199 O O   . HOH E 4 .   ? -2.530  -9.202  -11.026 1.00 47.70 ? 2282 HOH A O   1 
HETATM 1200 O O   . HOH E 4 .   ? -13.868 1.315   -15.410 1.00 45.70 ? 2283 HOH A O   1 
HETATM 1201 O O   . HOH E 4 .   ? -6.438  -6.590  -11.758 1.00 28.36 ? 2284 HOH A O   1 
HETATM 1202 O O   . HOH E 4 .   ? -14.891 -8.143  -0.248  1.00 67.25 ? 2285 HOH A O   1 
HETATM 1203 O O   . HOH E 4 .   ? -3.019  -9.512  -6.793  1.00 40.71 ? 2286 HOH A O   1 
HETATM 1204 O O   . HOH E 4 .   ? -14.363 -3.295  -1.146  1.00 44.90 ? 2287 HOH A O   1 
HETATM 1205 O O   . HOH E 4 .   ? 6.367   -8.572  -2.264  1.00 51.73 ? 2288 HOH A O   1 
HETATM 1206 O O   . HOH E 4 .   ? -10.774 3.191   -13.167 1.00 45.23 ? 2289 HOH A O   1 
HETATM 1207 O O   . HOH E 4 .   ? -4.817  -10.975 -4.709  1.00 42.98 ? 2290 HOH A O   1 
HETATM 1208 O O   . HOH E 4 .   ? 9.705   17.733  5.201   1.00 62.72 ? 2291 HOH A O   1 
HETATM 1209 O O   . HOH E 4 .   ? -11.911 6.873   -12.721 1.00 47.71 ? 2292 HOH A O   1 
HETATM 1210 O O   . HOH E 4 .   ? -15.574 0.364   -2.339  1.00 51.52 ? 2293 HOH A O   1 
HETATM 1211 O O   . HOH E 4 .   ? -13.771 -4.583  3.626   1.00 58.85 ? 2294 HOH A O   1 
HETATM 1212 O O   . HOH E 4 .   ? -4.607  -8.232  -12.842 1.00 29.43 ? 2295 HOH A O   1 
HETATM 1213 O O   . HOH E 4 .   ? -13.807 2.380   8.582   1.00 65.35 ? 2296 HOH A O   1 
HETATM 1214 O O   . HOH E 4 .   ? -15.726 1.842   -3.861  1.00 41.24 ? 2297 HOH A O   1 
HETATM 1215 O O   . HOH E 4 .   ? -13.050 3.488   10.423  1.00 58.47 ? 2298 HOH A O   1 
HETATM 1216 O O   . HOH E 4 .   ? -10.754 -7.859  -10.670 1.00 51.45 ? 2299 HOH A O   1 
HETATM 1217 O O   . HOH E 4 .   ? -16.303 2.193   -7.984  1.00 44.08 ? 2300 HOH A O   1 
HETATM 1218 O O   . HOH E 4 .   ? -17.537 -2.079  -2.660  1.00 56.62 ? 2301 HOH A O   1 
HETATM 1219 O O   . HOH E 4 .   ? -18.398 0.160   -4.796  1.00 46.66 ? 2302 HOH A O   1 
HETATM 1220 O O   . HOH E 4 .   ? -17.840 -3.578  -4.706  1.00 54.89 ? 2303 HOH A O   1 
# 
